data_2NRQ
# 
_entry.id   2NRQ 
# 
_audit_conform.dict_name       mmcif_pdbx.dic 
_audit_conform.dict_version    5.398 
_audit_conform.dict_location   http://mmcif.pdb.org/dictionaries/ascii/mmcif_pdbx.dic 
# 
loop_
_database_2.database_id 
_database_2.database_code 
_database_2.pdbx_database_accession 
_database_2.pdbx_DOI 
PDB   2NRQ         pdb_00002nrq 10.2210/pdb2nrq/pdb 
RCSB  RCSB040221   ?            ?                   
WWPDB D_1000040221 ?            ?                   
# 
loop_
_pdbx_audit_revision_history.ordinal 
_pdbx_audit_revision_history.data_content_type 
_pdbx_audit_revision_history.major_revision 
_pdbx_audit_revision_history.minor_revision 
_pdbx_audit_revision_history.revision_date 
1 'Structure model' 1 0 2006-11-28 
2 'Structure model' 1 1 2008-05-01 
3 'Structure model' 1 2 2011-07-13 
4 'Structure model' 1 3 2021-02-03 
5 'Structure model' 1 4 2023-12-27 
6 'Structure model' 1 5 2024-11-13 
# 
_pdbx_audit_revision_details.ordinal             1 
_pdbx_audit_revision_details.revision_ordinal    1 
_pdbx_audit_revision_details.data_content_type   'Structure model' 
_pdbx_audit_revision_details.provider            repository 
_pdbx_audit_revision_details.type                'Initial release' 
_pdbx_audit_revision_details.description         ? 
_pdbx_audit_revision_details.details             ? 
# 
loop_
_pdbx_audit_revision_group.ordinal 
_pdbx_audit_revision_group.revision_ordinal 
_pdbx_audit_revision_group.data_content_type 
_pdbx_audit_revision_group.group 
1 2 'Structure model' 'Version format compliance' 
2 3 'Structure model' 'Version format compliance' 
3 4 'Structure model' 'Database references'       
4 4 'Structure model' 'Derived calculations'      
5 4 'Structure model' 'Structure summary'         
6 5 'Structure model' 'Data collection'           
7 5 'Structure model' 'Database references'       
8 6 'Structure model' 'Structure summary'         
# 
loop_
_pdbx_audit_revision_category.ordinal 
_pdbx_audit_revision_category.revision_ordinal 
_pdbx_audit_revision_category.data_content_type 
_pdbx_audit_revision_category.category 
1 4 'Structure model' audit_author              
2 4 'Structure model' citation_author           
3 4 'Structure model' struct_conn               
4 4 'Structure model' struct_ref_seq_dif        
5 5 'Structure model' chem_comp_atom            
6 5 'Structure model' chem_comp_bond            
7 5 'Structure model' database_2                
8 6 'Structure model' pdbx_entry_details        
9 6 'Structure model' pdbx_modification_feature 
# 
loop_
_pdbx_audit_revision_item.ordinal 
_pdbx_audit_revision_item.revision_ordinal 
_pdbx_audit_revision_item.data_content_type 
_pdbx_audit_revision_item.item 
1 4 'Structure model' '_audit_author.identifier_ORCID'      
2 4 'Structure model' '_citation_author.identifier_ORCID'   
3 4 'Structure model' '_struct_conn.pdbx_leaving_atom_flag' 
4 4 'Structure model' '_struct_ref_seq_dif.details'         
5 5 'Structure model' '_database_2.pdbx_DOI'                
6 5 'Structure model' '_database_2.pdbx_database_accession' 
# 
_pdbx_database_status.status_code                     REL 
_pdbx_database_status.entry_id                        2NRQ 
_pdbx_database_status.recvd_initial_deposition_date   2006-11-02 
_pdbx_database_status.deposit_site                    RCSB 
_pdbx_database_status.process_site                    RCSB 
_pdbx_database_status.status_code_sf                  REL 
_pdbx_database_status.status_code_mr                  ? 
_pdbx_database_status.SG_entry                        Y 
_pdbx_database_status.pdb_format_compatible           Y 
_pdbx_database_status.status_code_cs                  ? 
_pdbx_database_status.status_code_nmr_data            ? 
_pdbx_database_status.methods_development_category    ? 
# 
_pdbx_database_related.db_name        TargetDB 
_pdbx_database_related.db_id          NYSGXRC-10077c 
_pdbx_database_related.details        . 
_pdbx_database_related.content_type   unspecified 
# 
loop_
_audit_author.name 
_audit_author.pdbx_ordinal 
_audit_author.identifier_ORCID 
'Rao, K.N.'                                                      1 ?                   
'Burley, S.K.'                                                   2 0000-0002-2487-9713 
'Swaminathan, S.'                                                3 ?                   
'New York SGX Research Center for Structural Genomics (NYSGXRC)' 4 ?                   
# 
_citation.id                        primary 
_citation.title                     
;UPF201 archaeal specific family members reveal structural similarity to RNA-binding proteins but low likelihood for RNA-binding function.
;
_citation.journal_abbrev            'Plos One' 
_citation.journal_volume            3 
_citation.page_first                e3903 
_citation.page_last                 e3903 
_citation.year                      2008 
_citation.journal_id_ASTM           ? 
_citation.country                   US 
_citation.journal_id_ISSN           1932-6203 
_citation.journal_id_CSD            ? 
_citation.book_publisher            ? 
_citation.pdbx_database_id_PubMed   19079550 
_citation.pdbx_database_id_DOI      10.1371/journal.pone.0003903 
# 
loop_
_citation_author.citation_id 
_citation_author.name 
_citation_author.ordinal 
_citation_author.identifier_ORCID 
primary 'Rao, K.N.'       1 ?                   
primary 'Burley, S.K.'    2 0000-0002-2487-9713 
primary 'Swaminathan, S.' 3 ?                   
# 
loop_
_entity.id 
_entity.type 
_entity.src_method 
_entity.pdbx_description 
_entity.formula_weight 
_entity.pdbx_number_of_molecules 
_entity.pdbx_ec 
_entity.pdbx_mutation 
_entity.pdbx_fragment 
_entity.details 
1 polymer man 'Hypothetical protein ORF-c20_032' 18749.164 1  ? ? ? ? 
2 water   nat water                              18.015    17 ? ? ? ? 
# 
_entity_poly.entity_id                      1 
_entity_poly.type                           'polypeptide(L)' 
_entity_poly.nstd_linkage                   no 
_entity_poly.nstd_monomer                   yes 
_entity_poly.pdbx_seq_one_letter_code       
;(MSE)SLKINQAIISVFIHETEDYNKIVNTIESFFSPLISNSKKNVTTAQGHYGNKIIILEYRFDRKSGEQFFKIILEKI
ETSEL(MSE)LILTTIDSHIDGSKLYLRFDKQYLIAEHRLVLKEGDDVIKCIISFNTSLENIKEEIKKLVNSRI(MSE)H
SKLEGHHHHHH
;
_entity_poly.pdbx_seq_one_letter_code_can   
;MSLKINQAIISVFIHETEDYNKIVNTIESFFSPLISNSKKNVTTAQGHYGNKIIILEYRFDRKSGEQFFKIILEKIETSE
LMLILTTIDSHIDGSKLYLRFDKQYLIAEHRLVLKEGDDVIKCIISFNTSLENIKEEIKKLVNSRIMHSKLEGHHHHHH
;
_entity_poly.pdbx_strand_id                 A 
_entity_poly.pdbx_target_identifier         NYSGXRC-10077c 
# 
_pdbx_entity_nonpoly.entity_id   2 
_pdbx_entity_nonpoly.name        water 
_pdbx_entity_nonpoly.comp_id     HOH 
# 
loop_
_entity_poly_seq.entity_id 
_entity_poly_seq.num 
_entity_poly_seq.mon_id 
_entity_poly_seq.hetero 
1 1   MSE n 
1 2   SER n 
1 3   LEU n 
1 4   LYS n 
1 5   ILE n 
1 6   ASN n 
1 7   GLN n 
1 8   ALA n 
1 9   ILE n 
1 10  ILE n 
1 11  SER n 
1 12  VAL n 
1 13  PHE n 
1 14  ILE n 
1 15  HIS n 
1 16  GLU n 
1 17  THR n 
1 18  GLU n 
1 19  ASP n 
1 20  TYR n 
1 21  ASN n 
1 22  LYS n 
1 23  ILE n 
1 24  VAL n 
1 25  ASN n 
1 26  THR n 
1 27  ILE n 
1 28  GLU n 
1 29  SER n 
1 30  PHE n 
1 31  PHE n 
1 32  SER n 
1 33  PRO n 
1 34  LEU n 
1 35  ILE n 
1 36  SER n 
1 37  ASN n 
1 38  SER n 
1 39  LYS n 
1 40  LYS n 
1 41  ASN n 
1 42  VAL n 
1 43  THR n 
1 44  THR n 
1 45  ALA n 
1 46  GLN n 
1 47  GLY n 
1 48  HIS n 
1 49  TYR n 
1 50  GLY n 
1 51  ASN n 
1 52  LYS n 
1 53  ILE n 
1 54  ILE n 
1 55  ILE n 
1 56  LEU n 
1 57  GLU n 
1 58  TYR n 
1 59  ARG n 
1 60  PHE n 
1 61  ASP n 
1 62  ARG n 
1 63  LYS n 
1 64  SER n 
1 65  GLY n 
1 66  GLU n 
1 67  GLN n 
1 68  PHE n 
1 69  PHE n 
1 70  LYS n 
1 71  ILE n 
1 72  ILE n 
1 73  LEU n 
1 74  GLU n 
1 75  LYS n 
1 76  ILE n 
1 77  GLU n 
1 78  THR n 
1 79  SER n 
1 80  GLU n 
1 81  LEU n 
1 82  MSE n 
1 83  LEU n 
1 84  ILE n 
1 85  LEU n 
1 86  THR n 
1 87  THR n 
1 88  ILE n 
1 89  ASP n 
1 90  SER n 
1 91  HIS n 
1 92  ILE n 
1 93  ASP n 
1 94  GLY n 
1 95  SER n 
1 96  LYS n 
1 97  LEU n 
1 98  TYR n 
1 99  LEU n 
1 100 ARG n 
1 101 PHE n 
1 102 ASP n 
1 103 LYS n 
1 104 GLN n 
1 105 TYR n 
1 106 LEU n 
1 107 ILE n 
1 108 ALA n 
1 109 GLU n 
1 110 HIS n 
1 111 ARG n 
1 112 LEU n 
1 113 VAL n 
1 114 LEU n 
1 115 LYS n 
1 116 GLU n 
1 117 GLY n 
1 118 ASP n 
1 119 ASP n 
1 120 VAL n 
1 121 ILE n 
1 122 LYS n 
1 123 CYS n 
1 124 ILE n 
1 125 ILE n 
1 126 SER n 
1 127 PHE n 
1 128 ASN n 
1 129 THR n 
1 130 SER n 
1 131 LEU n 
1 132 GLU n 
1 133 ASN n 
1 134 ILE n 
1 135 LYS n 
1 136 GLU n 
1 137 GLU n 
1 138 ILE n 
1 139 LYS n 
1 140 LYS n 
1 141 LEU n 
1 142 VAL n 
1 143 ASN n 
1 144 SER n 
1 145 ARG n 
1 146 ILE n 
1 147 MSE n 
1 148 HIS n 
1 149 SER n 
1 150 LYS n 
1 151 LEU n 
1 152 GLU n 
1 153 GLY n 
1 154 HIS n 
1 155 HIS n 
1 156 HIS n 
1 157 HIS n 
1 158 HIS n 
1 159 HIS n 
# 
_entity_src_gen.entity_id                          1 
_entity_src_gen.pdbx_src_id                        1 
_entity_src_gen.pdbx_alt_source_flag               sample 
_entity_src_gen.pdbx_seq_type                      ? 
_entity_src_gen.pdbx_beg_seq_num                   ? 
_entity_src_gen.pdbx_end_seq_num                   ? 
_entity_src_gen.gene_src_common_name               ? 
_entity_src_gen.gene_src_genus                     Sulfolobus 
_entity_src_gen.pdbx_gene_src_gene                 ORF-c20_032 
_entity_src_gen.gene_src_species                   ? 
_entity_src_gen.gene_src_strain                    ? 
_entity_src_gen.gene_src_tissue                    ? 
_entity_src_gen.gene_src_tissue_fraction           ? 
_entity_src_gen.gene_src_details                   ? 
_entity_src_gen.pdbx_gene_src_fragment             ? 
_entity_src_gen.pdbx_gene_src_scientific_name      'Sulfolobus solfataricus' 
_entity_src_gen.pdbx_gene_src_ncbi_taxonomy_id     2287 
_entity_src_gen.pdbx_gene_src_variant              ? 
_entity_src_gen.pdbx_gene_src_cell_line            ? 
_entity_src_gen.pdbx_gene_src_atcc                 ? 
_entity_src_gen.pdbx_gene_src_organ                ? 
_entity_src_gen.pdbx_gene_src_organelle            ? 
_entity_src_gen.pdbx_gene_src_cell                 ? 
_entity_src_gen.pdbx_gene_src_cellular_location    ? 
_entity_src_gen.host_org_common_name               ? 
_entity_src_gen.pdbx_host_org_scientific_name      'Escherichia coli' 
_entity_src_gen.pdbx_host_org_ncbi_taxonomy_id     562 
_entity_src_gen.host_org_genus                     Escherichia 
_entity_src_gen.pdbx_host_org_gene                 ? 
_entity_src_gen.pdbx_host_org_organ                ? 
_entity_src_gen.host_org_species                   ? 
_entity_src_gen.pdbx_host_org_tissue               ? 
_entity_src_gen.pdbx_host_org_tissue_fraction      ? 
_entity_src_gen.pdbx_host_org_strain               ? 
_entity_src_gen.pdbx_host_org_variant              ? 
_entity_src_gen.pdbx_host_org_cell_line            ? 
_entity_src_gen.pdbx_host_org_atcc                 ? 
_entity_src_gen.pdbx_host_org_culture_collection   ? 
_entity_src_gen.pdbx_host_org_cell                 ? 
_entity_src_gen.pdbx_host_org_organelle            ? 
_entity_src_gen.pdbx_host_org_cellular_location    ? 
_entity_src_gen.pdbx_host_org_vector_type          ? 
_entity_src_gen.pdbx_host_org_vector               ? 
_entity_src_gen.host_org_details                   ? 
_entity_src_gen.expression_system_id               ? 
_entity_src_gen.plasmid_name                       ? 
_entity_src_gen.plasmid_details                    ? 
_entity_src_gen.pdbx_description                   ? 
# 
loop_
_chem_comp.id 
_chem_comp.type 
_chem_comp.mon_nstd_flag 
_chem_comp.name 
_chem_comp.pdbx_synonyms 
_chem_comp.formula 
_chem_comp.formula_weight 
ALA 'L-peptide linking' y ALANINE          ? 'C3 H7 N O2'     89.093  
ARG 'L-peptide linking' y ARGININE         ? 'C6 H15 N4 O2 1' 175.209 
ASN 'L-peptide linking' y ASPARAGINE       ? 'C4 H8 N2 O3'    132.118 
ASP 'L-peptide linking' y 'ASPARTIC ACID'  ? 'C4 H7 N O4'     133.103 
CYS 'L-peptide linking' y CYSTEINE         ? 'C3 H7 N O2 S'   121.158 
GLN 'L-peptide linking' y GLUTAMINE        ? 'C5 H10 N2 O3'   146.144 
GLU 'L-peptide linking' y 'GLUTAMIC ACID'  ? 'C5 H9 N O4'     147.129 
GLY 'peptide linking'   y GLYCINE          ? 'C2 H5 N O2'     75.067  
HIS 'L-peptide linking' y HISTIDINE        ? 'C6 H10 N3 O2 1' 156.162 
HOH non-polymer         . WATER            ? 'H2 O'           18.015  
ILE 'L-peptide linking' y ISOLEUCINE       ? 'C6 H13 N O2'    131.173 
LEU 'L-peptide linking' y LEUCINE          ? 'C6 H13 N O2'    131.173 
LYS 'L-peptide linking' y LYSINE           ? 'C6 H15 N2 O2 1' 147.195 
MET 'L-peptide linking' y METHIONINE       ? 'C5 H11 N O2 S'  149.211 
MSE 'L-peptide linking' n SELENOMETHIONINE ? 'C5 H11 N O2 Se' 196.106 
PHE 'L-peptide linking' y PHENYLALANINE    ? 'C9 H11 N O2'    165.189 
PRO 'L-peptide linking' y PROLINE          ? 'C5 H9 N O2'     115.130 
SER 'L-peptide linking' y SERINE           ? 'C3 H7 N O3'     105.093 
THR 'L-peptide linking' y THREONINE        ? 'C4 H9 N O3'     119.119 
TYR 'L-peptide linking' y TYROSINE         ? 'C9 H11 N O3'    181.189 
VAL 'L-peptide linking' y VALINE           ? 'C5 H11 N O2'    117.146 
# 
loop_
_pdbx_poly_seq_scheme.asym_id 
_pdbx_poly_seq_scheme.entity_id 
_pdbx_poly_seq_scheme.seq_id 
_pdbx_poly_seq_scheme.mon_id 
_pdbx_poly_seq_scheme.ndb_seq_num 
_pdbx_poly_seq_scheme.pdb_seq_num 
_pdbx_poly_seq_scheme.auth_seq_num 
_pdbx_poly_seq_scheme.pdb_mon_id 
_pdbx_poly_seq_scheme.auth_mon_id 
_pdbx_poly_seq_scheme.pdb_strand_id 
_pdbx_poly_seq_scheme.pdb_ins_code 
_pdbx_poly_seq_scheme.hetero 
A 1 1   MSE 1   -1  ?   ?   ?   A . n 
A 1 2   SER 2   0   ?   ?   ?   A . n 
A 1 3   LEU 3   1   ?   ?   ?   A . n 
A 1 4   LYS 4   2   ?   ?   ?   A . n 
A 1 5   ILE 5   3   ?   ?   ?   A . n 
A 1 6   ASN 6   4   4   ASN ASN A . n 
A 1 7   GLN 7   5   5   GLN GLN A . n 
A 1 8   ALA 8   6   6   ALA ALA A . n 
A 1 9   ILE 9   7   7   ILE ILE A . n 
A 1 10  ILE 10  8   8   ILE ILE A . n 
A 1 11  SER 11  9   9   SER SER A . n 
A 1 12  VAL 12  10  10  VAL VAL A . n 
A 1 13  PHE 13  11  11  PHE PHE A . n 
A 1 14  ILE 14  12  12  ILE ILE A . n 
A 1 15  HIS 15  13  13  HIS HIS A . n 
A 1 16  GLU 16  14  14  GLU GLU A . n 
A 1 17  THR 17  15  15  THR THR A . n 
A 1 18  GLU 18  16  16  GLU GLU A . n 
A 1 19  ASP 19  17  17  ASP ASP A . n 
A 1 20  TYR 20  18  18  TYR TYR A . n 
A 1 21  ASN 21  19  19  ASN ASN A . n 
A 1 22  LYS 22  20  20  LYS LYS A . n 
A 1 23  ILE 23  21  21  ILE ILE A . n 
A 1 24  VAL 24  22  22  VAL VAL A . n 
A 1 25  ASN 25  23  23  ASN ASN A . n 
A 1 26  THR 26  24  24  THR THR A . n 
A 1 27  ILE 27  25  25  ILE ILE A . n 
A 1 28  GLU 28  26  26  GLU GLU A . n 
A 1 29  SER 29  27  27  SER SER A . n 
A 1 30  PHE 30  28  28  PHE PHE A . n 
A 1 31  PHE 31  29  29  PHE PHE A . n 
A 1 32  SER 32  30  30  SER SER A . n 
A 1 33  PRO 33  31  31  PRO PRO A . n 
A 1 34  LEU 34  32  32  LEU LEU A . n 
A 1 35  ILE 35  33  33  ILE ILE A . n 
A 1 36  SER 36  34  34  SER SER A . n 
A 1 37  ASN 37  35  35  ASN ASN A . n 
A 1 38  SER 38  36  36  SER SER A . n 
A 1 39  LYS 39  37  37  LYS LYS A . n 
A 1 40  LYS 40  38  38  LYS LYS A . n 
A 1 41  ASN 41  39  39  ASN ASN A . n 
A 1 42  VAL 42  40  40  VAL VAL A . n 
A 1 43  THR 43  41  41  THR THR A . n 
A 1 44  THR 44  42  42  THR THR A . n 
A 1 45  ALA 45  43  43  ALA ALA A . n 
A 1 46  GLN 46  44  44  GLN GLN A . n 
A 1 47  GLY 47  45  45  GLY GLY A . n 
A 1 48  HIS 48  46  46  HIS HIS A . n 
A 1 49  TYR 49  47  47  TYR TYR A . n 
A 1 50  GLY 50  48  48  GLY GLY A . n 
A 1 51  ASN 51  49  49  ASN ASN A . n 
A 1 52  LYS 52  50  50  LYS LYS A . n 
A 1 53  ILE 53  51  51  ILE ILE A . n 
A 1 54  ILE 54  52  52  ILE ILE A . n 
A 1 55  ILE 55  53  53  ILE ILE A . n 
A 1 56  LEU 56  54  54  LEU LEU A . n 
A 1 57  GLU 57  55  55  GLU GLU A . n 
A 1 58  TYR 58  56  56  TYR TYR A . n 
A 1 59  ARG 59  57  57  ARG ARG A . n 
A 1 60  PHE 60  58  58  PHE PHE A . n 
A 1 61  ASP 61  59  59  ASP ASP A . n 
A 1 62  ARG 62  60  60  ARG ARG A . n 
A 1 63  LYS 63  61  61  LYS LYS A . n 
A 1 64  SER 64  62  62  SER SER A . n 
A 1 65  GLY 65  63  63  GLY GLY A . n 
A 1 66  GLU 66  64  64  GLU GLU A . n 
A 1 67  GLN 67  65  65  GLN GLN A . n 
A 1 68  PHE 68  66  66  PHE PHE A . n 
A 1 69  PHE 69  67  67  PHE PHE A . n 
A 1 70  LYS 70  68  68  LYS LYS A . n 
A 1 71  ILE 71  69  69  ILE ILE A . n 
A 1 72  ILE 72  70  70  ILE ILE A . n 
A 1 73  LEU 73  71  71  LEU LEU A . n 
A 1 74  GLU 74  72  72  GLU GLU A . n 
A 1 75  LYS 75  73  73  LYS LYS A . n 
A 1 76  ILE 76  74  74  ILE ILE A . n 
A 1 77  GLU 77  75  75  GLU GLU A . n 
A 1 78  THR 78  76  76  THR THR A . n 
A 1 79  SER 79  77  77  SER SER A . n 
A 1 80  GLU 80  78  78  GLU GLU A . n 
A 1 81  LEU 81  79  79  LEU LEU A . n 
A 1 82  MSE 82  80  80  MSE MSE A . n 
A 1 83  LEU 83  81  81  LEU LEU A . n 
A 1 84  ILE 84  82  82  ILE ILE A . n 
A 1 85  LEU 85  83  83  LEU LEU A . n 
A 1 86  THR 86  84  84  THR THR A . n 
A 1 87  THR 87  85  85  THR THR A . n 
A 1 88  ILE 88  86  ?   ?   ?   A . n 
A 1 89  ASP 89  87  ?   ?   ?   A . n 
A 1 90  SER 90  88  88  SER SER A . n 
A 1 91  HIS 91  89  89  HIS HIS A . n 
A 1 92  ILE 92  90  90  ILE ILE A . n 
A 1 93  ASP 93  91  91  ASP ASP A . n 
A 1 94  GLY 94  92  92  GLY GLY A . n 
A 1 95  SER 95  93  93  SER SER A . n 
A 1 96  LYS 96  94  94  LYS LYS A . n 
A 1 97  LEU 97  95  95  LEU LEU A . n 
A 1 98  TYR 98  96  96  TYR TYR A . n 
A 1 99  LEU 99  97  97  LEU LEU A . n 
A 1 100 ARG 100 98  98  ARG ARG A . n 
A 1 101 PHE 101 99  99  PHE PHE A . n 
A 1 102 ASP 102 100 100 ASP ASP A . n 
A 1 103 LYS 103 101 101 LYS LYS A . n 
A 1 104 GLN 104 102 102 GLN GLN A . n 
A 1 105 TYR 105 103 103 TYR TYR A . n 
A 1 106 LEU 106 104 104 LEU LEU A . n 
A 1 107 ILE 107 105 105 ILE ILE A . n 
A 1 108 ALA 108 106 106 ALA ALA A . n 
A 1 109 GLU 109 107 107 GLU GLU A . n 
A 1 110 HIS 110 108 108 HIS HIS A . n 
A 1 111 ARG 111 109 109 ARG ARG A . n 
A 1 112 LEU 112 110 110 LEU LEU A . n 
A 1 113 VAL 113 111 111 VAL VAL A . n 
A 1 114 LEU 114 112 112 LEU LEU A . n 
A 1 115 LYS 115 113 113 LYS LYS A . n 
A 1 116 GLU 116 114 114 GLU GLU A . n 
A 1 117 GLY 117 115 115 GLY GLY A . n 
A 1 118 ASP 118 116 116 ASP ASP A . n 
A 1 119 ASP 119 117 117 ASP ASP A . n 
A 1 120 VAL 120 118 118 VAL VAL A . n 
A 1 121 ILE 121 119 119 ILE ILE A . n 
A 1 122 LYS 122 120 120 LYS LYS A . n 
A 1 123 CYS 123 121 121 CYS CYS A . n 
A 1 124 ILE 124 122 122 ILE ILE A . n 
A 1 125 ILE 125 123 123 ILE ILE A . n 
A 1 126 SER 126 124 124 SER SER A . n 
A 1 127 PHE 127 125 125 PHE PHE A . n 
A 1 128 ASN 128 126 126 ASN ASN A . n 
A 1 129 THR 129 127 127 THR THR A . n 
A 1 130 SER 130 128 128 SER SER A . n 
A 1 131 LEU 131 129 ?   ?   ?   A . n 
A 1 132 GLU 132 130 ?   ?   ?   A . n 
A 1 133 ASN 133 131 131 ASN ASN A . n 
A 1 134 ILE 134 132 132 ILE ILE A . n 
A 1 135 LYS 135 133 133 LYS LYS A . n 
A 1 136 GLU 136 134 134 GLU GLU A . n 
A 1 137 GLU 137 135 135 GLU GLU A . n 
A 1 138 ILE 138 136 136 ILE ILE A . n 
A 1 139 LYS 139 137 137 LYS LYS A . n 
A 1 140 LYS 140 138 138 LYS LYS A . n 
A 1 141 LEU 141 139 139 LEU LEU A . n 
A 1 142 VAL 142 140 140 VAL VAL A . n 
A 1 143 ASN 143 141 141 ASN ASN A . n 
A 1 144 SER 144 142 142 SER SER A . n 
A 1 145 ARG 145 143 143 ARG ARG A . n 
A 1 146 ILE 146 144 144 ILE ILE A . n 
A 1 147 MSE 147 145 ?   ?   ?   A . n 
A 1 148 HIS 148 146 ?   ?   ?   A . n 
A 1 149 SER 149 147 ?   ?   ?   A . n 
A 1 150 LYS 150 148 ?   ?   ?   A . n 
A 1 151 LEU 151 149 ?   ?   ?   A . n 
A 1 152 GLU 152 150 ?   ?   ?   A . n 
A 1 153 GLY 153 151 ?   ?   ?   A . n 
A 1 154 HIS 154 152 ?   ?   ?   A . n 
A 1 155 HIS 155 153 ?   ?   ?   A . n 
A 1 156 HIS 156 154 ?   ?   ?   A . n 
A 1 157 HIS 157 155 ?   ?   ?   A . n 
A 1 158 HIS 158 156 ?   ?   ?   A . n 
A 1 159 HIS 159 157 ?   ?   ?   A . n 
# 
loop_
_pdbx_nonpoly_scheme.asym_id 
_pdbx_nonpoly_scheme.entity_id 
_pdbx_nonpoly_scheme.mon_id 
_pdbx_nonpoly_scheme.ndb_seq_num 
_pdbx_nonpoly_scheme.pdb_seq_num 
_pdbx_nonpoly_scheme.auth_seq_num 
_pdbx_nonpoly_scheme.pdb_mon_id 
_pdbx_nonpoly_scheme.auth_mon_id 
_pdbx_nonpoly_scheme.pdb_strand_id 
_pdbx_nonpoly_scheme.pdb_ins_code 
B 2 HOH 1  158 1  HOH TIP A . 
B 2 HOH 2  159 3  HOH TIP A . 
B 2 HOH 3  160 6  HOH TIP A . 
B 2 HOH 4  161 7  HOH TIP A . 
B 2 HOH 5  162 8  HOH TIP A . 
B 2 HOH 6  163 13 HOH TIP A . 
B 2 HOH 7  164 14 HOH TIP A . 
B 2 HOH 8  165 16 HOH TIP A . 
B 2 HOH 9  166 17 HOH TIP A . 
B 2 HOH 10 167 18 HOH TIP A . 
B 2 HOH 11 168 23 HOH TIP A . 
B 2 HOH 12 169 25 HOH TIP A . 
B 2 HOH 13 170 26 HOH TIP A . 
B 2 HOH 14 171 29 HOH TIP A . 
B 2 HOH 15 172 30 HOH TIP A . 
B 2 HOH 16 173 31 HOH TIP A . 
B 2 HOH 17 174 32 HOH TIP A . 
# 
loop_
_pdbx_unobs_or_zero_occ_atoms.id 
_pdbx_unobs_or_zero_occ_atoms.PDB_model_num 
_pdbx_unobs_or_zero_occ_atoms.polymer_flag 
_pdbx_unobs_or_zero_occ_atoms.occupancy_flag 
_pdbx_unobs_or_zero_occ_atoms.auth_asym_id 
_pdbx_unobs_or_zero_occ_atoms.auth_comp_id 
_pdbx_unobs_or_zero_occ_atoms.auth_seq_id 
_pdbx_unobs_or_zero_occ_atoms.PDB_ins_code 
_pdbx_unobs_or_zero_occ_atoms.auth_atom_id 
_pdbx_unobs_or_zero_occ_atoms.label_alt_id 
_pdbx_unobs_or_zero_occ_atoms.label_asym_id 
_pdbx_unobs_or_zero_occ_atoms.label_comp_id 
_pdbx_unobs_or_zero_occ_atoms.label_seq_id 
_pdbx_unobs_or_zero_occ_atoms.label_atom_id 
1  1 Y 1 A ARG 57  ? NE  ? A ARG 59  NE  
2  1 Y 1 A ARG 57  ? CZ  ? A ARG 59  CZ  
3  1 Y 1 A ARG 57  ? NH1 ? A ARG 59  NH1 
4  1 Y 1 A ARG 57  ? NH2 ? A ARG 59  NH2 
5  1 Y 1 A GLU 64  ? CG  ? A GLU 66  CG  
6  1 Y 1 A GLU 64  ? CD  ? A GLU 66  CD  
7  1 Y 1 A GLU 64  ? OE1 ? A GLU 66  OE1 
8  1 Y 1 A GLU 64  ? OE2 ? A GLU 66  OE2 
9  1 Y 1 A ILE 132 ? CG1 ? A ILE 134 CG1 
10 1 Y 1 A ILE 132 ? CG2 ? A ILE 134 CG2 
11 1 Y 1 A ILE 132 ? CD1 ? A ILE 134 CD1 
12 1 Y 1 A LYS 133 ? CG  ? A LYS 135 CG  
13 1 Y 1 A LYS 133 ? CD  ? A LYS 135 CD  
14 1 Y 1 A LYS 133 ? CE  ? A LYS 135 CE  
15 1 Y 1 A LYS 133 ? NZ  ? A LYS 135 NZ  
16 1 Y 1 A GLU 134 ? CG  ? A GLU 136 CG  
17 1 Y 1 A GLU 134 ? CD  ? A GLU 136 CD  
18 1 Y 1 A GLU 134 ? OE1 ? A GLU 136 OE1 
19 1 Y 1 A GLU 134 ? OE2 ? A GLU 136 OE2 
20 1 Y 1 A LYS 138 ? CG  ? A LYS 140 CG  
21 1 Y 1 A LYS 138 ? CD  ? A LYS 140 CD  
22 1 Y 1 A LYS 138 ? CE  ? A LYS 140 CE  
23 1 Y 1 A LYS 138 ? NZ  ? A LYS 140 NZ  
24 1 Y 1 A ILE 144 ? CG1 ? A ILE 146 CG1 
25 1 Y 1 A ILE 144 ? CG2 ? A ILE 146 CG2 
26 1 Y 1 A ILE 144 ? CD1 ? A ILE 146 CD1 
# 
loop_
_software.name 
_software.classification 
_software.version 
_software.citation_id 
_software.pdbx_ordinal 
CNS       refinement        1.1 ? 1 
CBASS     'data collection' .   ? 2 
HKL-2000  'data reduction'  .   ? 3 
SCALEPACK 'data scaling'    .   ? 4 
SOLVE     phasing           .   ? 5 
# 
_cell.entry_id           2NRQ 
_cell.length_a           127.540 
_cell.length_b           127.540 
_cell.length_c           61.640 
_cell.angle_alpha        90.00 
_cell.angle_beta         90.00 
_cell.angle_gamma        120.00 
_cell.Z_PDB              18 
_cell.pdbx_unique_axis   ? 
_cell.length_a_esd       ? 
_cell.length_b_esd       ? 
_cell.length_c_esd       ? 
_cell.angle_alpha_esd    ? 
_cell.angle_beta_esd     ? 
_cell.angle_gamma_esd    ? 
# 
_symmetry.entry_id                         2NRQ 
_symmetry.space_group_name_H-M             'H 3 2' 
_symmetry.pdbx_full_space_group_name_H-M   ? 
_symmetry.cell_setting                     ? 
_symmetry.Int_Tables_number                155 
_symmetry.space_group_name_Hall            ? 
# 
_exptl.entry_id          2NRQ 
_exptl.method            'X-RAY DIFFRACTION' 
_exptl.crystals_number   2 
# 
_exptl_crystal.id                    1 
_exptl_crystal.density_meas          ? 
_exptl_crystal.density_Matthews      2.57 
_exptl_crystal.density_percent_sol   52.19 
_exptl_crystal.description           ? 
_exptl_crystal.F_000                 ? 
_exptl_crystal.preparation           ? 
# 
_exptl_crystal_grow.crystal_id      1 
_exptl_crystal_grow.method          'VAPOR DIFFUSION, SITTING DROP' 
_exptl_crystal_grow.temp            290 
_exptl_crystal_grow.temp_details    ? 
_exptl_crystal_grow.pH              7.0 
_exptl_crystal_grow.pdbx_details    'Sodium Formate, pH 7.0, VAPOR DIFFUSION, SITTING DROP, temperature 290K' 
_exptl_crystal_grow.pdbx_pH_range   . 
# 
_diffrn.id                     1 
_diffrn.ambient_temp           100 
_diffrn.ambient_temp_details   ? 
_diffrn.crystal_id             1 
# 
_diffrn_detector.diffrn_id              1 
_diffrn_detector.detector               CCD 
_diffrn_detector.type                   'ADSC QUANTUM 210' 
_diffrn_detector.pdbx_collection_date   2006-10-15 
_diffrn_detector.details                mirrors 
# 
_diffrn_radiation.diffrn_id                        1 
_diffrn_radiation.wavelength_id                    1 
_diffrn_radiation.pdbx_monochromatic_or_laue_m_l   M 
_diffrn_radiation.monochromator                    'Si(111)' 
_diffrn_radiation.pdbx_diffrn_protocol             'SINGLE WAVELENGTH' 
_diffrn_radiation.pdbx_scattering_type             x-ray 
# 
_diffrn_radiation_wavelength.id           1 
_diffrn_radiation_wavelength.wavelength   1.1 
_diffrn_radiation_wavelength.wt           1.0 
# 
_diffrn_source.diffrn_id                   1 
_diffrn_source.source                      SYNCHROTRON 
_diffrn_source.type                        'NSLS BEAMLINE X12C' 
_diffrn_source.pdbx_synchrotron_site       NSLS 
_diffrn_source.pdbx_synchrotron_beamline   X12C 
_diffrn_source.pdbx_wavelength             1.1 
_diffrn_source.pdbx_wavelength_list        ? 
# 
_reflns.entry_id                     2NRQ 
_reflns.observed_criterion_sigma_I   0.0 
_reflns.observed_criterion_sigma_F   0.0 
_reflns.d_resolution_low             50.0 
_reflns.d_resolution_high            2.5 
_reflns.number_obs                   6695 
_reflns.number_all                   6695 
_reflns.percent_possible_obs         99.9 
_reflns.pdbx_Rmerge_I_obs            0.055 
_reflns.pdbx_Rsym_value              ? 
_reflns.pdbx_netI_over_sigmaI        14.1 
_reflns.B_iso_Wilson_estimate        58.7 
_reflns.pdbx_redundancy              9.2 
_reflns.R_free_details               ? 
_reflns.limit_h_max                  ? 
_reflns.limit_h_min                  ? 
_reflns.limit_k_max                  ? 
_reflns.limit_k_min                  ? 
_reflns.limit_l_max                  ? 
_reflns.limit_l_min                  ? 
_reflns.observed_criterion_F_max     ? 
_reflns.observed_criterion_F_min     ? 
_reflns.pdbx_chi_squared             ? 
_reflns.pdbx_scaling_rejects         ? 
_reflns.pdbx_diffrn_id               1 
_reflns.pdbx_ordinal                 1 
# 
_reflns_shell.d_res_high             2.50 
_reflns_shell.d_res_low              2.59 
_reflns_shell.percent_possible_all   100 
_reflns_shell.Rmerge_I_obs           0.354 
_reflns_shell.pdbx_Rsym_value        ? 
_reflns_shell.meanI_over_sigI_obs    3.5 
_reflns_shell.pdbx_redundancy        8.2 
_reflns_shell.percent_possible_obs   ? 
_reflns_shell.number_unique_all      ? 
_reflns_shell.number_measured_all    ? 
_reflns_shell.number_measured_obs    ? 
_reflns_shell.number_unique_obs      ? 
_reflns_shell.pdbx_chi_squared       ? 
_reflns_shell.pdbx_diffrn_id         ? 
_reflns_shell.pdbx_ordinal           1 
# 
_refine.entry_id                                 2NRQ 
_refine.ls_number_reflns_obs                     5642 
_refine.ls_number_reflns_all                     5906 
_refine.pdbx_ls_sigma_I                          ? 
_refine.pdbx_ls_sigma_F                          2.0 
_refine.pdbx_data_cutoff_high_absF               173184.86 
_refine.pdbx_data_cutoff_low_absF                0.000000 
_refine.pdbx_data_cutoff_high_rms_absF           ? 
_refine.ls_d_res_low                             27.43 
_refine.ls_d_res_high                            2.60 
_refine.ls_percent_reflns_obs                    93.7 
_refine.ls_R_factor_obs                          0.245 
_refine.ls_R_factor_all                          ? 
_refine.ls_R_factor_R_work                       0.245 
_refine.ls_R_factor_R_free                       0.303 
_refine.ls_R_factor_R_free_error                 0.020 
_refine.ls_R_factor_R_free_error_details         ? 
_refine.ls_percent_reflns_R_free                 4.1 
_refine.ls_number_reflns_R_free                  234 
_refine.ls_number_parameters                     ? 
_refine.ls_number_restraints                     ? 
_refine.occupancy_min                            ? 
_refine.occupancy_max                            ? 
_refine.correlation_coeff_Fo_to_Fc               ? 
_refine.correlation_coeff_Fo_to_Fc_free          ? 
_refine.B_iso_mean                               42.4 
_refine.aniso_B[1][1]                            4.07 
_refine.aniso_B[2][2]                            4.07 
_refine.aniso_B[3][3]                            -8.15 
_refine.aniso_B[1][2]                            11.44 
_refine.aniso_B[1][3]                            0.00 
_refine.aniso_B[2][3]                            0.00 
_refine.solvent_model_details                    'FLAT MODEL' 
_refine.solvent_model_param_ksol                 0.346215 
_refine.solvent_model_param_bsol                 42.5155 
_refine.pdbx_solvent_vdw_probe_radii             ? 
_refine.pdbx_solvent_ion_probe_radii             ? 
_refine.pdbx_solvent_shrinkage_radii             ? 
_refine.pdbx_ls_cross_valid_method               THROUGHOUT 
_refine.details                                  
;the missing residues listed in Remark 465 are due to lack of electron density; Residues with missing atoms as listed in Remark 470 were modeled as ALA because of lack of electron density for side chain atoms.
;
_refine.pdbx_starting_model                      ? 
_refine.pdbx_method_to_determine_struct          SAD 
_refine.pdbx_isotropic_thermal_model             RESTRAINED 
_refine.pdbx_stereochemistry_target_values       'Engh & Huber' 
_refine.pdbx_stereochem_target_val_spec_case     ? 
_refine.pdbx_R_Free_selection_details            RANDOM 
_refine.pdbx_overall_ESU_R                       ? 
_refine.pdbx_overall_ESU_R_Free                  ? 
_refine.overall_SU_ML                            ? 
_refine.overall_SU_B                             ? 
_refine.ls_redundancy_reflns_obs                 ? 
_refine.B_iso_min                                ? 
_refine.B_iso_max                                ? 
_refine.overall_SU_R_Cruickshank_DPI             ? 
_refine.overall_SU_R_free                        ? 
_refine.ls_wR_factor_R_free                      ? 
_refine.ls_wR_factor_R_work                      ? 
_refine.overall_FOM_free_R_set                   ? 
_refine.overall_FOM_work_R_set                   ? 
_refine.pdbx_refine_id                           'X-RAY DIFFRACTION' 
_refine.pdbx_diffrn_id                           1 
_refine.pdbx_TLS_residual_ADP_flag               ? 
_refine.pdbx_overall_phase_error                 ? 
_refine.pdbx_overall_SU_R_free_Cruickshank_DPI   ? 
_refine.pdbx_overall_SU_R_Blow_DPI               ? 
_refine.pdbx_overall_SU_R_free_Blow_DPI          ? 
# 
_refine_analyze.entry_id                        2NRQ 
_refine_analyze.Luzzati_coordinate_error_obs    0.34 
_refine_analyze.Luzzati_sigma_a_obs             0.35 
_refine_analyze.Luzzati_d_res_low_obs           5.00 
_refine_analyze.Luzzati_coordinate_error_free   0.47 
_refine_analyze.Luzzati_sigma_a_free            0.58 
_refine_analyze.Luzzati_d_res_low_free          ? 
_refine_analyze.number_disordered_residues      ? 
_refine_analyze.occupancy_sum_hydrogen          ? 
_refine_analyze.occupancy_sum_non_hydrogen      ? 
_refine_analyze.pdbx_Luzzati_d_res_high_obs     ? 
_refine_analyze.pdbx_refine_id                  'X-RAY DIFFRACTION' 
# 
_refine_hist.pdbx_refine_id                   'X-RAY DIFFRACTION' 
_refine_hist.cycle_id                         LAST 
_refine_hist.pdbx_number_atoms_protein        1100 
_refine_hist.pdbx_number_atoms_nucleic_acid   0 
_refine_hist.pdbx_number_atoms_ligand         0 
_refine_hist.number_atoms_solvent             17 
_refine_hist.number_atoms_total               1117 
_refine_hist.d_res_high                       2.60 
_refine_hist.d_res_low                        27.43 
# 
loop_
_refine_ls_restr.type 
_refine_ls_restr.dev_ideal 
_refine_ls_restr.dev_ideal_target 
_refine_ls_restr.weight 
_refine_ls_restr.number 
_refine_ls_restr.pdbx_refine_id 
_refine_ls_restr.pdbx_restraint_function 
c_bond_d                0.007 ?    ? ? 'X-RAY DIFFRACTION' ? 
c_bond_d_na             ?     ?    ? ? 'X-RAY DIFFRACTION' ? 
c_bond_d_prot           ?     ?    ? ? 'X-RAY DIFFRACTION' ? 
c_angle_d               ?     ?    ? ? 'X-RAY DIFFRACTION' ? 
c_angle_d_na            ?     ?    ? ? 'X-RAY DIFFRACTION' ? 
c_angle_d_prot          ?     ?    ? ? 'X-RAY DIFFRACTION' ? 
c_angle_deg             1.2   ?    ? ? 'X-RAY DIFFRACTION' ? 
c_angle_deg_na          ?     ?    ? ? 'X-RAY DIFFRACTION' ? 
c_angle_deg_prot        ?     ?    ? ? 'X-RAY DIFFRACTION' ? 
c_dihedral_angle_d      23.7  ?    ? ? 'X-RAY DIFFRACTION' ? 
c_dihedral_angle_d_na   ?     ?    ? ? 'X-RAY DIFFRACTION' ? 
c_dihedral_angle_d_prot ?     ?    ? ? 'X-RAY DIFFRACTION' ? 
c_improper_angle_d      0.70  ?    ? ? 'X-RAY DIFFRACTION' ? 
c_improper_angle_d_na   ?     ?    ? ? 'X-RAY DIFFRACTION' ? 
c_improper_angle_d_prot ?     ?    ? ? 'X-RAY DIFFRACTION' ? 
c_mcbond_it             1.46  1.50 ? ? 'X-RAY DIFFRACTION' ? 
c_mcangle_it            2.52  2.00 ? ? 'X-RAY DIFFRACTION' ? 
c_scbond_it             1.93  2.00 ? ? 'X-RAY DIFFRACTION' ? 
c_scangle_it            3.07  2.50 ? ? 'X-RAY DIFFRACTION' ? 
# 
_refine_ls_shell.pdbx_total_number_of_bins_used   6 
_refine_ls_shell.d_res_high                       2.60 
_refine_ls_shell.d_res_low                        2.76 
_refine_ls_shell.number_reflns_R_work             801 
_refine_ls_shell.R_factor_R_work                  0.287 
_refine_ls_shell.percent_reflns_obs               84.2 
_refine_ls_shell.R_factor_R_free                  0.326 
_refine_ls_shell.R_factor_R_free_error            0.054 
_refine_ls_shell.percent_reflns_R_free            4.3 
_refine_ls_shell.number_reflns_R_free             36 
_refine_ls_shell.number_reflns_all                ? 
_refine_ls_shell.R_factor_all                     ? 
_refine_ls_shell.redundancy_reflns_obs            ? 
_refine_ls_shell.number_reflns_obs                ? 
_refine_ls_shell.pdbx_refine_id                   'X-RAY DIFFRACTION' 
# 
loop_
_pdbx_xplor_file.serial_no 
_pdbx_xplor_file.param_file 
_pdbx_xplor_file.topol_file 
_pdbx_xplor_file.pdbx_refine_id 
1 protein_rep.param  protein.top      'X-RAY DIFFRACTION' 
2 carbohydrate.param carbohydrate.top 'X-RAY DIFFRACTION' 
3 water_rep.param    water.top        'X-RAY DIFFRACTION' 
4 ?                  ?                'X-RAY DIFFRACTION' 
5 ?                  ?                'X-RAY DIFFRACTION' 
# 
_struct.entry_id                  2NRQ 
_struct.title                     'Crystal structure of protein SSO0741 from Sulfolobus solfataricus, Pfam DUF54' 
_struct.pdbx_model_details        ? 
_struct.pdbx_CASP_flag            ? 
_struct.pdbx_model_type_details   ? 
# 
_struct_keywords.entry_id        2NRQ 
_struct_keywords.pdbx_keywords   'STRUCTURAL GENOMICS, UNKNOWN FUNCTION' 
_struct_keywords.text            
;conserved hypothetical protein, Sulfolobus solfataricus, 10077c, Structural Genomics, PSI, Protein Structure Initiative, New York SGX Research Center for Structural Genomics, NYSGXRC, UNKNOWN FUNCTION
;
# 
loop_
_struct_asym.id 
_struct_asym.pdbx_blank_PDB_chainid_flag 
_struct_asym.pdbx_modified 
_struct_asym.entity_id 
_struct_asym.details 
A N N 1 ? 
B N N 2 ? 
# 
_struct_ref.id                         1 
_struct_ref.db_name                    UNP 
_struct_ref.db_code                    Q9UXC9_SULSO 
_struct_ref.pdbx_db_accession          Q9UXC9 
_struct_ref.entity_id                  1 
_struct_ref.pdbx_align_begin           2 
_struct_ref.pdbx_db_isoform            ? 
_struct_ref.pdbx_seq_one_letter_code   ? 
# 
_struct_ref_seq.align_id                      1 
_struct_ref_seq.ref_id                        1 
_struct_ref_seq.pdbx_PDB_id_code              2NRQ 
_struct_ref_seq.pdbx_strand_id                A 
_struct_ref_seq.seq_align_beg                 4 
_struct_ref_seq.pdbx_seq_align_beg_ins_code   ? 
_struct_ref_seq.seq_align_end                 151 
_struct_ref_seq.pdbx_seq_align_end_ins_code   ? 
_struct_ref_seq.pdbx_db_accession             Q9UXC9 
_struct_ref_seq.db_align_beg                  2 
_struct_ref_seq.pdbx_db_align_beg_ins_code    ? 
_struct_ref_seq.db_align_end                  149 
_struct_ref_seq.pdbx_db_align_end_ins_code    ? 
_struct_ref_seq.pdbx_auth_seq_align_beg       2 
_struct_ref_seq.pdbx_auth_seq_align_end       149 
# 
loop_
_struct_ref_seq_dif.align_id 
_struct_ref_seq_dif.pdbx_pdb_id_code 
_struct_ref_seq_dif.mon_id 
_struct_ref_seq_dif.pdbx_pdb_strand_id 
_struct_ref_seq_dif.seq_num 
_struct_ref_seq_dif.pdbx_pdb_ins_code 
_struct_ref_seq_dif.pdbx_seq_db_name 
_struct_ref_seq_dif.pdbx_seq_db_accession_code 
_struct_ref_seq_dif.db_mon_id 
_struct_ref_seq_dif.pdbx_seq_db_seq_num 
_struct_ref_seq_dif.details 
_struct_ref_seq_dif.pdbx_auth_seq_num 
_struct_ref_seq_dif.pdbx_ordinal 
1 2NRQ MSE A 1   ? UNP Q9UXC9 ?   ?   'cloning artifact' -1  1  
1 2NRQ SER A 2   ? UNP Q9UXC9 ?   ?   'cloning artifact' 0   2  
1 2NRQ LEU A 3   ? UNP Q9UXC9 ?   ?   'cloning artifact' 1   3  
1 2NRQ MSE A 82  ? UNP Q9UXC9 MET 80  'modified residue' 80  4  
1 2NRQ MSE A 147 ? UNP Q9UXC9 MET 145 'modified residue' 145 5  
1 2NRQ GLU A 152 ? UNP Q9UXC9 ?   ?   'cloning artifact' 150 6  
1 2NRQ GLY A 153 ? UNP Q9UXC9 ?   ?   'cloning artifact' 151 7  
1 2NRQ HIS A 154 ? UNP Q9UXC9 ?   ?   'expression tag'   152 8  
1 2NRQ HIS A 155 ? UNP Q9UXC9 ?   ?   'expression tag'   153 9  
1 2NRQ HIS A 156 ? UNP Q9UXC9 ?   ?   'expression tag'   154 10 
1 2NRQ HIS A 157 ? UNP Q9UXC9 ?   ?   'expression tag'   155 11 
1 2NRQ HIS A 158 ? UNP Q9UXC9 ?   ?   'expression tag'   156 12 
1 2NRQ HIS A 159 ? UNP Q9UXC9 ?   ?   'expression tag'   157 13 
# 
_pdbx_struct_assembly.id                   1 
_pdbx_struct_assembly.details              author_defined_assembly 
_pdbx_struct_assembly.method_details       ? 
_pdbx_struct_assembly.oligomeric_details   monomeric 
_pdbx_struct_assembly.oligomeric_count     1 
# 
_pdbx_struct_assembly_gen.assembly_id       1 
_pdbx_struct_assembly_gen.oper_expression   1 
_pdbx_struct_assembly_gen.asym_id_list      A,B 
# 
_pdbx_struct_oper_list.id                   1 
_pdbx_struct_oper_list.type                 'identity operation' 
_pdbx_struct_oper_list.name                 1_555 
_pdbx_struct_oper_list.symmetry_operation   x,y,z 
_pdbx_struct_oper_list.matrix[1][1]         1.0000000000 
_pdbx_struct_oper_list.matrix[1][2]         0.0000000000 
_pdbx_struct_oper_list.matrix[1][3]         0.0000000000 
_pdbx_struct_oper_list.vector[1]            0.0000000000 
_pdbx_struct_oper_list.matrix[2][1]         0.0000000000 
_pdbx_struct_oper_list.matrix[2][2]         1.0000000000 
_pdbx_struct_oper_list.matrix[2][3]         0.0000000000 
_pdbx_struct_oper_list.vector[2]            0.0000000000 
_pdbx_struct_oper_list.matrix[3][1]         0.0000000000 
_pdbx_struct_oper_list.matrix[3][2]         0.0000000000 
_pdbx_struct_oper_list.matrix[3][3]         1.0000000000 
_pdbx_struct_oper_list.vector[3]            0.0000000000 
# 
_struct_biol.id   1 
# 
loop_
_struct_conf.conf_type_id 
_struct_conf.id 
_struct_conf.pdbx_PDB_helix_id 
_struct_conf.beg_label_comp_id 
_struct_conf.beg_label_asym_id 
_struct_conf.beg_label_seq_id 
_struct_conf.pdbx_beg_PDB_ins_code 
_struct_conf.end_label_comp_id 
_struct_conf.end_label_asym_id 
_struct_conf.end_label_seq_id 
_struct_conf.pdbx_end_PDB_ins_code 
_struct_conf.beg_auth_comp_id 
_struct_conf.beg_auth_asym_id 
_struct_conf.beg_auth_seq_id 
_struct_conf.end_auth_comp_id 
_struct_conf.end_auth_asym_id 
_struct_conf.end_auth_seq_id 
_struct_conf.pdbx_PDB_helix_class 
_struct_conf.details 
_struct_conf.pdbx_PDB_helix_length 
HELX_P HELX_P1 1 ASP A 19  ? PHE A 31  ? ASP A 17  PHE A 29  1 ? 13 
HELX_P HELX_P2 2 PRO A 33  ? SER A 38  ? PRO A 31  SER A 36  5 ? 6  
HELX_P HELX_P3 3 ASP A 61  ? GLU A 74  ? ASP A 59  GLU A 72  1 ? 14 
HELX_P HELX_P4 4 GLU A 77  ? THR A 86  ? GLU A 75  THR A 84  1 ? 10 
HELX_P HELX_P5 5 ASP A 102 ? HIS A 110 ? ASP A 100 HIS A 108 1 ? 9  
HELX_P HELX_P6 6 ASN A 133 ? ILE A 146 ? ASN A 131 ILE A 144 1 ? 14 
# 
_struct_conf_type.id          HELX_P 
_struct_conf_type.criteria    ? 
_struct_conf_type.reference   ? 
# 
loop_
_struct_conn.id 
_struct_conn.conn_type_id 
_struct_conn.pdbx_leaving_atom_flag 
_struct_conn.pdbx_PDB_id 
_struct_conn.ptnr1_label_asym_id 
_struct_conn.ptnr1_label_comp_id 
_struct_conn.ptnr1_label_seq_id 
_struct_conn.ptnr1_label_atom_id 
_struct_conn.pdbx_ptnr1_label_alt_id 
_struct_conn.pdbx_ptnr1_PDB_ins_code 
_struct_conn.pdbx_ptnr1_standard_comp_id 
_struct_conn.ptnr1_symmetry 
_struct_conn.ptnr2_label_asym_id 
_struct_conn.ptnr2_label_comp_id 
_struct_conn.ptnr2_label_seq_id 
_struct_conn.ptnr2_label_atom_id 
_struct_conn.pdbx_ptnr2_label_alt_id 
_struct_conn.pdbx_ptnr2_PDB_ins_code 
_struct_conn.ptnr1_auth_asym_id 
_struct_conn.ptnr1_auth_comp_id 
_struct_conn.ptnr1_auth_seq_id 
_struct_conn.ptnr2_auth_asym_id 
_struct_conn.ptnr2_auth_comp_id 
_struct_conn.ptnr2_auth_seq_id 
_struct_conn.ptnr2_symmetry 
_struct_conn.pdbx_ptnr3_label_atom_id 
_struct_conn.pdbx_ptnr3_label_seq_id 
_struct_conn.pdbx_ptnr3_label_comp_id 
_struct_conn.pdbx_ptnr3_label_asym_id 
_struct_conn.pdbx_ptnr3_label_alt_id 
_struct_conn.pdbx_ptnr3_PDB_ins_code 
_struct_conn.details 
_struct_conn.pdbx_dist_value 
_struct_conn.pdbx_value_order 
_struct_conn.pdbx_role 
covale1 covale both ? A LEU 81 C ? ? ? 1_555 A MSE 82 N ? ? A LEU 79 A MSE 80 1_555 ? ? ? ? ? ? ? 1.328 ? ? 
covale2 covale both ? A MSE 82 C ? ? ? 1_555 A LEU 83 N ? ? A MSE 80 A LEU 81 1_555 ? ? ? ? ? ? ? 1.331 ? ? 
# 
_struct_conn_type.id          covale 
_struct_conn_type.criteria    ? 
_struct_conn_type.reference   ? 
# 
_pdbx_modification_feature.ordinal                            1 
_pdbx_modification_feature.label_comp_id                      MSE 
_pdbx_modification_feature.label_asym_id                      A 
_pdbx_modification_feature.label_seq_id                       82 
_pdbx_modification_feature.label_alt_id                       ? 
_pdbx_modification_feature.modified_residue_label_comp_id     . 
_pdbx_modification_feature.modified_residue_label_asym_id     . 
_pdbx_modification_feature.modified_residue_label_seq_id      . 
_pdbx_modification_feature.modified_residue_label_alt_id      . 
_pdbx_modification_feature.auth_comp_id                       MSE 
_pdbx_modification_feature.auth_asym_id                       A 
_pdbx_modification_feature.auth_seq_id                        80 
_pdbx_modification_feature.PDB_ins_code                       ? 
_pdbx_modification_feature.symmetry                           1_555 
_pdbx_modification_feature.modified_residue_auth_comp_id      . 
_pdbx_modification_feature.modified_residue_auth_asym_id      . 
_pdbx_modification_feature.modified_residue_auth_seq_id       . 
_pdbx_modification_feature.modified_residue_PDB_ins_code      . 
_pdbx_modification_feature.modified_residue_symmetry          . 
_pdbx_modification_feature.comp_id_linking_atom               . 
_pdbx_modification_feature.modified_residue_id_linking_atom   . 
_pdbx_modification_feature.modified_residue_id                MET 
_pdbx_modification_feature.ref_pcm_id                         1 
_pdbx_modification_feature.ref_comp_id                        MSE 
_pdbx_modification_feature.type                               Selenomethionine 
_pdbx_modification_feature.category                           'Named protein modification' 
# 
_struct_mon_prot_cis.pdbx_id                1 
_struct_mon_prot_cis.label_comp_id          SER 
_struct_mon_prot_cis.label_seq_id           32 
_struct_mon_prot_cis.label_asym_id          A 
_struct_mon_prot_cis.label_alt_id           . 
_struct_mon_prot_cis.pdbx_PDB_ins_code      ? 
_struct_mon_prot_cis.auth_comp_id           SER 
_struct_mon_prot_cis.auth_seq_id            30 
_struct_mon_prot_cis.auth_asym_id           A 
_struct_mon_prot_cis.pdbx_label_comp_id_2   PRO 
_struct_mon_prot_cis.pdbx_label_seq_id_2    33 
_struct_mon_prot_cis.pdbx_label_asym_id_2   A 
_struct_mon_prot_cis.pdbx_PDB_ins_code_2    ? 
_struct_mon_prot_cis.pdbx_auth_comp_id_2    PRO 
_struct_mon_prot_cis.pdbx_auth_seq_id_2     31 
_struct_mon_prot_cis.pdbx_auth_asym_id_2    A 
_struct_mon_prot_cis.pdbx_PDB_model_num     1 
_struct_mon_prot_cis.pdbx_omega_angle       0.12 
# 
_struct_sheet.id               A 
_struct_sheet.type             ? 
_struct_sheet.number_strands   6 
_struct_sheet.details          ? 
# 
loop_
_struct_sheet_order.sheet_id 
_struct_sheet_order.range_id_1 
_struct_sheet_order.range_id_2 
_struct_sheet_order.offset 
_struct_sheet_order.sense 
A 1 2 ? anti-parallel 
A 2 3 ? anti-parallel 
A 3 4 ? anti-parallel 
A 4 5 ? anti-parallel 
A 5 6 ? anti-parallel 
# 
loop_
_struct_sheet_range.sheet_id 
_struct_sheet_range.id 
_struct_sheet_range.beg_label_comp_id 
_struct_sheet_range.beg_label_asym_id 
_struct_sheet_range.beg_label_seq_id 
_struct_sheet_range.pdbx_beg_PDB_ins_code 
_struct_sheet_range.end_label_comp_id 
_struct_sheet_range.end_label_asym_id 
_struct_sheet_range.end_label_seq_id 
_struct_sheet_range.pdbx_end_PDB_ins_code 
_struct_sheet_range.beg_auth_comp_id 
_struct_sheet_range.beg_auth_asym_id 
_struct_sheet_range.beg_auth_seq_id 
_struct_sheet_range.end_auth_comp_id 
_struct_sheet_range.end_auth_asym_id 
_struct_sheet_range.end_auth_seq_id 
A 1 LYS A 39  ? GLN A 46  ? LYS A 37  GLN A 44  
A 2 LYS A 52  ? PHE A 60  ? LYS A 50  PHE A 58  
A 3 GLN A 7   ? ILE A 14  ? GLN A 5   ILE A 12  
A 4 ILE A 121 ? SER A 126 ? ILE A 119 SER A 124 
A 5 LYS A 96  ? PHE A 101 ? LYS A 94  PHE A 99  
A 6 ILE A 92  ? ASP A 93  ? ILE A 90  ASP A 91  
# 
loop_
_pdbx_struct_sheet_hbond.sheet_id 
_pdbx_struct_sheet_hbond.range_id_1 
_pdbx_struct_sheet_hbond.range_id_2 
_pdbx_struct_sheet_hbond.range_1_label_atom_id 
_pdbx_struct_sheet_hbond.range_1_label_comp_id 
_pdbx_struct_sheet_hbond.range_1_label_asym_id 
_pdbx_struct_sheet_hbond.range_1_label_seq_id 
_pdbx_struct_sheet_hbond.range_1_PDB_ins_code 
_pdbx_struct_sheet_hbond.range_1_auth_atom_id 
_pdbx_struct_sheet_hbond.range_1_auth_comp_id 
_pdbx_struct_sheet_hbond.range_1_auth_asym_id 
_pdbx_struct_sheet_hbond.range_1_auth_seq_id 
_pdbx_struct_sheet_hbond.range_2_label_atom_id 
_pdbx_struct_sheet_hbond.range_2_label_comp_id 
_pdbx_struct_sheet_hbond.range_2_label_asym_id 
_pdbx_struct_sheet_hbond.range_2_label_seq_id 
_pdbx_struct_sheet_hbond.range_2_PDB_ins_code 
_pdbx_struct_sheet_hbond.range_2_auth_atom_id 
_pdbx_struct_sheet_hbond.range_2_auth_comp_id 
_pdbx_struct_sheet_hbond.range_2_auth_asym_id 
_pdbx_struct_sheet_hbond.range_2_auth_seq_id 
A 1 2 N THR A 43  ? N THR A 41  O ILE A 55  ? O ILE A 53  
A 2 3 O ILE A 54  ? O ILE A 52  N ILE A 14  ? N ILE A 12  
A 3 4 N SER A 11  ? N SER A 9   O LYS A 122 ? O LYS A 120 
A 4 5 O CYS A 123 ? O CYS A 121 N LEU A 99  ? N LEU A 97  
A 5 6 O LYS A 96  ? O LYS A 94  N ASP A 93  ? N ASP A 91  
# 
_pdbx_entry_details.entry_id                   2NRQ 
_pdbx_entry_details.compound_details           ? 
_pdbx_entry_details.source_details             ? 
_pdbx_entry_details.nonpolymer_details         ? 
_pdbx_entry_details.sequence_details           ? 
_pdbx_entry_details.has_ligand_of_interest     ? 
_pdbx_entry_details.has_protein_modification   Y 
# 
loop_
_pdbx_validate_torsion.id 
_pdbx_validate_torsion.PDB_model_num 
_pdbx_validate_torsion.auth_comp_id 
_pdbx_validate_torsion.auth_asym_id 
_pdbx_validate_torsion.auth_seq_id 
_pdbx_validate_torsion.PDB_ins_code 
_pdbx_validate_torsion.label_alt_id 
_pdbx_validate_torsion.phi 
_pdbx_validate_torsion.psi 
1 1 GLN A 5   ? ? 170.96  147.61 
2 1 THR A 84  ? ? -49.11  -12.35 
3 1 GLU A 107 ? ? -140.80 17.14  
4 1 THR A 127 ? ? -145.81 -17.90 
5 1 LYS A 133 ? ? -46.82  -71.27 
6 1 GLU A 134 ? ? -27.79  -38.25 
# 
_pdbx_SG_project.id                    1 
_pdbx_SG_project.project_name          'PSI, Protein Structure Initiative' 
_pdbx_SG_project.full_name_of_center   'New York SGX Research Center for Structural Genomics' 
_pdbx_SG_project.initial_of_center     NYSGXRC 
# 
_pdbx_struct_mod_residue.id               1 
_pdbx_struct_mod_residue.label_asym_id    A 
_pdbx_struct_mod_residue.label_comp_id    MSE 
_pdbx_struct_mod_residue.label_seq_id     82 
_pdbx_struct_mod_residue.auth_asym_id     A 
_pdbx_struct_mod_residue.auth_comp_id     MSE 
_pdbx_struct_mod_residue.auth_seq_id      80 
_pdbx_struct_mod_residue.PDB_ins_code     ? 
_pdbx_struct_mod_residue.parent_comp_id   MET 
_pdbx_struct_mod_residue.details          SELENOMETHIONINE 
# 
loop_
_pdbx_unobs_or_zero_occ_residues.id 
_pdbx_unobs_or_zero_occ_residues.PDB_model_num 
_pdbx_unobs_or_zero_occ_residues.polymer_flag 
_pdbx_unobs_or_zero_occ_residues.occupancy_flag 
_pdbx_unobs_or_zero_occ_residues.auth_asym_id 
_pdbx_unobs_or_zero_occ_residues.auth_comp_id 
_pdbx_unobs_or_zero_occ_residues.auth_seq_id 
_pdbx_unobs_or_zero_occ_residues.PDB_ins_code 
_pdbx_unobs_or_zero_occ_residues.label_asym_id 
_pdbx_unobs_or_zero_occ_residues.label_comp_id 
_pdbx_unobs_or_zero_occ_residues.label_seq_id 
1  1 Y 1 A MSE -1  ? A MSE 1   
2  1 Y 1 A SER 0   ? A SER 2   
3  1 Y 1 A LEU 1   ? A LEU 3   
4  1 Y 1 A LYS 2   ? A LYS 4   
5  1 Y 1 A ILE 3   ? A ILE 5   
6  1 Y 1 A ILE 86  ? A ILE 88  
7  1 Y 1 A ASP 87  ? A ASP 89  
8  1 Y 1 A LEU 129 ? A LEU 131 
9  1 Y 1 A GLU 130 ? A GLU 132 
10 1 Y 1 A MSE 145 ? A MSE 147 
11 1 Y 1 A HIS 146 ? A HIS 148 
12 1 Y 1 A SER 147 ? A SER 149 
13 1 Y 1 A LYS 148 ? A LYS 150 
14 1 Y 1 A LEU 149 ? A LEU 151 
15 1 Y 1 A GLU 150 ? A GLU 152 
16 1 Y 1 A GLY 151 ? A GLY 153 
17 1 Y 1 A HIS 152 ? A HIS 154 
18 1 Y 1 A HIS 153 ? A HIS 155 
19 1 Y 1 A HIS 154 ? A HIS 156 
20 1 Y 1 A HIS 155 ? A HIS 157 
21 1 Y 1 A HIS 156 ? A HIS 158 
22 1 Y 1 A HIS 157 ? A HIS 159 
# 
loop_
_chem_comp_atom.comp_id 
_chem_comp_atom.atom_id 
_chem_comp_atom.type_symbol 
_chem_comp_atom.pdbx_aromatic_flag 
_chem_comp_atom.pdbx_stereo_config 
_chem_comp_atom.pdbx_ordinal 
ALA N    N  N N 1   
ALA CA   C  N S 2   
ALA C    C  N N 3   
ALA O    O  N N 4   
ALA CB   C  N N 5   
ALA OXT  O  N N 6   
ALA H    H  N N 7   
ALA H2   H  N N 8   
ALA HA   H  N N 9   
ALA HB1  H  N N 10  
ALA HB2  H  N N 11  
ALA HB3  H  N N 12  
ALA HXT  H  N N 13  
ARG N    N  N N 14  
ARG CA   C  N S 15  
ARG C    C  N N 16  
ARG O    O  N N 17  
ARG CB   C  N N 18  
ARG CG   C  N N 19  
ARG CD   C  N N 20  
ARG NE   N  N N 21  
ARG CZ   C  N N 22  
ARG NH1  N  N N 23  
ARG NH2  N  N N 24  
ARG OXT  O  N N 25  
ARG H    H  N N 26  
ARG H2   H  N N 27  
ARG HA   H  N N 28  
ARG HB2  H  N N 29  
ARG HB3  H  N N 30  
ARG HG2  H  N N 31  
ARG HG3  H  N N 32  
ARG HD2  H  N N 33  
ARG HD3  H  N N 34  
ARG HE   H  N N 35  
ARG HH11 H  N N 36  
ARG HH12 H  N N 37  
ARG HH21 H  N N 38  
ARG HH22 H  N N 39  
ARG HXT  H  N N 40  
ASN N    N  N N 41  
ASN CA   C  N S 42  
ASN C    C  N N 43  
ASN O    O  N N 44  
ASN CB   C  N N 45  
ASN CG   C  N N 46  
ASN OD1  O  N N 47  
ASN ND2  N  N N 48  
ASN OXT  O  N N 49  
ASN H    H  N N 50  
ASN H2   H  N N 51  
ASN HA   H  N N 52  
ASN HB2  H  N N 53  
ASN HB3  H  N N 54  
ASN HD21 H  N N 55  
ASN HD22 H  N N 56  
ASN HXT  H  N N 57  
ASP N    N  N N 58  
ASP CA   C  N S 59  
ASP C    C  N N 60  
ASP O    O  N N 61  
ASP CB   C  N N 62  
ASP CG   C  N N 63  
ASP OD1  O  N N 64  
ASP OD2  O  N N 65  
ASP OXT  O  N N 66  
ASP H    H  N N 67  
ASP H2   H  N N 68  
ASP HA   H  N N 69  
ASP HB2  H  N N 70  
ASP HB3  H  N N 71  
ASP HD2  H  N N 72  
ASP HXT  H  N N 73  
CYS N    N  N N 74  
CYS CA   C  N R 75  
CYS C    C  N N 76  
CYS O    O  N N 77  
CYS CB   C  N N 78  
CYS SG   S  N N 79  
CYS OXT  O  N N 80  
CYS H    H  N N 81  
CYS H2   H  N N 82  
CYS HA   H  N N 83  
CYS HB2  H  N N 84  
CYS HB3  H  N N 85  
CYS HG   H  N N 86  
CYS HXT  H  N N 87  
GLN N    N  N N 88  
GLN CA   C  N S 89  
GLN C    C  N N 90  
GLN O    O  N N 91  
GLN CB   C  N N 92  
GLN CG   C  N N 93  
GLN CD   C  N N 94  
GLN OE1  O  N N 95  
GLN NE2  N  N N 96  
GLN OXT  O  N N 97  
GLN H    H  N N 98  
GLN H2   H  N N 99  
GLN HA   H  N N 100 
GLN HB2  H  N N 101 
GLN HB3  H  N N 102 
GLN HG2  H  N N 103 
GLN HG3  H  N N 104 
GLN HE21 H  N N 105 
GLN HE22 H  N N 106 
GLN HXT  H  N N 107 
GLU N    N  N N 108 
GLU CA   C  N S 109 
GLU C    C  N N 110 
GLU O    O  N N 111 
GLU CB   C  N N 112 
GLU CG   C  N N 113 
GLU CD   C  N N 114 
GLU OE1  O  N N 115 
GLU OE2  O  N N 116 
GLU OXT  O  N N 117 
GLU H    H  N N 118 
GLU H2   H  N N 119 
GLU HA   H  N N 120 
GLU HB2  H  N N 121 
GLU HB3  H  N N 122 
GLU HG2  H  N N 123 
GLU HG3  H  N N 124 
GLU HE2  H  N N 125 
GLU HXT  H  N N 126 
GLY N    N  N N 127 
GLY CA   C  N N 128 
GLY C    C  N N 129 
GLY O    O  N N 130 
GLY OXT  O  N N 131 
GLY H    H  N N 132 
GLY H2   H  N N 133 
GLY HA2  H  N N 134 
GLY HA3  H  N N 135 
GLY HXT  H  N N 136 
HIS N    N  N N 137 
HIS CA   C  N S 138 
HIS C    C  N N 139 
HIS O    O  N N 140 
HIS CB   C  N N 141 
HIS CG   C  Y N 142 
HIS ND1  N  Y N 143 
HIS CD2  C  Y N 144 
HIS CE1  C  Y N 145 
HIS NE2  N  Y N 146 
HIS OXT  O  N N 147 
HIS H    H  N N 148 
HIS H2   H  N N 149 
HIS HA   H  N N 150 
HIS HB2  H  N N 151 
HIS HB3  H  N N 152 
HIS HD1  H  N N 153 
HIS HD2  H  N N 154 
HIS HE1  H  N N 155 
HIS HE2  H  N N 156 
HIS HXT  H  N N 157 
HOH O    O  N N 158 
HOH H1   H  N N 159 
HOH H2   H  N N 160 
ILE N    N  N N 161 
ILE CA   C  N S 162 
ILE C    C  N N 163 
ILE O    O  N N 164 
ILE CB   C  N S 165 
ILE CG1  C  N N 166 
ILE CG2  C  N N 167 
ILE CD1  C  N N 168 
ILE OXT  O  N N 169 
ILE H    H  N N 170 
ILE H2   H  N N 171 
ILE HA   H  N N 172 
ILE HB   H  N N 173 
ILE HG12 H  N N 174 
ILE HG13 H  N N 175 
ILE HG21 H  N N 176 
ILE HG22 H  N N 177 
ILE HG23 H  N N 178 
ILE HD11 H  N N 179 
ILE HD12 H  N N 180 
ILE HD13 H  N N 181 
ILE HXT  H  N N 182 
LEU N    N  N N 183 
LEU CA   C  N S 184 
LEU C    C  N N 185 
LEU O    O  N N 186 
LEU CB   C  N N 187 
LEU CG   C  N N 188 
LEU CD1  C  N N 189 
LEU CD2  C  N N 190 
LEU OXT  O  N N 191 
LEU H    H  N N 192 
LEU H2   H  N N 193 
LEU HA   H  N N 194 
LEU HB2  H  N N 195 
LEU HB3  H  N N 196 
LEU HG   H  N N 197 
LEU HD11 H  N N 198 
LEU HD12 H  N N 199 
LEU HD13 H  N N 200 
LEU HD21 H  N N 201 
LEU HD22 H  N N 202 
LEU HD23 H  N N 203 
LEU HXT  H  N N 204 
LYS N    N  N N 205 
LYS CA   C  N S 206 
LYS C    C  N N 207 
LYS O    O  N N 208 
LYS CB   C  N N 209 
LYS CG   C  N N 210 
LYS CD   C  N N 211 
LYS CE   C  N N 212 
LYS NZ   N  N N 213 
LYS OXT  O  N N 214 
LYS H    H  N N 215 
LYS H2   H  N N 216 
LYS HA   H  N N 217 
LYS HB2  H  N N 218 
LYS HB3  H  N N 219 
LYS HG2  H  N N 220 
LYS HG3  H  N N 221 
LYS HD2  H  N N 222 
LYS HD3  H  N N 223 
LYS HE2  H  N N 224 
LYS HE3  H  N N 225 
LYS HZ1  H  N N 226 
LYS HZ2  H  N N 227 
LYS HZ3  H  N N 228 
LYS HXT  H  N N 229 
MET N    N  N N 230 
MET CA   C  N S 231 
MET C    C  N N 232 
MET O    O  N N 233 
MET CB   C  N N 234 
MET CG   C  N N 235 
MET SD   S  N N 236 
MET CE   C  N N 237 
MET OXT  O  N N 238 
MET H    H  N N 239 
MET H2   H  N N 240 
MET HA   H  N N 241 
MET HB2  H  N N 242 
MET HB3  H  N N 243 
MET HG2  H  N N 244 
MET HG3  H  N N 245 
MET HE1  H  N N 246 
MET HE2  H  N N 247 
MET HE3  H  N N 248 
MET HXT  H  N N 249 
MSE N    N  N N 250 
MSE CA   C  N S 251 
MSE C    C  N N 252 
MSE O    O  N N 253 
MSE OXT  O  N N 254 
MSE CB   C  N N 255 
MSE CG   C  N N 256 
MSE SE   SE N N 257 
MSE CE   C  N N 258 
MSE H    H  N N 259 
MSE H2   H  N N 260 
MSE HA   H  N N 261 
MSE HXT  H  N N 262 
MSE HB2  H  N N 263 
MSE HB3  H  N N 264 
MSE HG2  H  N N 265 
MSE HG3  H  N N 266 
MSE HE1  H  N N 267 
MSE HE2  H  N N 268 
MSE HE3  H  N N 269 
PHE N    N  N N 270 
PHE CA   C  N S 271 
PHE C    C  N N 272 
PHE O    O  N N 273 
PHE CB   C  N N 274 
PHE CG   C  Y N 275 
PHE CD1  C  Y N 276 
PHE CD2  C  Y N 277 
PHE CE1  C  Y N 278 
PHE CE2  C  Y N 279 
PHE CZ   C  Y N 280 
PHE OXT  O  N N 281 
PHE H    H  N N 282 
PHE H2   H  N N 283 
PHE HA   H  N N 284 
PHE HB2  H  N N 285 
PHE HB3  H  N N 286 
PHE HD1  H  N N 287 
PHE HD2  H  N N 288 
PHE HE1  H  N N 289 
PHE HE2  H  N N 290 
PHE HZ   H  N N 291 
PHE HXT  H  N N 292 
PRO N    N  N N 293 
PRO CA   C  N S 294 
PRO C    C  N N 295 
PRO O    O  N N 296 
PRO CB   C  N N 297 
PRO CG   C  N N 298 
PRO CD   C  N N 299 
PRO OXT  O  N N 300 
PRO H    H  N N 301 
PRO HA   H  N N 302 
PRO HB2  H  N N 303 
PRO HB3  H  N N 304 
PRO HG2  H  N N 305 
PRO HG3  H  N N 306 
PRO HD2  H  N N 307 
PRO HD3  H  N N 308 
PRO HXT  H  N N 309 
SER N    N  N N 310 
SER CA   C  N S 311 
SER C    C  N N 312 
SER O    O  N N 313 
SER CB   C  N N 314 
SER OG   O  N N 315 
SER OXT  O  N N 316 
SER H    H  N N 317 
SER H2   H  N N 318 
SER HA   H  N N 319 
SER HB2  H  N N 320 
SER HB3  H  N N 321 
SER HG   H  N N 322 
SER HXT  H  N N 323 
THR N    N  N N 324 
THR CA   C  N S 325 
THR C    C  N N 326 
THR O    O  N N 327 
THR CB   C  N R 328 
THR OG1  O  N N 329 
THR CG2  C  N N 330 
THR OXT  O  N N 331 
THR H    H  N N 332 
THR H2   H  N N 333 
THR HA   H  N N 334 
THR HB   H  N N 335 
THR HG1  H  N N 336 
THR HG21 H  N N 337 
THR HG22 H  N N 338 
THR HG23 H  N N 339 
THR HXT  H  N N 340 
TYR N    N  N N 341 
TYR CA   C  N S 342 
TYR C    C  N N 343 
TYR O    O  N N 344 
TYR CB   C  N N 345 
TYR CG   C  Y N 346 
TYR CD1  C  Y N 347 
TYR CD2  C  Y N 348 
TYR CE1  C  Y N 349 
TYR CE2  C  Y N 350 
TYR CZ   C  Y N 351 
TYR OH   O  N N 352 
TYR OXT  O  N N 353 
TYR H    H  N N 354 
TYR H2   H  N N 355 
TYR HA   H  N N 356 
TYR HB2  H  N N 357 
TYR HB3  H  N N 358 
TYR HD1  H  N N 359 
TYR HD2  H  N N 360 
TYR HE1  H  N N 361 
TYR HE2  H  N N 362 
TYR HH   H  N N 363 
TYR HXT  H  N N 364 
VAL N    N  N N 365 
VAL CA   C  N S 366 
VAL C    C  N N 367 
VAL O    O  N N 368 
VAL CB   C  N N 369 
VAL CG1  C  N N 370 
VAL CG2  C  N N 371 
VAL OXT  O  N N 372 
VAL H    H  N N 373 
VAL H2   H  N N 374 
VAL HA   H  N N 375 
VAL HB   H  N N 376 
VAL HG11 H  N N 377 
VAL HG12 H  N N 378 
VAL HG13 H  N N 379 
VAL HG21 H  N N 380 
VAL HG22 H  N N 381 
VAL HG23 H  N N 382 
VAL HXT  H  N N 383 
# 
loop_
_chem_comp_bond.comp_id 
_chem_comp_bond.atom_id_1 
_chem_comp_bond.atom_id_2 
_chem_comp_bond.value_order 
_chem_comp_bond.pdbx_aromatic_flag 
_chem_comp_bond.pdbx_stereo_config 
_chem_comp_bond.pdbx_ordinal 
ALA N   CA   sing N N 1   
ALA N   H    sing N N 2   
ALA N   H2   sing N N 3   
ALA CA  C    sing N N 4   
ALA CA  CB   sing N N 5   
ALA CA  HA   sing N N 6   
ALA C   O    doub N N 7   
ALA C   OXT  sing N N 8   
ALA CB  HB1  sing N N 9   
ALA CB  HB2  sing N N 10  
ALA CB  HB3  sing N N 11  
ALA OXT HXT  sing N N 12  
ARG N   CA   sing N N 13  
ARG N   H    sing N N 14  
ARG N   H2   sing N N 15  
ARG CA  C    sing N N 16  
ARG CA  CB   sing N N 17  
ARG CA  HA   sing N N 18  
ARG C   O    doub N N 19  
ARG C   OXT  sing N N 20  
ARG CB  CG   sing N N 21  
ARG CB  HB2  sing N N 22  
ARG CB  HB3  sing N N 23  
ARG CG  CD   sing N N 24  
ARG CG  HG2  sing N N 25  
ARG CG  HG3  sing N N 26  
ARG CD  NE   sing N N 27  
ARG CD  HD2  sing N N 28  
ARG CD  HD3  sing N N 29  
ARG NE  CZ   sing N N 30  
ARG NE  HE   sing N N 31  
ARG CZ  NH1  sing N N 32  
ARG CZ  NH2  doub N N 33  
ARG NH1 HH11 sing N N 34  
ARG NH1 HH12 sing N N 35  
ARG NH2 HH21 sing N N 36  
ARG NH2 HH22 sing N N 37  
ARG OXT HXT  sing N N 38  
ASN N   CA   sing N N 39  
ASN N   H    sing N N 40  
ASN N   H2   sing N N 41  
ASN CA  C    sing N N 42  
ASN CA  CB   sing N N 43  
ASN CA  HA   sing N N 44  
ASN C   O    doub N N 45  
ASN C   OXT  sing N N 46  
ASN CB  CG   sing N N 47  
ASN CB  HB2  sing N N 48  
ASN CB  HB3  sing N N 49  
ASN CG  OD1  doub N N 50  
ASN CG  ND2  sing N N 51  
ASN ND2 HD21 sing N N 52  
ASN ND2 HD22 sing N N 53  
ASN OXT HXT  sing N N 54  
ASP N   CA   sing N N 55  
ASP N   H    sing N N 56  
ASP N   H2   sing N N 57  
ASP CA  C    sing N N 58  
ASP CA  CB   sing N N 59  
ASP CA  HA   sing N N 60  
ASP C   O    doub N N 61  
ASP C   OXT  sing N N 62  
ASP CB  CG   sing N N 63  
ASP CB  HB2  sing N N 64  
ASP CB  HB3  sing N N 65  
ASP CG  OD1  doub N N 66  
ASP CG  OD2  sing N N 67  
ASP OD2 HD2  sing N N 68  
ASP OXT HXT  sing N N 69  
CYS N   CA   sing N N 70  
CYS N   H    sing N N 71  
CYS N   H2   sing N N 72  
CYS CA  C    sing N N 73  
CYS CA  CB   sing N N 74  
CYS CA  HA   sing N N 75  
CYS C   O    doub N N 76  
CYS C   OXT  sing N N 77  
CYS CB  SG   sing N N 78  
CYS CB  HB2  sing N N 79  
CYS CB  HB3  sing N N 80  
CYS SG  HG   sing N N 81  
CYS OXT HXT  sing N N 82  
GLN N   CA   sing N N 83  
GLN N   H    sing N N 84  
GLN N   H2   sing N N 85  
GLN CA  C    sing N N 86  
GLN CA  CB   sing N N 87  
GLN CA  HA   sing N N 88  
GLN C   O    doub N N 89  
GLN C   OXT  sing N N 90  
GLN CB  CG   sing N N 91  
GLN CB  HB2  sing N N 92  
GLN CB  HB3  sing N N 93  
GLN CG  CD   sing N N 94  
GLN CG  HG2  sing N N 95  
GLN CG  HG3  sing N N 96  
GLN CD  OE1  doub N N 97  
GLN CD  NE2  sing N N 98  
GLN NE2 HE21 sing N N 99  
GLN NE2 HE22 sing N N 100 
GLN OXT HXT  sing N N 101 
GLU N   CA   sing N N 102 
GLU N   H    sing N N 103 
GLU N   H2   sing N N 104 
GLU CA  C    sing N N 105 
GLU CA  CB   sing N N 106 
GLU CA  HA   sing N N 107 
GLU C   O    doub N N 108 
GLU C   OXT  sing N N 109 
GLU CB  CG   sing N N 110 
GLU CB  HB2  sing N N 111 
GLU CB  HB3  sing N N 112 
GLU CG  CD   sing N N 113 
GLU CG  HG2  sing N N 114 
GLU CG  HG3  sing N N 115 
GLU CD  OE1  doub N N 116 
GLU CD  OE2  sing N N 117 
GLU OE2 HE2  sing N N 118 
GLU OXT HXT  sing N N 119 
GLY N   CA   sing N N 120 
GLY N   H    sing N N 121 
GLY N   H2   sing N N 122 
GLY CA  C    sing N N 123 
GLY CA  HA2  sing N N 124 
GLY CA  HA3  sing N N 125 
GLY C   O    doub N N 126 
GLY C   OXT  sing N N 127 
GLY OXT HXT  sing N N 128 
HIS N   CA   sing N N 129 
HIS N   H    sing N N 130 
HIS N   H2   sing N N 131 
HIS CA  C    sing N N 132 
HIS CA  CB   sing N N 133 
HIS CA  HA   sing N N 134 
HIS C   O    doub N N 135 
HIS C   OXT  sing N N 136 
HIS CB  CG   sing N N 137 
HIS CB  HB2  sing N N 138 
HIS CB  HB3  sing N N 139 
HIS CG  ND1  sing Y N 140 
HIS CG  CD2  doub Y N 141 
HIS ND1 CE1  doub Y N 142 
HIS ND1 HD1  sing N N 143 
HIS CD2 NE2  sing Y N 144 
HIS CD2 HD2  sing N N 145 
HIS CE1 NE2  sing Y N 146 
HIS CE1 HE1  sing N N 147 
HIS NE2 HE2  sing N N 148 
HIS OXT HXT  sing N N 149 
HOH O   H1   sing N N 150 
HOH O   H2   sing N N 151 
ILE N   CA   sing N N 152 
ILE N   H    sing N N 153 
ILE N   H2   sing N N 154 
ILE CA  C    sing N N 155 
ILE CA  CB   sing N N 156 
ILE CA  HA   sing N N 157 
ILE C   O    doub N N 158 
ILE C   OXT  sing N N 159 
ILE CB  CG1  sing N N 160 
ILE CB  CG2  sing N N 161 
ILE CB  HB   sing N N 162 
ILE CG1 CD1  sing N N 163 
ILE CG1 HG12 sing N N 164 
ILE CG1 HG13 sing N N 165 
ILE CG2 HG21 sing N N 166 
ILE CG2 HG22 sing N N 167 
ILE CG2 HG23 sing N N 168 
ILE CD1 HD11 sing N N 169 
ILE CD1 HD12 sing N N 170 
ILE CD1 HD13 sing N N 171 
ILE OXT HXT  sing N N 172 
LEU N   CA   sing N N 173 
LEU N   H    sing N N 174 
LEU N   H2   sing N N 175 
LEU CA  C    sing N N 176 
LEU CA  CB   sing N N 177 
LEU CA  HA   sing N N 178 
LEU C   O    doub N N 179 
LEU C   OXT  sing N N 180 
LEU CB  CG   sing N N 181 
LEU CB  HB2  sing N N 182 
LEU CB  HB3  sing N N 183 
LEU CG  CD1  sing N N 184 
LEU CG  CD2  sing N N 185 
LEU CG  HG   sing N N 186 
LEU CD1 HD11 sing N N 187 
LEU CD1 HD12 sing N N 188 
LEU CD1 HD13 sing N N 189 
LEU CD2 HD21 sing N N 190 
LEU CD2 HD22 sing N N 191 
LEU CD2 HD23 sing N N 192 
LEU OXT HXT  sing N N 193 
LYS N   CA   sing N N 194 
LYS N   H    sing N N 195 
LYS N   H2   sing N N 196 
LYS CA  C    sing N N 197 
LYS CA  CB   sing N N 198 
LYS CA  HA   sing N N 199 
LYS C   O    doub N N 200 
LYS C   OXT  sing N N 201 
LYS CB  CG   sing N N 202 
LYS CB  HB2  sing N N 203 
LYS CB  HB3  sing N N 204 
LYS CG  CD   sing N N 205 
LYS CG  HG2  sing N N 206 
LYS CG  HG3  sing N N 207 
LYS CD  CE   sing N N 208 
LYS CD  HD2  sing N N 209 
LYS CD  HD3  sing N N 210 
LYS CE  NZ   sing N N 211 
LYS CE  HE2  sing N N 212 
LYS CE  HE3  sing N N 213 
LYS NZ  HZ1  sing N N 214 
LYS NZ  HZ2  sing N N 215 
LYS NZ  HZ3  sing N N 216 
LYS OXT HXT  sing N N 217 
MET N   CA   sing N N 218 
MET N   H    sing N N 219 
MET N   H2   sing N N 220 
MET CA  C    sing N N 221 
MET CA  CB   sing N N 222 
MET CA  HA   sing N N 223 
MET C   O    doub N N 224 
MET C   OXT  sing N N 225 
MET CB  CG   sing N N 226 
MET CB  HB2  sing N N 227 
MET CB  HB3  sing N N 228 
MET CG  SD   sing N N 229 
MET CG  HG2  sing N N 230 
MET CG  HG3  sing N N 231 
MET SD  CE   sing N N 232 
MET CE  HE1  sing N N 233 
MET CE  HE2  sing N N 234 
MET CE  HE3  sing N N 235 
MET OXT HXT  sing N N 236 
MSE N   CA   sing N N 237 
MSE N   H    sing N N 238 
MSE N   H2   sing N N 239 
MSE CA  C    sing N N 240 
MSE CA  CB   sing N N 241 
MSE CA  HA   sing N N 242 
MSE C   O    doub N N 243 
MSE C   OXT  sing N N 244 
MSE OXT HXT  sing N N 245 
MSE CB  CG   sing N N 246 
MSE CB  HB2  sing N N 247 
MSE CB  HB3  sing N N 248 
MSE CG  SE   sing N N 249 
MSE CG  HG2  sing N N 250 
MSE CG  HG3  sing N N 251 
MSE SE  CE   sing N N 252 
MSE CE  HE1  sing N N 253 
MSE CE  HE2  sing N N 254 
MSE CE  HE3  sing N N 255 
PHE N   CA   sing N N 256 
PHE N   H    sing N N 257 
PHE N   H2   sing N N 258 
PHE CA  C    sing N N 259 
PHE CA  CB   sing N N 260 
PHE CA  HA   sing N N 261 
PHE C   O    doub N N 262 
PHE C   OXT  sing N N 263 
PHE CB  CG   sing N N 264 
PHE CB  HB2  sing N N 265 
PHE CB  HB3  sing N N 266 
PHE CG  CD1  doub Y N 267 
PHE CG  CD2  sing Y N 268 
PHE CD1 CE1  sing Y N 269 
PHE CD1 HD1  sing N N 270 
PHE CD2 CE2  doub Y N 271 
PHE CD2 HD2  sing N N 272 
PHE CE1 CZ   doub Y N 273 
PHE CE1 HE1  sing N N 274 
PHE CE2 CZ   sing Y N 275 
PHE CE2 HE2  sing N N 276 
PHE CZ  HZ   sing N N 277 
PHE OXT HXT  sing N N 278 
PRO N   CA   sing N N 279 
PRO N   CD   sing N N 280 
PRO N   H    sing N N 281 
PRO CA  C    sing N N 282 
PRO CA  CB   sing N N 283 
PRO CA  HA   sing N N 284 
PRO C   O    doub N N 285 
PRO C   OXT  sing N N 286 
PRO CB  CG   sing N N 287 
PRO CB  HB2  sing N N 288 
PRO CB  HB3  sing N N 289 
PRO CG  CD   sing N N 290 
PRO CG  HG2  sing N N 291 
PRO CG  HG3  sing N N 292 
PRO CD  HD2  sing N N 293 
PRO CD  HD3  sing N N 294 
PRO OXT HXT  sing N N 295 
SER N   CA   sing N N 296 
SER N   H    sing N N 297 
SER N   H2   sing N N 298 
SER CA  C    sing N N 299 
SER CA  CB   sing N N 300 
SER CA  HA   sing N N 301 
SER C   O    doub N N 302 
SER C   OXT  sing N N 303 
SER CB  OG   sing N N 304 
SER CB  HB2  sing N N 305 
SER CB  HB3  sing N N 306 
SER OG  HG   sing N N 307 
SER OXT HXT  sing N N 308 
THR N   CA   sing N N 309 
THR N   H    sing N N 310 
THR N   H2   sing N N 311 
THR CA  C    sing N N 312 
THR CA  CB   sing N N 313 
THR CA  HA   sing N N 314 
THR C   O    doub N N 315 
THR C   OXT  sing N N 316 
THR CB  OG1  sing N N 317 
THR CB  CG2  sing N N 318 
THR CB  HB   sing N N 319 
THR OG1 HG1  sing N N 320 
THR CG2 HG21 sing N N 321 
THR CG2 HG22 sing N N 322 
THR CG2 HG23 sing N N 323 
THR OXT HXT  sing N N 324 
TYR N   CA   sing N N 325 
TYR N   H    sing N N 326 
TYR N   H2   sing N N 327 
TYR CA  C    sing N N 328 
TYR CA  CB   sing N N 329 
TYR CA  HA   sing N N 330 
TYR C   O    doub N N 331 
TYR C   OXT  sing N N 332 
TYR CB  CG   sing N N 333 
TYR CB  HB2  sing N N 334 
TYR CB  HB3  sing N N 335 
TYR CG  CD1  doub Y N 336 
TYR CG  CD2  sing Y N 337 
TYR CD1 CE1  sing Y N 338 
TYR CD1 HD1  sing N N 339 
TYR CD2 CE2  doub Y N 340 
TYR CD2 HD2  sing N N 341 
TYR CE1 CZ   doub Y N 342 
TYR CE1 HE1  sing N N 343 
TYR CE2 CZ   sing Y N 344 
TYR CE2 HE2  sing N N 345 
TYR CZ  OH   sing N N 346 
TYR OH  HH   sing N N 347 
TYR OXT HXT  sing N N 348 
VAL N   CA   sing N N 349 
VAL N   H    sing N N 350 
VAL N   H2   sing N N 351 
VAL CA  C    sing N N 352 
VAL CA  CB   sing N N 353 
VAL CA  HA   sing N N 354 
VAL C   O    doub N N 355 
VAL C   OXT  sing N N 356 
VAL CB  CG1  sing N N 357 
VAL CB  CG2  sing N N 358 
VAL CB  HB   sing N N 359 
VAL CG1 HG11 sing N N 360 
VAL CG1 HG12 sing N N 361 
VAL CG1 HG13 sing N N 362 
VAL CG2 HG21 sing N N 363 
VAL CG2 HG22 sing N N 364 
VAL CG2 HG23 sing N N 365 
VAL OXT HXT  sing N N 366 
# 
_atom_sites.entry_id                    2NRQ 
_atom_sites.fract_transf_matrix[1][1]   0.00888877 
_atom_sites.fract_transf_matrix[1][2]   0.00113291 
_atom_sites.fract_transf_matrix[1][3]   0.00129662 
_atom_sites.fract_transf_matrix[2][1]   0.00417649 
_atom_sites.fract_transf_matrix[2][2]   -0.00433217 
_atom_sites.fract_transf_matrix[2][3]   0.00676492 
_atom_sites.fract_transf_matrix[3][1]   0.00303499 
_atom_sites.fract_transf_matrix[3][2]   -0.01250367 
_atom_sites.fract_transf_matrix[3][3]   -0.00988093 
_atom_sites.fract_transf_vector[1]      0.352477 
_atom_sites.fract_transf_vector[2]      0.155092 
_atom_sites.fract_transf_vector[3]      0.416782 
# 
loop_
_atom_type.symbol 
C  
N  
O  
S  
SE 
# 
loop_
_atom_site.group_PDB 
_atom_site.id 
_atom_site.type_symbol 
_atom_site.label_atom_id 
_atom_site.label_alt_id 
_atom_site.label_comp_id 
_atom_site.label_asym_id 
_atom_site.label_entity_id 
_atom_site.label_seq_id 
_atom_site.pdbx_PDB_ins_code 
_atom_site.Cartn_x 
_atom_site.Cartn_y 
_atom_site.Cartn_z 
_atom_site.occupancy 
_atom_site.B_iso_or_equiv 
_atom_site.pdbx_formal_charge 
_atom_site.auth_seq_id 
_atom_site.auth_comp_id 
_atom_site.auth_asym_id 
_atom_site.auth_atom_id 
_atom_site.pdbx_PDB_model_num 
ATOM   1    N  N   . ASN A 1 6   ? 6.097   13.442  1.758   1.00 46.75 ? 4   ASN A N   1 
ATOM   2    C  CA  . ASN A 1 6   ? 6.792   13.759  0.477   1.00 47.72 ? 4   ASN A CA  1 
ATOM   3    C  C   . ASN A 1 6   ? 6.010   13.215  -0.728  1.00 47.25 ? 4   ASN A C   1 
ATOM   4    O  O   . ASN A 1 6   ? 5.899   13.882  -1.757  1.00 47.10 ? 4   ASN A O   1 
ATOM   5    C  CB  . ASN A 1 6   ? 8.195   13.149  0.492   1.00 50.48 ? 4   ASN A CB  1 
ATOM   6    C  CG  . ASN A 1 6   ? 9.187   13.917  -0.379  1.00 53.82 ? 4   ASN A CG  1 
ATOM   7    O  OD1 . ASN A 1 6   ? 9.584   15.041  -0.049  1.00 54.65 ? 4   ASN A OD1 1 
ATOM   8    N  ND2 . ASN A 1 6   ? 9.596   13.310  -1.492  1.00 53.62 ? 4   ASN A ND2 1 
ATOM   9    N  N   . GLN A 1 7   ? 5.466   12.007  -0.582  1.00 46.02 ? 5   GLN A N   1 
ATOM   10   C  CA  . GLN A 1 7   ? 4.700   11.343  -1.642  1.00 43.98 ? 5   GLN A CA  1 
ATOM   11   C  C   . GLN A 1 7   ? 4.380   9.881   -1.293  1.00 41.89 ? 5   GLN A C   1 
ATOM   12   O  O   . GLN A 1 7   ? 5.158   9.205   -0.618  1.00 42.53 ? 5   GLN A O   1 
ATOM   13   C  CB  . GLN A 1 7   ? 5.487   11.385  -2.958  1.00 44.25 ? 5   GLN A CB  1 
ATOM   14   C  CG  . GLN A 1 7   ? 4.949   10.482  -4.051  1.00 44.90 ? 5   GLN A CG  1 
ATOM   15   C  CD  . GLN A 1 7   ? 5.773   10.561  -5.328  1.00 47.66 ? 5   GLN A CD  1 
ATOM   16   O  OE1 . GLN A 1 7   ? 7.008   10.663  -5.287  1.00 49.75 ? 5   GLN A OE1 1 
ATOM   17   N  NE2 . GLN A 1 7   ? 5.097   10.498  -6.472  1.00 47.28 ? 5   GLN A NE2 1 
ATOM   18   N  N   . ALA A 1 8   ? 3.232   9.398   -1.757  1.00 38.27 ? 6   ALA A N   1 
ATOM   19   C  CA  . ALA A 1 8   ? 2.822   8.017   -1.512  1.00 33.25 ? 6   ALA A CA  1 
ATOM   20   C  C   . ALA A 1 8   ? 2.115   7.435   -2.745  1.00 31.06 ? 6   ALA A C   1 
ATOM   21   O  O   . ALA A 1 8   ? 1.376   8.127   -3.446  1.00 30.46 ? 6   ALA A O   1 
ATOM   22   C  CB  . ALA A 1 8   ? 1.908   7.949   -0.302  1.00 31.74 ? 6   ALA A CB  1 
ATOM   23   N  N   . ILE A 1 9   ? 2.338   6.154   -3.003  1.00 29.19 ? 7   ILE A N   1 
ATOM   24   C  CA  . ILE A 1 9   ? 1.726   5.511   -4.151  1.00 27.69 ? 7   ILE A CA  1 
ATOM   25   C  C   . ILE A 1 9   ? 1.200   4.125   -3.854  1.00 27.47 ? 7   ILE A C   1 
ATOM   26   O  O   . ILE A 1 9   ? 1.831   3.348   -3.147  1.00 27.82 ? 7   ILE A O   1 
ATOM   27   C  CB  . ILE A 1 9   ? 2.726   5.396   -5.311  1.00 27.37 ? 7   ILE A CB  1 
ATOM   28   C  CG1 . ILE A 1 9   ? 2.992   6.781   -5.899  1.00 28.28 ? 7   ILE A CG1 1 
ATOM   29   C  CG2 . ILE A 1 9   ? 2.191   4.459   -6.381  1.00 26.84 ? 7   ILE A CG2 1 
ATOM   30   C  CD1 . ILE A 1 9   ? 4.009   6.780   -7.009  1.00 28.33 ? 7   ILE A CD1 1 
ATOM   31   N  N   . ILE A 1 10  ? 0.026   3.827   -4.395  1.00 26.07 ? 8   ILE A N   1 
ATOM   32   C  CA  . ILE A 1 10  ? -0.565  2.506   -4.252  1.00 25.61 ? 8   ILE A CA  1 
ATOM   33   C  C   . ILE A 1 10  ? -0.489  1.898   -5.649  1.00 24.75 ? 8   ILE A C   1 
ATOM   34   O  O   . ILE A 1 10  ? -0.780  2.573   -6.630  1.00 24.84 ? 8   ILE A O   1 
ATOM   35   C  CB  . ILE A 1 10  ? -2.032  2.583   -3.819  1.00 26.09 ? 8   ILE A CB  1 
ATOM   36   C  CG1 . ILE A 1 10  ? -2.116  3.134   -2.400  1.00 23.96 ? 8   ILE A CG1 1 
ATOM   37   C  CG2 . ILE A 1 10  ? -2.680  1.202   -3.921  1.00 25.21 ? 8   ILE A CG2 1 
ATOM   38   C  CD1 . ILE A 1 10  ? -3.511  3.169   -1.853  1.00 24.34 ? 8   ILE A CD1 1 
ATOM   39   N  N   . SER A 1 11  ? -0.075  0.640   -5.746  1.00 24.77 ? 9   SER A N   1 
ATOM   40   C  CA  . SER A 1 11  ? 0.038   -0.016  -7.037  1.00 24.89 ? 9   SER A CA  1 
ATOM   41   C  C   . SER A 1 11  ? -0.339  -1.475  -6.945  1.00 26.80 ? 9   SER A C   1 
ATOM   42   O  O   . SER A 1 11  ? 0.179   -2.210  -6.105  1.00 29.43 ? 9   SER A O   1 
ATOM   43   C  CB  . SER A 1 11  ? 1.470   0.106   -7.571  1.00 26.49 ? 9   SER A CB  1 
ATOM   44   O  OG  . SER A 1 11  ? 1.632   -0.562  -8.827  1.00 28.01 ? 9   SER A OG  1 
ATOM   45   N  N   . VAL A 1 12  ? -1.242  -1.902  -7.817  1.00 26.57 ? 10  VAL A N   1 
ATOM   46   C  CA  . VAL A 1 12  ? -1.666  -3.294  -7.835  1.00 25.24 ? 10  VAL A CA  1 
ATOM   47   C  C   . VAL A 1 12  ? -1.870  -3.769  -9.259  1.00 26.48 ? 10  VAL A C   1 
ATOM   48   O  O   . VAL A 1 12  ? -2.330  -3.011  -10.103 1.00 26.08 ? 10  VAL A O   1 
ATOM   49   C  CB  . VAL A 1 12  ? -3.005  -3.523  -7.098  1.00 23.93 ? 10  VAL A CB  1 
ATOM   50   C  CG1 . VAL A 1 12  ? -2.832  -4.608  -6.054  1.00 24.20 ? 10  VAL A CG1 1 
ATOM   51   C  CG2 . VAL A 1 12  ? -3.518  -2.240  -6.495  1.00 23.04 ? 10  VAL A CG2 1 
ATOM   52   N  N   . PHE A 1 13  ? -1.516  -5.023  -9.515  1.00 27.43 ? 11  PHE A N   1 
ATOM   53   C  CA  . PHE A 1 13  ? -1.707  -5.634  -10.814 1.00 28.82 ? 11  PHE A CA  1 
ATOM   54   C  C   . PHE A 1 13  ? -2.898  -6.551  -10.607 1.00 29.50 ? 11  PHE A C   1 
ATOM   55   O  O   . PHE A 1 13  ? -2.858  -7.421  -9.757  1.00 31.23 ? 11  PHE A O   1 
ATOM   56   C  CB  . PHE A 1 13  ? -0.502  -6.485  -11.213 1.00 30.86 ? 11  PHE A CB  1 
ATOM   57   C  CG  . PHE A 1 13  ? 0.777   -5.717  -11.345 1.00 35.21 ? 11  PHE A CG  1 
ATOM   58   C  CD1 . PHE A 1 13  ? 0.883   -4.657  -12.245 1.00 35.35 ? 11  PHE A CD1 1 
ATOM   59   C  CD2 . PHE A 1 13  ? 1.893   -6.053  -10.568 1.00 37.93 ? 11  PHE A CD2 1 
ATOM   60   C  CE1 . PHE A 1 13  ? 2.078   -3.939  -12.372 1.00 35.18 ? 11  PHE A CE1 1 
ATOM   61   C  CE2 . PHE A 1 13  ? 3.101   -5.339  -10.686 1.00 36.65 ? 11  PHE A CE2 1 
ATOM   62   C  CZ  . PHE A 1 13  ? 3.187   -4.279  -11.592 1.00 34.84 ? 11  PHE A CZ  1 
ATOM   63   N  N   . ILE A 1 14  ? -3.964  -6.363  -11.369 1.00 30.95 ? 12  ILE A N   1 
ATOM   64   C  CA  . ILE A 1 14  ? -5.125  -7.224  -11.226 1.00 29.49 ? 12  ILE A CA  1 
ATOM   65   C  C   . ILE A 1 14  ? -5.251  -8.123  -12.435 1.00 31.11 ? 12  ILE A C   1 
ATOM   66   O  O   . ILE A 1 14  ? -5.134  -7.668  -13.568 1.00 31.83 ? 12  ILE A O   1 
ATOM   67   C  CB  . ILE A 1 14  ? -6.396  -6.410  -11.052 1.00 27.46 ? 12  ILE A CB  1 
ATOM   68   C  CG1 . ILE A 1 14  ? -6.249  -5.531  -9.808  1.00 26.53 ? 12  ILE A CG1 1 
ATOM   69   C  CG2 . ILE A 1 14  ? -7.594  -7.353  -10.931 1.00 26.43 ? 12  ILE A CG2 1 
ATOM   70   C  CD1 . ILE A 1 14  ? -7.312  -4.472  -9.654  1.00 25.99 ? 12  ILE A CD1 1 
ATOM   71   N  N   . HIS A 1 15  ? -5.495  -9.405  -12.175 1.00 33.31 ? 13  HIS A N   1 
ATOM   72   C  CA  . HIS A 1 15  ? -5.605  -10.427 -13.211 1.00 35.50 ? 13  HIS A CA  1 
ATOM   73   C  C   . HIS A 1 15  ? -7.030  -10.744 -13.644 1.00 37.99 ? 13  HIS A C   1 
ATOM   74   O  O   . HIS A 1 15  ? -7.997  -10.346 -12.992 1.00 39.44 ? 13  HIS A O   1 
ATOM   75   C  CB  . HIS A 1 15  ? -4.936  -11.699 -12.717 1.00 35.21 ? 13  HIS A CB  1 
ATOM   76   C  CG  . HIS A 1 15  ? -3.478  -11.540 -12.436 1.00 34.87 ? 13  HIS A CG  1 
ATOM   77   N  ND1 . HIS A 1 15  ? -2.513  -11.680 -13.409 1.00 36.19 ? 13  HIS A ND1 1 
ATOM   78   C  CD2 . HIS A 1 15  ? -2.819  -11.227 -11.297 1.00 35.96 ? 13  HIS A CD2 1 
ATOM   79   C  CE1 . HIS A 1 15  ? -1.323  -11.461 -12.882 1.00 37.18 ? 13  HIS A CE1 1 
ATOM   80   N  NE2 . HIS A 1 15  ? -1.480  -11.183 -11.602 1.00 37.58 ? 13  HIS A NE2 1 
ATOM   81   N  N   . GLU A 1 16  ? -7.153  -11.475 -14.747 1.00 40.42 ? 14  GLU A N   1 
ATOM   82   C  CA  . GLU A 1 16  ? -8.462  -11.846 -15.271 1.00 44.35 ? 14  GLU A CA  1 
ATOM   83   C  C   . GLU A 1 16  ? -9.316  -12.583 -14.235 1.00 45.10 ? 14  GLU A C   1 
ATOM   84   O  O   . GLU A 1 16  ? -10.490 -12.261 -14.028 1.00 45.51 ? 14  GLU A O   1 
ATOM   85   C  CB  . GLU A 1 16  ? -8.293  -12.707 -16.525 1.00 46.93 ? 14  GLU A CB  1 
ATOM   86   C  CG  . GLU A 1 16  ? -7.944  -11.903 -17.777 1.00 50.48 ? 14  GLU A CG  1 
ATOM   87   C  CD  . GLU A 1 16  ? -7.416  -12.778 -18.895 1.00 53.89 ? 14  GLU A CD  1 
ATOM   88   O  OE1 . GLU A 1 16  ? -7.187  -12.252 -20.010 1.00 52.92 ? 14  GLU A OE1 1 
ATOM   89   O  OE2 . GLU A 1 16  ? -7.227  -13.994 -18.646 1.00 55.87 ? 14  GLU A OE2 1 
ATOM   90   N  N   . THR A 1 17  ? -8.711  -13.567 -13.586 1.00 44.61 ? 15  THR A N   1 
ATOM   91   C  CA  . THR A 1 17  ? -9.377  -14.356 -12.562 1.00 43.81 ? 15  THR A CA  1 
ATOM   92   C  C   . THR A 1 17  ? -9.814  -13.541 -11.346 1.00 43.19 ? 15  THR A C   1 
ATOM   93   O  O   . THR A 1 17  ? -10.734 -13.927 -10.633 1.00 43.61 ? 15  THR A O   1 
ATOM   94   C  CB  . THR A 1 17  ? -8.449  -15.476 -12.087 1.00 43.64 ? 15  THR A CB  1 
ATOM   95   O  OG1 . THR A 1 17  ? -8.320  -16.438 -13.137 1.00 42.86 ? 15  THR A OG1 1 
ATOM   96   C  CG2 . THR A 1 17  ? -8.988  -16.141 -10.823 1.00 43.95 ? 15  THR A CG2 1 
ATOM   97   N  N   . GLU A 1 18  ? -9.158  -12.412 -11.107 1.00 42.06 ? 16  GLU A N   1 
ATOM   98   C  CA  . GLU A 1 18  ? -9.489  -11.588 -9.952  1.00 40.59 ? 16  GLU A CA  1 
ATOM   99   C  C   . GLU A 1 18  ? -10.736 -10.723 -10.153 1.00 41.08 ? 16  GLU A C   1 
ATOM   100  O  O   . GLU A 1 18  ? -11.103 -10.389 -11.281 1.00 43.07 ? 16  GLU A O   1 
ATOM   101  C  CB  . GLU A 1 18  ? -8.280  -10.726 -9.584  1.00 39.40 ? 16  GLU A CB  1 
ATOM   102  C  CG  . GLU A 1 18  ? -7.043  -11.565 -9.252  1.00 37.36 ? 16  GLU A CG  1 
ATOM   103  C  CD  . GLU A 1 18  ? -5.839  -10.735 -8.856  1.00 38.11 ? 16  GLU A CD  1 
ATOM   104  O  OE1 . GLU A 1 18  ? -5.261  -10.053 -9.721  1.00 37.50 ? 16  GLU A OE1 1 
ATOM   105  O  OE2 . GLU A 1 18  ? -5.470  -10.763 -7.668  1.00 39.09 ? 16  GLU A OE2 1 
ATOM   106  N  N   . ASP A 1 19  ? -11.404 -10.389 -9.053  1.00 39.49 ? 17  ASP A N   1 
ATOM   107  C  CA  . ASP A 1 19  ? -12.592 -9.555  -9.112  1.00 38.23 ? 17  ASP A CA  1 
ATOM   108  C  C   . ASP A 1 19  ? -12.093 -8.122  -8.987  1.00 38.16 ? 17  ASP A C   1 
ATOM   109  O  O   . ASP A 1 19  ? -11.889 -7.614  -7.885  1.00 38.13 ? 17  ASP A O   1 
ATOM   110  C  CB  . ASP A 1 19  ? -13.544 -9.890  -7.961  1.00 39.55 ? 17  ASP A CB  1 
ATOM   111  C  CG  . ASP A 1 19  ? -14.852 -9.115  -8.036  1.00 40.49 ? 17  ASP A CG  1 
ATOM   112  O  OD1 . ASP A 1 19  ? -14.809 -7.868  -8.127  1.00 41.23 ? 17  ASP A OD1 1 
ATOM   113  O  OD2 . ASP A 1 19  ? -15.924 -9.753  -7.999  1.00 40.35 ? 17  ASP A OD2 1 
ATOM   114  N  N   . TYR A 1 20  ? -11.889 -7.491  -10.139 1.00 36.62 ? 18  TYR A N   1 
ATOM   115  C  CA  . TYR A 1 20  ? -11.393 -6.129  -10.226 1.00 35.42 ? 18  TYR A CA  1 
ATOM   116  C  C   . TYR A 1 20  ? -12.194 -5.101  -9.432  1.00 36.62 ? 18  TYR A C   1 
ATOM   117  O  O   . TYR A 1 20  ? -11.618 -4.274  -8.726  1.00 36.71 ? 18  TYR A O   1 
ATOM   118  C  CB  . TYR A 1 20  ? -11.336 -5.712  -11.696 1.00 33.63 ? 18  TYR A CB  1 
ATOM   119  C  CG  . TYR A 1 20  ? -11.060 -4.246  -11.899 1.00 30.90 ? 18  TYR A CG  1 
ATOM   120  C  CD1 . TYR A 1 20  ? -9.763  -3.741  -11.820 1.00 29.88 ? 18  TYR A CD1 1 
ATOM   121  C  CD2 . TYR A 1 20  ? -12.107 -3.351  -12.109 1.00 30.98 ? 18  TYR A CD2 1 
ATOM   122  C  CE1 . TYR A 1 20  ? -9.515  -2.378  -11.942 1.00 29.80 ? 18  TYR A CE1 1 
ATOM   123  C  CE2 . TYR A 1 20  ? -11.874 -1.988  -12.227 1.00 31.11 ? 18  TYR A CE2 1 
ATOM   124  C  CZ  . TYR A 1 20  ? -10.575 -1.505  -12.138 1.00 31.32 ? 18  TYR A CZ  1 
ATOM   125  O  OH  . TYR A 1 20  ? -10.355 -0.148  -12.186 1.00 30.33 ? 18  TYR A OH  1 
ATOM   126  N  N   . ASN A 1 21  ? -13.518 -5.141  -9.546  1.00 37.73 ? 19  ASN A N   1 
ATOM   127  C  CA  . ASN A 1 21  ? -14.363 -4.183  -8.832  1.00 38.95 ? 19  ASN A CA  1 
ATOM   128  C  C   . ASN A 1 21  ? -14.268 -4.356  -7.321  1.00 38.28 ? 19  ASN A C   1 
ATOM   129  O  O   . ASN A 1 21  ? -14.146 -3.382  -6.567  1.00 37.16 ? 19  ASN A O   1 
ATOM   130  C  CB  . ASN A 1 21  ? -15.812 -4.331  -9.283  1.00 40.62 ? 19  ASN A CB  1 
ATOM   131  C  CG  . ASN A 1 21  ? -15.992 -4.013  -10.751 1.00 43.00 ? 19  ASN A CG  1 
ATOM   132  O  OD1 . ASN A 1 21  ? -15.625 -2.929  -11.207 1.00 42.94 ? 19  ASN A OD1 1 
ATOM   133  N  ND2 . ASN A 1 21  ? -16.558 -4.960  -11.504 1.00 44.94 ? 19  ASN A ND2 1 
ATOM   134  N  N   . LYS A 1 22  ? -14.320 -5.610  -6.896  1.00 36.99 ? 20  LYS A N   1 
ATOM   135  C  CA  . LYS A 1 22  ? -14.233 -5.962  -5.493  1.00 36.76 ? 20  LYS A CA  1 
ATOM   136  C  C   . LYS A 1 22  ? -12.971 -5.334  -4.894  1.00 35.11 ? 20  LYS A C   1 
ATOM   137  O  O   . LYS A 1 22  ? -13.018 -4.741  -3.818  1.00 35.20 ? 20  LYS A O   1 
ATOM   138  C  CB  . LYS A 1 22  ? -14.196 -7.491  -5.371  1.00 40.09 ? 20  LYS A CB  1 
ATOM   139  C  CG  . LYS A 1 22  ? -14.500 -8.048  -3.993  1.00 42.82 ? 20  LYS A CG  1 
ATOM   140  C  CD  . LYS A 1 22  ? -13.433 -7.662  -2.993  1.00 48.04 ? 20  LYS A CD  1 
ATOM   141  C  CE  . LYS A 1 22  ? -13.877 -8.041  -1.603  1.00 52.35 ? 20  LYS A CE  1 
ATOM   142  N  NZ  . LYS A 1 22  ? -15.257 -7.517  -1.339  1.00 56.34 ? 20  LYS A NZ  1 
ATOM   143  N  N   . ILE A 1 23  ? -11.846 -5.461  -5.595  1.00 33.31 ? 21  ILE A N   1 
ATOM   144  C  CA  . ILE A 1 23  ? -10.578 -4.897  -5.125  1.00 32.31 ? 21  ILE A CA  1 
ATOM   145  C  C   . ILE A 1 23  ? -10.596 -3.359  -5.071  1.00 31.31 ? 21  ILE A C   1 
ATOM   146  O  O   . ILE A 1 23  ? -10.181 -2.750  -4.078  1.00 31.47 ? 21  ILE A O   1 
ATOM   147  C  CB  . ILE A 1 23  ? -9.410  -5.346  -6.029  1.00 32.82 ? 21  ILE A CB  1 
ATOM   148  C  CG1 . ILE A 1 23  ? -9.336  -6.868  -6.063  1.00 33.32 ? 21  ILE A CG1 1 
ATOM   149  C  CG2 . ILE A 1 23  ? -8.092  -4.787  -5.514  1.00 33.19 ? 21  ILE A CG2 1 
ATOM   150  C  CD1 . ILE A 1 23  ? -8.337  -7.419  -7.086  1.00 31.56 ? 21  ILE A CD1 1 
ATOM   151  N  N   . VAL A 1 24  ? -11.082 -2.743  -6.146  1.00 30.81 ? 22  VAL A N   1 
ATOM   152  C  CA  . VAL A 1 24  ? -11.164 -1.286  -6.244  1.00 28.42 ? 22  VAL A CA  1 
ATOM   153  C  C   . VAL A 1 24  ? -11.966 -0.725  -5.091  1.00 26.53 ? 22  VAL A C   1 
ATOM   154  O  O   . VAL A 1 24  ? -11.504 0.171   -4.381  1.00 23.28 ? 22  VAL A O   1 
ATOM   155  C  CB  . VAL A 1 24  ? -11.860 -0.834  -7.567  1.00 29.20 ? 22  VAL A CB  1 
ATOM   156  C  CG1 . VAL A 1 24  ? -12.012 0.692   -7.591  1.00 26.65 ? 22  VAL A CG1 1 
ATOM   157  C  CG2 . VAL A 1 24  ? -11.053 -1.300  -8.768  1.00 27.64 ? 22  VAL A CG2 1 
ATOM   158  N  N   . ASN A 1 25  ? -13.176 -1.256  -4.917  1.00 26.58 ? 23  ASN A N   1 
ATOM   159  C  CA  . ASN A 1 25  ? -14.046 -0.789  -3.849  1.00 27.93 ? 23  ASN A CA  1 
ATOM   160  C  C   . ASN A 1 25  ? -13.376 -0.980  -2.514  1.00 28.87 ? 23  ASN A C   1 
ATOM   161  O  O   . ASN A 1 25  ? -13.361 -0.060  -1.685  1.00 30.38 ? 23  ASN A O   1 
ATOM   162  C  CB  . ASN A 1 25  ? -15.373 -1.529  -3.853  1.00 28.30 ? 23  ASN A CB  1 
ATOM   163  C  CG  . ASN A 1 25  ? -16.124 -1.365  -5.153  1.00 30.58 ? 23  ASN A CG  1 
ATOM   164  O  OD1 . ASN A 1 25  ? -16.058 -0.310  -5.793  1.00 31.26 ? 23  ASN A OD1 1 
ATOM   165  N  ND2 . ASN A 1 25  ? -16.861 -2.406  -5.549  1.00 30.37 ? 23  ASN A ND2 1 
ATOM   166  N  N   . THR A 1 26  ? -12.808 -2.167  -2.309  1.00 28.41 ? 24  THR A N   1 
ATOM   167  C  CA  . THR A 1 26  ? -12.129 -2.444  -1.055  1.00 29.19 ? 24  THR A CA  1 
ATOM   168  C  C   . THR A 1 26  ? -11.066 -1.385  -0.806  1.00 29.06 ? 24  THR A C   1 
ATOM   169  O  O   . THR A 1 26  ? -11.050 -0.753  0.254   1.00 31.36 ? 24  THR A O   1 
ATOM   170  C  CB  . THR A 1 26  ? -11.457 -3.838  -1.048  1.00 31.10 ? 24  THR A CB  1 
ATOM   171  O  OG1 . THR A 1 26  ? -12.458 -4.855  -1.137  1.00 32.44 ? 24  THR A OG1 1 
ATOM   172  C  CG2 . THR A 1 26  ? -10.671 -4.046  0.243   1.00 30.63 ? 24  THR A CG2 1 
ATOM   173  N  N   . ILE A 1 27  ? -10.186 -1.178  -1.780  1.00 27.42 ? 25  ILE A N   1 
ATOM   174  C  CA  . ILE A 1 27  ? -9.122  -0.191  -1.606  1.00 27.04 ? 25  ILE A CA  1 
ATOM   175  C  C   . ILE A 1 27  ? -9.621  1.245   -1.440  1.00 27.94 ? 25  ILE A C   1 
ATOM   176  O  O   . ILE A 1 27  ? -9.188  1.959   -0.537  1.00 26.69 ? 25  ILE A O   1 
ATOM   177  C  CB  . ILE A 1 27  ? -8.111  -0.256  -2.767  1.00 26.45 ? 25  ILE A CB  1 
ATOM   178  C  CG1 . ILE A 1 27  ? -7.431  -1.632  -2.776  1.00 23.25 ? 25  ILE A CG1 1 
ATOM   179  C  CG2 . ILE A 1 27  ? -7.093  0.857   -2.629  1.00 25.22 ? 25  ILE A CG2 1 
ATOM   180  C  CD1 . ILE A 1 27  ? -6.309  -1.776  -3.769  1.00 20.20 ? 25  ILE A CD1 1 
ATOM   181  N  N   . GLU A 1 28  ? -10.543 1.670   -2.294  1.00 30.17 ? 26  GLU A N   1 
ATOM   182  C  CA  . GLU A 1 28  ? -11.046 3.034   -2.193  1.00 31.84 ? 26  GLU A CA  1 
ATOM   183  C  C   . GLU A 1 28  ? -11.813 3.253   -0.884  1.00 33.54 ? 26  GLU A C   1 
ATOM   184  O  O   . GLU A 1 28  ? -11.887 4.375   -0.369  1.00 34.85 ? 26  GLU A O   1 
ATOM   185  C  CB  . GLU A 1 28  ? -11.907 3.369   -3.413  1.00 27.60 ? 26  GLU A CB  1 
ATOM   186  C  CG  . GLU A 1 28  ? -11.165 3.108   -4.698  1.00 26.45 ? 26  GLU A CG  1 
ATOM   187  C  CD  . GLU A 1 28  ? -11.803 3.727   -5.919  1.00 25.51 ? 26  GLU A CD  1 
ATOM   188  O  OE1 . GLU A 1 28  ? -13.029 3.593   -6.102  1.00 25.19 ? 26  GLU A OE1 1 
ATOM   189  O  OE2 . GLU A 1 28  ? -11.061 4.341   -6.708  1.00 22.96 ? 26  GLU A OE2 1 
ATOM   190  N  N   . SER A 1 29  ? -12.372 2.186   -0.336  1.00 33.21 ? 27  SER A N   1 
ATOM   191  C  CA  . SER A 1 29  ? -13.085 2.307   0.924   1.00 34.55 ? 27  SER A CA  1 
ATOM   192  C  C   . SER A 1 29  ? -12.101 2.284   2.093   1.00 35.03 ? 27  SER A C   1 
ATOM   193  O  O   . SER A 1 29  ? -12.070 3.185   2.935   1.00 35.94 ? 27  SER A O   1 
ATOM   194  C  CB  . SER A 1 29  ? -14.067 1.162   1.083   1.00 35.09 ? 27  SER A CB  1 
ATOM   195  O  OG  . SER A 1 29  ? -14.517 1.128   2.417   1.00 40.16 ? 27  SER A OG  1 
ATOM   196  N  N   . PHE A 1 30  ? -11.286 1.240   2.133   1.00 35.12 ? 28  PHE A N   1 
ATOM   197  C  CA  . PHE A 1 30  ? -10.305 1.088   3.187   1.00 34.05 ? 28  PHE A CA  1 
ATOM   198  C  C   . PHE A 1 30  ? -9.488  2.360   3.420   1.00 33.29 ? 28  PHE A C   1 
ATOM   199  O  O   . PHE A 1 30  ? -9.103  2.658   4.542   1.00 34.19 ? 28  PHE A O   1 
ATOM   200  C  CB  . PHE A 1 30  ? -9.363  -0.063  2.844   1.00 35.02 ? 28  PHE A CB  1 
ATOM   201  C  CG  . PHE A 1 30  ? -8.539  -0.531  4.007   1.00 36.63 ? 28  PHE A CG  1 
ATOM   202  C  CD1 . PHE A 1 30  ? -9.036  -1.499  4.882   1.00 36.11 ? 28  PHE A CD1 1 
ATOM   203  C  CD2 . PHE A 1 30  ? -7.273  0.006   4.240   1.00 37.10 ? 28  PHE A CD2 1 
ATOM   204  C  CE1 . PHE A 1 30  ? -8.282  -1.928  5.972   1.00 36.24 ? 28  PHE A CE1 1 
ATOM   205  C  CE2 . PHE A 1 30  ? -6.512  -0.416  5.327   1.00 37.42 ? 28  PHE A CE2 1 
ATOM   206  C  CZ  . PHE A 1 30  ? -7.019  -1.385  6.196   1.00 36.26 ? 28  PHE A CZ  1 
ATOM   207  N  N   . PHE A 1 31  ? -9.203  3.103   2.359   1.00 32.80 ? 29  PHE A N   1 
ATOM   208  C  CA  . PHE A 1 31  ? -8.414  4.323   2.491   1.00 33.38 ? 29  PHE A CA  1 
ATOM   209  C  C   . PHE A 1 31  ? -9.270  5.562   2.388   1.00 33.77 ? 29  PHE A C   1 
ATOM   210  O  O   . PHE A 1 31  ? -8.768  6.673   2.189   1.00 29.64 ? 29  PHE A O   1 
ATOM   211  C  CB  . PHE A 1 31  ? -7.324  4.375   1.427   1.00 32.21 ? 29  PHE A CB  1 
ATOM   212  C  CG  . PHE A 1 31  ? -6.242  3.367   1.635   1.00 33.51 ? 29  PHE A CG  1 
ATOM   213  C  CD1 . PHE A 1 31  ? -6.178  2.221   0.850   1.00 32.49 ? 29  PHE A CD1 1 
ATOM   214  C  CD2 . PHE A 1 31  ? -5.287  3.558   2.631   1.00 31.89 ? 29  PHE A CD2 1 
ATOM   215  C  CE1 . PHE A 1 31  ? -5.179  1.282   1.049   1.00 32.06 ? 29  PHE A CE1 1 
ATOM   216  C  CE2 . PHE A 1 31  ? -4.291  2.630   2.839   1.00 31.24 ? 29  PHE A CE2 1 
ATOM   217  C  CZ  . PHE A 1 31  ? -4.232  1.486   2.045   1.00 31.59 ? 29  PHE A CZ  1 
ATOM   218  N  N   . SER A 1 32  ? -10.573 5.353   2.522   1.00 36.03 ? 30  SER A N   1 
ATOM   219  C  CA  . SER A 1 32  ? -11.530 6.437   2.448   1.00 40.71 ? 30  SER A CA  1 
ATOM   220  C  C   . SER A 1 32  ? -11.494 7.236   3.744   1.00 41.85 ? 30  SER A C   1 
ATOM   221  O  O   . SER A 1 32  ? -11.327 6.674   4.832   1.00 43.27 ? 30  SER A O   1 
ATOM   222  C  CB  . SER A 1 32  ? -12.930 5.872   2.201   1.00 42.23 ? 30  SER A CB  1 
ATOM   223  O  OG  . SER A 1 32  ? -13.930 6.703   2.760   1.00 48.27 ? 30  SER A OG  1 
ATOM   224  N  N   . PRO A 1 33  ? -11.669 8.565   3.644   1.00 41.68 ? 31  PRO A N   1 
ATOM   225  C  CA  . PRO A 1 33  ? -11.890 9.267   2.379   1.00 39.77 ? 31  PRO A CA  1 
ATOM   226  C  C   . PRO A 1 33  ? -10.658 9.957   1.808   1.00 39.03 ? 31  PRO A C   1 
ATOM   227  O  O   . PRO A 1 33  ? -10.756 10.686  0.819   1.00 40.20 ? 31  PRO A O   1 
ATOM   228  C  CB  . PRO A 1 33  ? -12.974 10.263  2.750   1.00 40.95 ? 31  PRO A CB  1 
ATOM   229  C  CG  . PRO A 1 33  ? -12.509 10.716  4.099   1.00 42.38 ? 31  PRO A CG  1 
ATOM   230  C  CD  . PRO A 1 33  ? -12.026 9.431   4.785   1.00 41.73 ? 31  PRO A CD  1 
ATOM   231  N  N   . LEU A 1 34  ? -9.496  9.738   2.415   1.00 37.90 ? 32  LEU A N   1 
ATOM   232  C  CA  . LEU A 1 34  ? -8.287  10.379  1.913   1.00 36.11 ? 32  LEU A CA  1 
ATOM   233  C  C   . LEU A 1 34  ? -8.050  10.065  0.443   1.00 36.37 ? 32  LEU A C   1 
ATOM   234  O  O   . LEU A 1 34  ? -7.788  10.969  -0.357  1.00 36.68 ? 32  LEU A O   1 
ATOM   235  C  CB  . LEU A 1 34  ? -7.056  9.949   2.708   1.00 34.10 ? 32  LEU A CB  1 
ATOM   236  C  CG  . LEU A 1 34  ? -5.772  10.641  2.222   1.00 34.02 ? 32  LEU A CG  1 
ATOM   237  C  CD1 . LEU A 1 34  ? -5.788  12.091  2.664   1.00 33.47 ? 32  LEU A CD1 1 
ATOM   238  C  CD2 . LEU A 1 34  ? -4.534  9.939   2.764   1.00 32.84 ? 32  LEU A CD2 1 
ATOM   239  N  N   . ILE A 1 35  ? -8.153  8.781   0.098   1.00 35.62 ? 33  ILE A N   1 
ATOM   240  C  CA  . ILE A 1 35  ? -7.918  8.307   -1.269  1.00 34.68 ? 33  ILE A CA  1 
ATOM   241  C  C   . ILE A 1 35  ? -8.826  8.971   -2.300  1.00 36.56 ? 33  ILE A C   1 
ATOM   242  O  O   . ILE A 1 35  ? -8.594  8.892   -3.508  1.00 35.86 ? 33  ILE A O   1 
ATOM   243  C  CB  . ILE A 1 35  ? -8.095  6.778   -1.359  1.00 32.57 ? 33  ILE A CB  1 
ATOM   244  C  CG1 . ILE A 1 35  ? -7.443  6.263   -2.640  1.00 30.58 ? 33  ILE A CG1 1 
ATOM   245  C  CG2 . ILE A 1 35  ? -9.579  6.410   -1.315  1.00 29.22 ? 33  ILE A CG2 1 
ATOM   246  C  CD1 . ILE A 1 35  ? -7.294  4.756   -2.687  1.00 30.56 ? 33  ILE A CD1 1 
ATOM   247  N  N   . SER A 1 36  ? -9.864  9.636   -1.825  1.00 36.97 ? 34  SER A N   1 
ATOM   248  C  CA  . SER A 1 36  ? -10.766 10.289  -2.743  1.00 37.98 ? 34  SER A CA  1 
ATOM   249  C  C   . SER A 1 36  ? -10.080 11.529  -3.329  1.00 37.47 ? 34  SER A C   1 
ATOM   250  O  O   . SER A 1 36  ? -10.441 12.007  -4.406  1.00 36.61 ? 34  SER A O   1 
ATOM   251  C  CB  . SER A 1 36  ? -12.048 10.662  -2.004  1.00 38.26 ? 34  SER A CB  1 
ATOM   252  O  OG  . SER A 1 36  ? -13.061 11.014  -2.922  1.00 43.08 ? 34  SER A OG  1 
ATOM   253  N  N   . ASN A 1 37  ? -9.072  12.030  -2.626  1.00 36.64 ? 35  ASN A N   1 
ATOM   254  C  CA  . ASN A 1 37  ? -8.348  13.217  -3.063  1.00 37.71 ? 35  ASN A CA  1 
ATOM   255  C  C   . ASN A 1 37  ? -7.148  12.886  -3.933  1.00 36.94 ? 35  ASN A C   1 
ATOM   256  O  O   . ASN A 1 37  ? -6.472  13.792  -4.415  1.00 38.40 ? 35  ASN A O   1 
ATOM   257  C  CB  . ASN A 1 37  ? -7.812  14.001  -1.865  1.00 40.95 ? 35  ASN A CB  1 
ATOM   258  C  CG  . ASN A 1 37  ? -8.854  14.245  -0.808  1.00 43.98 ? 35  ASN A CG  1 
ATOM   259  O  OD1 . ASN A 1 37  ? -8.551  14.807  0.250   1.00 44.44 ? 35  ASN A OD1 1 
ATOM   260  N  ND2 . ASN A 1 37  ? -10.091 13.828  -1.079  1.00 45.36 ? 35  ASN A ND2 1 
ATOM   261  N  N   . SER A 1 38  ? -6.870  11.601  -4.119  1.00 34.46 ? 36  SER A N   1 
ATOM   262  C  CA  . SER A 1 38  ? -5.710  11.185  -4.893  1.00 31.36 ? 36  SER A CA  1 
ATOM   263  C  C   . SER A 1 38  ? -5.962  11.026  -6.395  1.00 28.56 ? 36  SER A C   1 
ATOM   264  O  O   . SER A 1 38  ? -7.107  10.955  -6.848  1.00 27.78 ? 36  SER A O   1 
ATOM   265  C  CB  . SER A 1 38  ? -5.158  9.869   -4.314  1.00 31.97 ? 36  SER A CB  1 
ATOM   266  O  OG  . SER A 1 38  ? -5.978  8.756   -4.641  1.00 33.41 ? 36  SER A OG  1 
ATOM   267  N  N   . LYS A 1 39  ? -4.874  10.985  -7.161  1.00 26.09 ? 37  LYS A N   1 
ATOM   268  C  CA  . LYS A 1 39  ? -4.957  10.803  -8.600  1.00 23.96 ? 37  LYS A CA  1 
ATOM   269  C  C   . LYS A 1 39  ? -4.996  9.302   -8.860  1.00 22.05 ? 37  LYS A C   1 
ATOM   270  O  O   . LYS A 1 39  ? -4.048  8.584   -8.552  1.00 22.15 ? 37  LYS A O   1 
ATOM   271  C  CB  . LYS A 1 39  ? -3.738  11.420  -9.285  1.00 25.18 ? 37  LYS A CB  1 
ATOM   272  C  CG  . LYS A 1 39  ? -3.738  11.274  -10.806 1.00 25.86 ? 37  LYS A CG  1 
ATOM   273  C  CD  . LYS A 1 39  ? -2.426  11.742  -11.393 1.00 27.86 ? 37  LYS A CD  1 
ATOM   274  C  CE  . LYS A 1 39  ? -2.425  11.621  -12.900 1.00 31.78 ? 37  LYS A CE  1 
ATOM   275  N  NZ  . LYS A 1 39  ? -3.547  12.403  -13.496 1.00 35.57 ? 37  LYS A NZ  1 
ATOM   276  N  N   . LYS A 1 40  ? -6.101  8.826   -9.417  1.00 21.27 ? 38  LYS A N   1 
ATOM   277  C  CA  . LYS A 1 40  ? -6.268  7.409   -9.708  1.00 19.00 ? 38  LYS A CA  1 
ATOM   278  C  C   . LYS A 1 40  ? -5.918  7.111   -11.159 1.00 19.03 ? 38  LYS A C   1 
ATOM   279  O  O   . LYS A 1 40  ? -6.203  7.902   -12.047 1.00 21.44 ? 38  LYS A O   1 
ATOM   280  C  CB  . LYS A 1 40  ? -7.711  6.999   -9.422  1.00 16.19 ? 38  LYS A CB  1 
ATOM   281  C  CG  . LYS A 1 40  ? -8.095  5.608   -9.892  1.00 14.73 ? 38  LYS A CG  1 
ATOM   282  C  CD  . LYS A 1 40  ? -9.541  5.341   -9.521  1.00 12.41 ? 38  LYS A CD  1 
ATOM   283  C  CE  . LYS A 1 40  ? -10.015 4.021   -10.062 1.00 14.86 ? 38  LYS A CE  1 
ATOM   284  N  NZ  . LYS A 1 40  ? -11.443 3.735   -9.745  1.00 15.66 ? 38  LYS A NZ  1 
ATOM   285  N  N   . ASN A 1 41  ? -5.292  5.964   -11.392 1.00 20.26 ? 39  ASN A N   1 
ATOM   286  C  CA  . ASN A 1 41  ? -4.912  5.546   -12.732 1.00 16.74 ? 39  ASN A CA  1 
ATOM   287  C  C   . ASN A 1 41  ? -5.232  4.083   -12.911 1.00 18.12 ? 39  ASN A C   1 
ATOM   288  O  O   . ASN A 1 41  ? -5.032  3.277   -11.999 1.00 17.96 ? 39  ASN A O   1 
ATOM   289  C  CB  . ASN A 1 41  ? -3.416  5.710   -12.963 1.00 19.19 ? 39  ASN A CB  1 
ATOM   290  C  CG  . ASN A 1 41  ? -2.995  7.147   -13.078 1.00 21.61 ? 39  ASN A CG  1 
ATOM   291  O  OD1 . ASN A 1 41  ? -2.934  7.700   -14.180 1.00 21.20 ? 39  ASN A OD1 1 
ATOM   292  N  ND2 . ASN A 1 41  ? -2.700  7.769   -11.934 1.00 23.49 ? 39  ASN A ND2 1 
ATOM   293  N  N   . VAL A 1 42  ? -5.734  3.747   -14.094 1.00 17.88 ? 40  VAL A N   1 
ATOM   294  C  CA  . VAL A 1 42  ? -6.034  2.373   -14.437 1.00 17.43 ? 40  VAL A CA  1 
ATOM   295  C  C   . VAL A 1 42  ? -5.484  2.217   -15.836 1.00 18.79 ? 40  VAL A C   1 
ATOM   296  O  O   . VAL A 1 42  ? -5.769  3.039   -16.690 1.00 20.08 ? 40  VAL A O   1 
ATOM   297  C  CB  . VAL A 1 42  ? -7.559  2.088   -14.458 1.00 18.35 ? 40  VAL A CB  1 
ATOM   298  C  CG1 . VAL A 1 42  ? -7.793  0.610   -14.728 1.00 13.95 ? 40  VAL A CG1 1 
ATOM   299  C  CG2 . VAL A 1 42  ? -8.203  2.500   -13.122 1.00 16.07 ? 40  VAL A CG2 1 
ATOM   300  N  N   . THR A 1 43  ? -4.676  1.182   -16.054 1.00 21.85 ? 41  THR A N   1 
ATOM   301  C  CA  . THR A 1 43  ? -4.076  0.885   -17.362 1.00 22.07 ? 41  THR A CA  1 
ATOM   302  C  C   . THR A 1 43  ? -4.222  -0.603  -17.613 1.00 24.30 ? 41  THR A C   1 
ATOM   303  O  O   . THR A 1 43  ? -4.220  -1.390  -16.672 1.00 26.47 ? 41  THR A O   1 
ATOM   304  C  CB  . THR A 1 43  ? -2.571  1.161   -17.383 1.00 22.20 ? 41  THR A CB  1 
ATOM   305  O  OG1 . THR A 1 43  ? -2.325  2.545   -17.114 1.00 26.12 ? 41  THR A OG1 1 
ATOM   306  C  CG2 . THR A 1 43  ? -1.986  0.773   -18.726 1.00 20.98 ? 41  THR A CG2 1 
ATOM   307  N  N   . THR A 1 44  ? -4.343  -1.001  -18.870 1.00 25.83 ? 42  THR A N   1 
ATOM   308  C  CA  . THR A 1 44  ? -4.454  -2.420  -19.187 1.00 27.44 ? 42  THR A CA  1 
ATOM   309  C  C   . THR A 1 44  ? -3.362  -2.818  -20.161 1.00 28.44 ? 42  THR A C   1 
ATOM   310  O  O   . THR A 1 44  ? -3.216  -2.199  -21.210 1.00 30.67 ? 42  THR A O   1 
ATOM   311  C  CB  . THR A 1 44  ? -5.762  -2.751  -19.883 1.00 27.29 ? 42  THR A CB  1 
ATOM   312  O  OG1 . THR A 1 44  ? -5.791  -2.052  -21.132 1.00 31.26 ? 42  THR A OG1 1 
ATOM   313  C  CG2 . THR A 1 44  ? -6.960  -2.348  -19.030 1.00 26.49 ? 42  THR A CG2 1 
ATOM   314  N  N   . ALA A 1 45  ? -2.594  -3.842  -19.821 1.00 28.33 ? 43  ALA A N   1 
ATOM   315  C  CA  . ALA A 1 45  ? -1.558  -4.341  -20.719 1.00 27.51 ? 43  ALA A CA  1 
ATOM   316  C  C   . ALA A 1 45  ? -2.024  -5.745  -21.116 1.00 27.57 ? 43  ALA A C   1 
ATOM   317  O  O   . ALA A 1 45  ? -2.984  -6.265  -20.549 1.00 29.08 ? 43  ALA A O   1 
ATOM   318  C  CB  . ALA A 1 45  ? -0.206  -4.400  -20.000 1.00 26.09 ? 43  ALA A CB  1 
ATOM   319  N  N   . GLN A 1 46  ? -1.362  -6.362  -22.085 1.00 27.86 ? 44  GLN A N   1 
ATOM   320  C  CA  . GLN A 1 46  ? -1.741  -7.708  -22.512 1.00 27.90 ? 44  GLN A CA  1 
ATOM   321  C  C   . GLN A 1 46  ? -0.710  -8.255  -23.466 1.00 27.83 ? 44  GLN A C   1 
ATOM   322  O  O   . GLN A 1 46  ? 0.068   -7.503  -24.038 1.00 28.46 ? 44  GLN A O   1 
ATOM   323  C  CB  . GLN A 1 46  ? -3.085  -7.688  -23.227 1.00 30.07 ? 44  GLN A CB  1 
ATOM   324  C  CG  . GLN A 1 46  ? -3.064  -6.869  -24.505 1.00 32.97 ? 44  GLN A CG  1 
ATOM   325  C  CD  . GLN A 1 46  ? -4.336  -7.002  -25.304 1.00 37.53 ? 44  GLN A CD  1 
ATOM   326  O  OE1 . GLN A 1 46  ? -4.833  -6.023  -25.851 1.00 40.33 ? 44  GLN A OE1 1 
ATOM   327  N  NE2 . GLN A 1 46  ? -4.866  -8.219  -25.391 1.00 38.71 ? 44  GLN A NE2 1 
ATOM   328  N  N   . GLY A 1 47  ? -0.702  -9.570  -23.633 1.00 28.69 ? 45  GLY A N   1 
ATOM   329  C  CA  . GLY A 1 47  ? 0.233   -10.188 -24.556 1.00 28.98 ? 45  GLY A CA  1 
ATOM   330  C  C   . GLY A 1 47  ? -0.429  -10.295 -25.917 1.00 30.19 ? 45  GLY A C   1 
ATOM   331  O  O   . GLY A 1 47  ? -1.379  -9.572  -26.214 1.00 30.20 ? 45  GLY A O   1 
ATOM   332  N  N   . HIS A 1 48  ? 0.043   -11.208 -26.750 1.00 31.88 ? 46  HIS A N   1 
ATOM   333  C  CA  . HIS A 1 48  ? -0.542  -11.348 -28.074 1.00 33.90 ? 46  HIS A CA  1 
ATOM   334  C  C   . HIS A 1 48  ? -1.678  -12.355 -28.090 1.00 34.92 ? 46  HIS A C   1 
ATOM   335  O  O   . HIS A 1 48  ? -2.330  -12.545 -29.120 1.00 34.84 ? 46  HIS A O   1 
ATOM   336  C  CB  . HIS A 1 48  ? 0.528   -11.776 -29.079 1.00 34.15 ? 46  HIS A CB  1 
ATOM   337  C  CG  . HIS A 1 48  ? 1.703   -10.852 -29.137 1.00 36.80 ? 46  HIS A CG  1 
ATOM   338  N  ND1 . HIS A 1 48  ? 2.670   -10.811 -28.154 1.00 36.18 ? 46  HIS A ND1 1 
ATOM   339  C  CD2 . HIS A 1 48  ? 2.044   -9.904  -30.043 1.00 36.65 ? 46  HIS A CD2 1 
ATOM   340  C  CE1 . HIS A 1 48  ? 3.556   -9.878  -28.451 1.00 37.69 ? 46  HIS A CE1 1 
ATOM   341  N  NE2 . HIS A 1 48  ? 3.199   -9.312  -29.593 1.00 37.85 ? 46  HIS A NE2 1 
ATOM   342  N  N   . TYR A 1 49  ? -1.938  -12.986 -26.950 1.00 35.09 ? 47  TYR A N   1 
ATOM   343  C  CA  . TYR A 1 49  ? -2.972  -14.005 -26.915 1.00 35.29 ? 47  TYR A CA  1 
ATOM   344  C  C   . TYR A 1 49  ? -4.097  -13.756 -25.920 1.00 37.41 ? 47  TYR A C   1 
ATOM   345  O  O   . TYR A 1 49  ? -4.533  -14.660 -25.210 1.00 37.71 ? 47  TYR A O   1 
ATOM   346  C  CB  . TYR A 1 49  ? -2.304  -15.366 -26.682 1.00 33.17 ? 47  TYR A CB  1 
ATOM   347  C  CG  . TYR A 1 49  ? -1.114  -15.582 -27.611 1.00 32.48 ? 47  TYR A CG  1 
ATOM   348  C  CD1 . TYR A 1 49  ? -1.284  -15.580 -29.000 1.00 30.03 ? 47  TYR A CD1 1 
ATOM   349  C  CD2 . TYR A 1 49  ? 0.192   -15.715 -27.107 1.00 30.59 ? 47  TYR A CD2 1 
ATOM   350  C  CE1 . TYR A 1 49  ? -0.194  -15.693 -29.867 1.00 29.60 ? 47  TYR A CE1 1 
ATOM   351  C  CE2 . TYR A 1 49  ? 1.292   -15.833 -27.967 1.00 28.67 ? 47  TYR A CE2 1 
ATOM   352  C  CZ  . TYR A 1 49  ? 1.085   -15.815 -29.348 1.00 30.81 ? 47  TYR A CZ  1 
ATOM   353  O  OH  . TYR A 1 49  ? 2.151   -15.895 -30.217 1.00 32.42 ? 47  TYR A OH  1 
ATOM   354  N  N   . GLY A 1 50  ? -4.576  -12.518 -25.890 1.00 39.82 ? 48  GLY A N   1 
ATOM   355  C  CA  . GLY A 1 50  ? -5.666  -12.155 -25.005 1.00 40.13 ? 48  GLY A CA  1 
ATOM   356  C  C   . GLY A 1 50  ? -5.419  -12.385 -23.530 1.00 40.80 ? 48  GLY A C   1 
ATOM   357  O  O   . GLY A 1 50  ? -6.317  -12.816 -22.817 1.00 42.94 ? 48  GLY A O   1 
ATOM   358  N  N   . ASN A 1 51  ? -4.207  -12.102 -23.068 1.00 40.15 ? 49  ASN A N   1 
ATOM   359  C  CA  . ASN A 1 51  ? -3.850  -12.264 -21.652 1.00 40.22 ? 49  ASN A CA  1 
ATOM   360  C  C   . ASN A 1 51  ? -3.743  -10.861 -21.031 1.00 39.18 ? 49  ASN A C   1 
ATOM   361  O  O   . ASN A 1 51  ? -2.680  -10.250 -21.066 1.00 40.71 ? 49  ASN A O   1 
ATOM   362  C  CB  . ASN A 1 51  ? -2.504  -13.005 -21.524 1.00 39.65 ? 49  ASN A CB  1 
ATOM   363  C  CG  . ASN A 1 51  ? -1.818  -13.248 -22.882 1.00 41.05 ? 49  ASN A CG  1 
ATOM   364  O  OD1 . ASN A 1 51  ? -2.125  -12.600 -23.888 1.00 38.90 ? 49  ASN A OD1 1 
ATOM   365  N  ND2 . ASN A 1 51  ? -0.872  -14.180 -22.900 1.00 41.70 ? 49  ASN A ND2 1 
ATOM   366  N  N   . LYS A 1 52  ? -4.838  -10.356 -20.464 1.00 37.69 ? 50  LYS A N   1 
ATOM   367  C  CA  . LYS A 1 52  ? -4.855  -9.002  -19.892 1.00 36.74 ? 50  LYS A CA  1 
ATOM   368  C  C   . LYS A 1 52  ? -4.491  -8.805  -18.417 1.00 33.32 ? 50  LYS A C   1 
ATOM   369  O  O   . LYS A 1 52  ? -4.983  -9.506  -17.536 1.00 33.00 ? 50  LYS A O   1 
ATOM   370  C  CB  . LYS A 1 52  ? -6.228  -8.349  -20.134 1.00 39.76 ? 50  LYS A CB  1 
ATOM   371  C  CG  . LYS A 1 52  ? -6.333  -7.531  -21.420 1.00 46.54 ? 50  LYS A CG  1 
ATOM   372  C  CD  . LYS A 1 52  ? -7.357  -8.107  -22.399 1.00 49.78 ? 50  LYS A CD  1 
ATOM   373  C  CE  . LYS A 1 52  ? -8.792  -7.869  -21.930 1.00 51.75 ? 50  LYS A CE  1 
ATOM   374  N  NZ  . LYS A 1 52  ? -9.794  -8.546  -22.809 1.00 51.57 ? 50  LYS A NZ  1 
ATOM   375  N  N   . ILE A 1 53  ? -3.631  -7.831  -18.153 1.00 28.66 ? 51  ILE A N   1 
ATOM   376  C  CA  . ILE A 1 53  ? -3.260  -7.517  -16.780 1.00 26.65 ? 51  ILE A CA  1 
ATOM   377  C  C   . ILE A 1 53  ? -3.769  -6.098  -16.587 1.00 23.32 ? 51  ILE A C   1 
ATOM   378  O  O   . ILE A 1 53  ? -3.816  -5.336  -17.544 1.00 22.01 ? 51  ILE A O   1 
ATOM   379  C  CB  . ILE A 1 53  ? -1.716  -7.566  -16.559 1.00 28.01 ? 51  ILE A CB  1 
ATOM   380  C  CG1 . ILE A 1 53  ? -1.384  -7.334  -15.083 1.00 30.09 ? 51  ILE A CG1 1 
ATOM   381  C  CG2 . ILE A 1 53  ? -1.019  -6.500  -17.397 1.00 28.96 ? 51  ILE A CG2 1 
ATOM   382  C  CD1 . ILE A 1 53  ? -1.846  -8.440  -14.147 1.00 29.33 ? 51  ILE A CD1 1 
ATOM   383  N  N   . ILE A 1 54  ? -4.193  -5.747  -15.379 1.00 21.85 ? 52  ILE A N   1 
ATOM   384  C  CA  . ILE A 1 54  ? -4.682  -4.392  -15.128 1.00 19.93 ? 52  ILE A CA  1 
ATOM   385  C  C   . ILE A 1 54  ? -3.810  -3.734  -14.089 1.00 18.59 ? 52  ILE A C   1 
ATOM   386  O  O   . ILE A 1 54  ? -3.482  -4.345  -13.077 1.00 19.30 ? 52  ILE A O   1 
ATOM   387  C  CB  . ILE A 1 54  ? -6.121  -4.374  -14.607 1.00 20.20 ? 52  ILE A CB  1 
ATOM   388  C  CG1 . ILE A 1 54  ? -7.072  -4.848  -15.693 1.00 19.73 ? 52  ILE A CG1 1 
ATOM   389  C  CG2 . ILE A 1 54  ? -6.517  -2.963  -14.210 1.00 17.01 ? 52  ILE A CG2 1 
ATOM   390  C  CD1 . ILE A 1 54  ? -8.492  -4.828  -15.236 1.00 22.42 ? 52  ILE A CD1 1 
ATOM   391  N  N   . ILE A 1 55  ? -3.424  -2.492  -14.344 1.00 17.80 ? 53  ILE A N   1 
ATOM   392  C  CA  . ILE A 1 55  ? -2.584  -1.776  -13.413 1.00 19.21 ? 53  ILE A CA  1 
ATOM   393  C  C   . ILE A 1 55  ? -3.381  -0.655  -12.801 1.00 19.08 ? 53  ILE A C   1 
ATOM   394  O  O   . ILE A 1 55  ? -3.773  0.286   -13.480 1.00 23.45 ? 53  ILE A O   1 
ATOM   395  C  CB  . ILE A 1 55  ? -1.330  -1.205  -14.109 1.00 19.76 ? 53  ILE A CB  1 
ATOM   396  C  CG1 . ILE A 1 55  ? -0.739  -2.258  -15.051 1.00 18.88 ? 53  ILE A CG1 1 
ATOM   397  C  CG2 . ILE A 1 55  ? -0.298  -0.806  -13.061 1.00 17.87 ? 53  ILE A CG2 1 
ATOM   398  C  CD1 . ILE A 1 55  ? 0.632   -1.935  -15.563 1.00 17.86 ? 53  ILE A CD1 1 
ATOM   399  N  N   . LEU A 1 56  ? -3.626  -0.772  -11.507 1.00 17.64 ? 54  LEU A N   1 
ATOM   400  C  CA  . LEU A 1 56  ? -4.388  0.217   -10.771 1.00 16.96 ? 54  LEU A CA  1 
ATOM   401  C  C   . LEU A 1 56  ? -3.435  0.997   -9.884  1.00 16.92 ? 54  LEU A C   1 
ATOM   402  O  O   . LEU A 1 56  ? -2.672  0.405   -9.134  1.00 17.86 ? 54  LEU A O   1 
ATOM   403  C  CB  . LEU A 1 56  ? -5.446  -0.495  -9.927  1.00 15.11 ? 54  LEU A CB  1 
ATOM   404  C  CG  . LEU A 1 56  ? -6.145  0.287   -8.824  1.00 13.74 ? 54  LEU A CG  1 
ATOM   405  C  CD1 . LEU A 1 56  ? -7.026  1.359   -9.418  1.00 12.38 ? 54  LEU A CD1 1 
ATOM   406  C  CD2 . LEU A 1 56  ? -6.955  -0.692  -7.979  1.00 11.57 ? 54  LEU A CD2 1 
ATOM   407  N  N   . GLU A 1 57  ? -3.474  2.323   -9.975  1.00 18.14 ? 55  GLU A N   1 
ATOM   408  C  CA  . GLU A 1 57  ? -2.589  3.168   -9.175  1.00 17.82 ? 55  GLU A CA  1 
ATOM   409  C  C   . GLU A 1 57  ? -3.295  4.344   -8.521  1.00 18.70 ? 55  GLU A C   1 
ATOM   410  O  O   . GLU A 1 57  ? -4.323  4.822   -8.992  1.00 20.04 ? 55  GLU A O   1 
ATOM   411  C  CB  . GLU A 1 57  ? -1.462  3.697   -10.043 1.00 15.30 ? 55  GLU A CB  1 
ATOM   412  C  CG  . GLU A 1 57  ? -0.614  2.617   -10.657 1.00 19.18 ? 55  GLU A CG  1 
ATOM   413  C  CD  . GLU A 1 57  ? 0.194   3.133   -11.830 1.00 21.94 ? 55  GLU A CD  1 
ATOM   414  O  OE1 . GLU A 1 57  ? -0.439  3.576   -12.804 1.00 25.42 ? 55  GLU A OE1 1 
ATOM   415  O  OE2 . GLU A 1 57  ? 1.448   3.106   -11.788 1.00 24.49 ? 55  GLU A OE2 1 
ATOM   416  N  N   . TYR A 1 58  ? -2.733  4.801   -7.414  1.00 19.31 ? 56  TYR A N   1 
ATOM   417  C  CA  . TYR A 1 58  ? -3.263  5.946   -6.688  1.00 20.71 ? 56  TYR A CA  1 
ATOM   418  C  C   . TYR A 1 58  ? -2.061  6.743   -6.248  1.00 23.78 ? 56  TYR A C   1 
ATOM   419  O  O   . TYR A 1 58  ? -1.131  6.201   -5.640  1.00 26.29 ? 56  TYR A O   1 
ATOM   420  C  CB  . TYR A 1 58  ? -4.043  5.509   -5.461  1.00 18.24 ? 56  TYR A CB  1 
ATOM   421  C  CG  . TYR A 1 58  ? -5.342  4.821   -5.775  1.00 18.33 ? 56  TYR A CG  1 
ATOM   422  C  CD1 . TYR A 1 58  ? -6.517  5.555   -5.955  1.00 17.73 ? 56  TYR A CD1 1 
ATOM   423  C  CD2 . TYR A 1 58  ? -5.398  3.427   -5.913  1.00 15.57 ? 56  TYR A CD2 1 
ATOM   424  C  CE1 . TYR A 1 58  ? -7.715  4.914   -6.263  1.00 14.47 ? 56  TYR A CE1 1 
ATOM   425  C  CE2 . TYR A 1 58  ? -6.584  2.791   -6.217  1.00 13.65 ? 56  TYR A CE2 1 
ATOM   426  C  CZ  . TYR A 1 58  ? -7.735  3.537   -6.386  1.00 14.45 ? 56  TYR A CZ  1 
ATOM   427  O  OH  . TYR A 1 58  ? -8.917  2.894   -6.634  1.00 19.77 ? 56  TYR A OH  1 
ATOM   428  N  N   . ARG A 1 59  ? -2.063  8.027   -6.570  1.00 26.02 ? 57  ARG A N   1 
ATOM   429  C  CA  . ARG A 1 59  ? -0.955  8.871   -6.190  1.00 28.57 ? 57  ARG A CA  1 
ATOM   430  C  C   . ARG A 1 59  ? -1.440  9.818   -5.123  1.00 29.25 ? 57  ARG A C   1 
ATOM   431  O  O   . ARG A 1 59  ? -2.558  10.307  -5.178  1.00 27.11 ? 57  ARG A O   1 
ATOM   432  C  CB  . ARG A 1 59  ? -0.432  9.665   -7.384  1.00 31.18 ? 57  ARG A CB  1 
ATOM   433  C  CG  . ARG A 1 59  ? 1.024   10.024  -7.243  1.00 34.70 ? 57  ARG A CG  1 
ATOM   434  C  CD  . ARG A 1 59  ? 1.278   11.498  -7.434  1.00 41.14 ? 57  ARG A CD  1 
ATOM   435  N  N   . PHE A 1 60  ? -0.590  10.043  -4.132  1.00 32.91 ? 58  PHE A N   1 
ATOM   436  C  CA  . PHE A 1 60  ? -0.889  10.947  -3.032  1.00 34.28 ? 58  PHE A CA  1 
ATOM   437  C  C   . PHE A 1 60  ? 0.178   12.020  -3.088  1.00 39.00 ? 58  PHE A C   1 
ATOM   438  O  O   . PHE A 1 60  ? 1.368   11.714  -3.175  1.00 41.91 ? 58  PHE A O   1 
ATOM   439  C  CB  . PHE A 1 60  ? -0.813  10.206  -1.706  1.00 28.50 ? 58  PHE A CB  1 
ATOM   440  C  CG  . PHE A 1 60  ? -1.946  9.249   -1.484  1.00 23.92 ? 58  PHE A CG  1 
ATOM   441  C  CD1 . PHE A 1 60  ? -3.140  9.689   -0.925  1.00 20.20 ? 58  PHE A CD1 1 
ATOM   442  C  CD2 . PHE A 1 60  ? -1.820  7.907   -1.825  1.00 21.46 ? 58  PHE A CD2 1 
ATOM   443  C  CE1 . PHE A 1 60  ? -4.191  8.813   -0.701  1.00 18.97 ? 58  PHE A CE1 1 
ATOM   444  C  CE2 . PHE A 1 60  ? -2.865  7.021   -1.608  1.00 18.88 ? 58  PHE A CE2 1 
ATOM   445  C  CZ  . PHE A 1 60  ? -4.057  7.476   -1.041  1.00 20.63 ? 58  PHE A CZ  1 
ATOM   446  N  N   . ASP A 1 61  ? -0.252  13.274  -3.088  1.00 43.53 ? 59  ASP A N   1 
ATOM   447  C  CA  . ASP A 1 61  ? 0.672   14.400  -3.122  1.00 48.48 ? 59  ASP A CA  1 
ATOM   448  C  C   . ASP A 1 61  ? 1.199   14.560  -1.702  1.00 50.01 ? 59  ASP A C   1 
ATOM   449  O  O   . ASP A 1 61  ? 0.701   13.911  -0.784  1.00 50.16 ? 59  ASP A O   1 
ATOM   450  C  CB  . ASP A 1 61  ? -0.077  15.668  -3.544  1.00 50.94 ? 59  ASP A CB  1 
ATOM   451  C  CG  . ASP A 1 61  ? -1.324  15.920  -2.698  1.00 54.26 ? 59  ASP A CG  1 
ATOM   452  O  OD1 . ASP A 1 61  ? -1.185  16.088  -1.462  1.00 54.97 ? 59  ASP A OD1 1 
ATOM   453  O  OD2 . ASP A 1 61  ? -2.440  15.943  -3.269  1.00 55.87 ? 59  ASP A OD2 1 
ATOM   454  N  N   . ARG A 1 62  ? 2.191   15.421  -1.513  1.00 52.01 ? 60  ARG A N   1 
ATOM   455  C  CA  . ARG A 1 62  ? 2.740   15.640  -0.178  1.00 54.15 ? 60  ARG A CA  1 
ATOM   456  C  C   . ARG A 1 62  ? 1.639   15.877  0.854   1.00 53.94 ? 60  ARG A C   1 
ATOM   457  O  O   . ARG A 1 62  ? 1.639   15.264  1.924   1.00 54.72 ? 60  ARG A O   1 
ATOM   458  C  CB  . ARG A 1 62  ? 3.698   16.830  -0.187  1.00 55.13 ? 60  ARG A CB  1 
ATOM   459  C  CG  . ARG A 1 62  ? 3.106   18.104  -0.737  1.00 58.97 ? 60  ARG A CG  1 
ATOM   460  C  CD  . ARG A 1 62  ? 4.200   19.140  -0.948  1.00 63.65 ? 60  ARG A CD  1 
ATOM   461  N  NE  . ARG A 1 62  ? 4.810   19.574  0.309   1.00 66.94 ? 60  ARG A NE  1 
ATOM   462  C  CZ  . ARG A 1 62  ? 4.236   20.399  1.182   1.00 67.38 ? 60  ARG A CZ  1 
ATOM   463  N  NH1 . ARG A 1 62  ? 3.026   20.893  0.941   1.00 66.26 ? 60  ARG A NH1 1 
ATOM   464  N  NH2 . ARG A 1 62  ? 4.876   20.736  2.294   1.00 67.91 ? 60  ARG A NH2 1 
ATOM   465  N  N   . LYS A 1 63  ? 0.695   16.752  0.523   1.00 53.43 ? 61  LYS A N   1 
ATOM   466  C  CA  . LYS A 1 63  ? -0.393  17.068  1.438   1.00 52.81 ? 61  LYS A CA  1 
ATOM   467  C  C   . LYS A 1 63  ? -1.039  15.819  2.010   1.00 52.21 ? 61  LYS A C   1 
ATOM   468  O  O   . LYS A 1 63  ? -1.316  15.757  3.207   1.00 53.36 ? 61  LYS A O   1 
ATOM   469  C  CB  . LYS A 1 63  ? -1.457  17.921  0.740   1.00 52.99 ? 61  LYS A CB  1 
ATOM   470  C  CG  . LYS A 1 63  ? -0.915  19.193  0.071   1.00 54.70 ? 61  LYS A CG  1 
ATOM   471  C  CD  . LYS A 1 63  ? -0.063  20.033  1.020   1.00 53.49 ? 61  LYS A CD  1 
ATOM   472  C  CE  . LYS A 1 63  ? 0.180   21.421  0.459   1.00 54.06 ? 61  LYS A CE  1 
ATOM   473  N  NZ  . LYS A 1 63  ? -1.093  22.183  0.355   1.00 53.73 ? 61  LYS A NZ  1 
ATOM   474  N  N   . SER A 1 64  ? -1.276  14.823  1.165   1.00 50.76 ? 62  SER A N   1 
ATOM   475  C  CA  . SER A 1 64  ? -1.902  13.590  1.637   1.00 49.97 ? 62  SER A CA  1 
ATOM   476  C  C   . SER A 1 64  ? -0.892  12.471  1.866   1.00 48.94 ? 62  SER A C   1 
ATOM   477  O  O   . SER A 1 64  ? -1.247  11.398  2.355   1.00 48.54 ? 62  SER A O   1 
ATOM   478  C  CB  . SER A 1 64  ? -2.972  13.117  0.644   1.00 49.86 ? 62  SER A CB  1 
ATOM   479  O  OG  . SER A 1 64  ? -4.071  14.008  0.602   1.00 50.11 ? 62  SER A OG  1 
ATOM   480  N  N   . GLY A 1 65  ? 0.361   12.727  1.513   1.00 48.06 ? 63  GLY A N   1 
ATOM   481  C  CA  . GLY A 1 65  ? 1.397   11.726  1.683   1.00 48.29 ? 63  GLY A CA  1 
ATOM   482  C  C   . GLY A 1 65  ? 1.527   11.259  3.118   1.00 48.37 ? 63  GLY A C   1 
ATOM   483  O  O   . GLY A 1 65  ? 1.324   10.081  3.425   1.00 47.44 ? 63  GLY A O   1 
ATOM   484  N  N   . GLU A 1 66  ? 1.863   12.190  4.004   1.00 49.03 ? 64  GLU A N   1 
ATOM   485  C  CA  . GLU A 1 66  ? 2.022   11.863  5.413   1.00 47.95 ? 64  GLU A CA  1 
ATOM   486  C  C   . GLU A 1 66  ? 0.726   11.263  5.936   1.00 46.59 ? 64  GLU A C   1 
ATOM   487  O  O   . GLU A 1 66  ? 0.745   10.270  6.666   1.00 46.55 ? 64  GLU A O   1 
ATOM   488  C  CB  . GLU A 1 66  ? 2.401   13.123  6.213   1.00 48.48 ? 64  GLU A CB  1 
ATOM   489  N  N   . GLN A 1 67  ? -0.400  11.848  5.543   1.00 44.54 ? 65  GLN A N   1 
ATOM   490  C  CA  . GLN A 1 67  ? -1.689  11.356  6.007   1.00 44.69 ? 65  GLN A CA  1 
ATOM   491  C  C   . GLN A 1 67  ? -2.002  9.931   5.542   1.00 43.31 ? 65  GLN A C   1 
ATOM   492  O  O   . GLN A 1 67  ? -2.761  9.217   6.195   1.00 42.75 ? 65  GLN A O   1 
ATOM   493  C  CB  . GLN A 1 67  ? -2.808  12.305  5.572   1.00 46.59 ? 65  GLN A CB  1 
ATOM   494  C  CG  . GLN A 1 67  ? -2.620  13.746  6.035   1.00 49.90 ? 65  GLN A CG  1 
ATOM   495  C  CD  . GLN A 1 67  ? -2.288  13.861  7.524   1.00 52.13 ? 65  GLN A CD  1 
ATOM   496  O  OE1 . GLN A 1 67  ? -2.937  13.234  8.378   1.00 51.88 ? 65  GLN A OE1 1 
ATOM   497  N  NE2 . GLN A 1 67  ? -1.277  14.675  7.845   1.00 51.67 ? 65  GLN A NE2 1 
ATOM   498  N  N   . PHE A 1 68  ? -1.418  9.515   4.420   1.00 42.04 ? 66  PHE A N   1 
ATOM   499  C  CA  . PHE A 1 68  ? -1.645  8.164   3.904   1.00 40.71 ? 66  PHE A CA  1 
ATOM   500  C  C   . PHE A 1 68  ? -0.856  7.161   4.740   1.00 41.05 ? 66  PHE A C   1 
ATOM   501  O  O   . PHE A 1 68  ? -1.355  6.092   5.112   1.00 38.10 ? 66  PHE A O   1 
ATOM   502  C  CB  . PHE A 1 68  ? -1.211  8.067   2.441   1.00 37.51 ? 66  PHE A CB  1 
ATOM   503  C  CG  . PHE A 1 68  ? -1.277  6.676   1.886   1.00 33.76 ? 66  PHE A CG  1 
ATOM   504  C  CD1 . PHE A 1 68  ? -2.495  6.034   1.738   1.00 31.11 ? 66  PHE A CD1 1 
ATOM   505  C  CD2 . PHE A 1 68  ? -0.113  6.000   1.528   1.00 34.76 ? 66  PHE A CD2 1 
ATOM   506  C  CE1 . PHE A 1 68  ? -2.559  4.746   1.244   1.00 31.96 ? 66  PHE A CE1 1 
ATOM   507  C  CE2 . PHE A 1 68  ? -0.164  4.704   1.032   1.00 33.72 ? 66  PHE A CE2 1 
ATOM   508  C  CZ  . PHE A 1 68  ? -1.391  4.076   0.890   1.00 34.23 ? 66  PHE A CZ  1 
ATOM   509  N  N   . PHE A 1 69  ? 0.393   7.511   5.022   1.00 42.89 ? 67  PHE A N   1 
ATOM   510  C  CA  . PHE A 1 69  ? 1.243   6.662   5.839   1.00 45.13 ? 67  PHE A CA  1 
ATOM   511  C  C   . PHE A 1 69  ? 0.556   6.521   7.183   1.00 44.56 ? 67  PHE A C   1 
ATOM   512  O  O   . PHE A 1 69  ? 0.379   5.419   7.700   1.00 43.59 ? 67  PHE A O   1 
ATOM   513  C  CB  . PHE A 1 69  ? 2.611   7.314   6.033   1.00 47.10 ? 67  PHE A CB  1 
ATOM   514  C  CG  . PHE A 1 69  ? 3.577   6.476   6.811   1.00 50.06 ? 67  PHE A CG  1 
ATOM   515  C  CD1 . PHE A 1 69  ? 3.424   5.093   6.876   1.00 51.83 ? 67  PHE A CD1 1 
ATOM   516  C  CD2 . PHE A 1 69  ? 4.678   7.056   7.428   1.00 52.53 ? 67  PHE A CD2 1 
ATOM   517  C  CE1 . PHE A 1 69  ? 4.359   4.300   7.540   1.00 53.69 ? 67  PHE A CE1 1 
ATOM   518  C  CE2 . PHE A 1 69  ? 5.626   6.271   8.097   1.00 53.17 ? 67  PHE A CE2 1 
ATOM   519  C  CZ  . PHE A 1 69  ? 5.463   4.891   8.151   1.00 53.90 ? 67  PHE A CZ  1 
ATOM   520  N  N   . LYS A 1 70  ? 0.161   7.663   7.727   1.00 45.31 ? 68  LYS A N   1 
ATOM   521  C  CA  . LYS A 1 70  ? -0.512  7.728   9.012   1.00 46.57 ? 68  LYS A CA  1 
ATOM   522  C  C   . LYS A 1 70  ? -1.695  6.769   9.052   1.00 46.20 ? 68  LYS A C   1 
ATOM   523  O  O   . LYS A 1 70  ? -1.804  5.956   9.962   1.00 46.79 ? 68  LYS A O   1 
ATOM   524  C  CB  . LYS A 1 70  ? -0.980  9.164   9.263   1.00 48.43 ? 68  LYS A CB  1 
ATOM   525  C  CG  . LYS A 1 70  ? -1.048  9.572   10.723  1.00 50.75 ? 68  LYS A CG  1 
ATOM   526  C  CD  . LYS A 1 70  ? -0.176  10.802  10.999  1.00 53.94 ? 68  LYS A CD  1 
ATOM   527  C  CE  . LYS A 1 70  ? 1.318   10.508  10.769  1.00 56.03 ? 68  LYS A CE  1 
ATOM   528  N  NZ  . LYS A 1 70  ? 2.244   11.564  11.308  1.00 56.43 ? 68  LYS A NZ  1 
ATOM   529  N  N   . ILE A 1 71  ? -2.576  6.848   8.060   1.00 46.51 ? 69  ILE A N   1 
ATOM   530  C  CA  . ILE A 1 71  ? -3.737  5.968   8.052   1.00 47.28 ? 69  ILE A CA  1 
ATOM   531  C  C   . ILE A 1 71  ? -3.352  4.493   7.968   1.00 47.03 ? 69  ILE A C   1 
ATOM   532  O  O   . ILE A 1 71  ? -4.055  3.643   8.504   1.00 48.13 ? 69  ILE A O   1 
ATOM   533  C  CB  . ILE A 1 71  ? -4.744  6.358   6.922   1.00 47.47 ? 69  ILE A CB  1 
ATOM   534  C  CG1 . ILE A 1 71  ? -5.638  5.171   6.561   1.00 46.89 ? 69  ILE A CG1 1 
ATOM   535  C  CG2 . ILE A 1 71  ? -4.015  6.886   5.731   1.00 50.63 ? 69  ILE A CG2 1 
ATOM   536  C  CD1 . ILE A 1 71  ? -6.623  4.807   7.635   1.00 47.17 ? 69  ILE A CD1 1 
ATOM   537  N  N   . ILE A 1 72  ? -2.236  4.182   7.314   1.00 47.06 ? 70  ILE A N   1 
ATOM   538  C  CA  . ILE A 1 72  ? -1.779  2.791   7.229   1.00 46.79 ? 70  ILE A CA  1 
ATOM   539  C  C   . ILE A 1 72  ? -1.337  2.353   8.631   1.00 47.31 ? 70  ILE A C   1 
ATOM   540  O  O   . ILE A 1 72  ? -1.600  1.230   9.072   1.00 45.80 ? 70  ILE A O   1 
ATOM   541  C  CB  . ILE A 1 72  ? -0.567  2.640   6.282   1.00 45.65 ? 70  ILE A CB  1 
ATOM   542  C  CG1 . ILE A 1 72  ? -0.993  2.868   4.833   1.00 44.38 ? 70  ILE A CG1 1 
ATOM   543  C  CG2 . ILE A 1 72  ? 0.036   1.259   6.431   1.00 45.22 ? 70  ILE A CG2 1 
ATOM   544  C  CD1 . ILE A 1 72  ? 0.156   2.833   3.859   1.00 41.89 ? 70  ILE A CD1 1 
ATOM   545  N  N   . LEU A 1 73  ? -0.658  3.265   9.320   1.00 47.98 ? 71  LEU A N   1 
ATOM   546  C  CA  . LEU A 1 73  ? -0.167  3.019   10.667  1.00 49.15 ? 71  LEU A CA  1 
ATOM   547  C  C   . LEU A 1 73  ? -1.292  2.837   11.665  1.00 49.95 ? 71  LEU A C   1 
ATOM   548  O  O   . LEU A 1 73  ? -1.156  2.089   12.621  1.00 51.05 ? 71  LEU A O   1 
ATOM   549  C  CB  . LEU A 1 73  ? 0.719   4.179   11.126  1.00 48.72 ? 71  LEU A CB  1 
ATOM   550  C  CG  . LEU A 1 73  ? 2.102   4.269   10.485  1.00 49.79 ? 71  LEU A CG  1 
ATOM   551  C  CD1 . LEU A 1 73  ? 2.811   5.513   10.986  1.00 49.16 ? 71  LEU A CD1 1 
ATOM   552  C  CD2 . LEU A 1 73  ? 2.902   3.015   10.823  1.00 48.50 ? 71  LEU A CD2 1 
ATOM   553  N  N   . GLU A 1 74  ? -2.404  3.522   11.438  1.00 50.83 ? 72  GLU A N   1 
ATOM   554  C  CA  . GLU A 1 74  ? -3.539  3.446   12.346  1.00 51.66 ? 72  GLU A CA  1 
ATOM   555  C  C   . GLU A 1 74  ? -4.448  2.281   12.023  1.00 52.04 ? 72  GLU A C   1 
ATOM   556  O  O   . GLU A 1 74  ? -5.432  2.051   12.721  1.00 54.65 ? 72  GLU A O   1 
ATOM   557  C  CB  . GLU A 1 74  ? -4.335  4.746   12.276  1.00 52.36 ? 72  GLU A CB  1 
ATOM   558  C  CG  . GLU A 1 74  ? -3.432  5.968   12.258  1.00 56.49 ? 72  GLU A CG  1 
ATOM   559  C  CD  . GLU A 1 74  ? -4.165  7.244   11.915  1.00 58.97 ? 72  GLU A CD  1 
ATOM   560  O  OE1 . GLU A 1 74  ? -5.059  7.203   11.036  1.00 60.68 ? 72  GLU A OE1 1 
ATOM   561  O  OE2 . GLU A 1 74  ? -3.836  8.292   12.515  1.00 59.90 ? 72  GLU A OE2 1 
ATOM   562  N  N   . LYS A 1 75  ? -4.121  1.542   10.970  1.00 50.90 ? 73  LYS A N   1 
ATOM   563  C  CA  . LYS A 1 75  ? -4.942  0.413   10.565  1.00 48.67 ? 73  LYS A CA  1 
ATOM   564  C  C   . LYS A 1 75  ? -4.212  -0.905  10.707  1.00 48.04 ? 73  LYS A C   1 
ATOM   565  O  O   . LYS A 1 75  ? -4.822  -1.931  10.999  1.00 47.90 ? 73  LYS A O   1 
ATOM   566  C  CB  . LYS A 1 75  ? -5.379  0.580   9.117   1.00 49.07 ? 73  LYS A CB  1 
ATOM   567  C  CG  . LYS A 1 75  ? -6.345  1.720   8.872   1.00 48.62 ? 73  LYS A CG  1 
ATOM   568  C  CD  . LYS A 1 75  ? -7.763  1.220   8.694   1.00 46.76 ? 73  LYS A CD  1 
ATOM   569  C  CE  . LYS A 1 75  ? -8.615  2.276   8.022   1.00 46.64 ? 73  LYS A CE  1 
ATOM   570  N  NZ  . LYS A 1 75  ? -9.958  1.753   7.665   1.00 49.07 ? 73  LYS A NZ  1 
ATOM   571  N  N   . ILE A 1 76  ? -2.904  -0.885  10.496  1.00 46.48 ? 74  ILE A N   1 
ATOM   572  C  CA  . ILE A 1 76  ? -2.128  -2.113  10.597  1.00 46.27 ? 74  ILE A CA  1 
ATOM   573  C  C   . ILE A 1 76  ? -2.057  -2.625  12.042  1.00 46.97 ? 74  ILE A C   1 
ATOM   574  O  O   . ILE A 1 76  ? -1.977  -1.838  12.988  1.00 46.28 ? 74  ILE A O   1 
ATOM   575  C  CB  . ILE A 1 76  ? -0.698  -1.896  10.062  1.00 44.74 ? 74  ILE A CB  1 
ATOM   576  C  CG1 . ILE A 1 76  ? -0.012  -3.242  9.863   1.00 44.21 ? 74  ILE A CG1 1 
ATOM   577  C  CG2 . ILE A 1 76  ? 0.096   -1.032  11.028  1.00 42.52 ? 74  ILE A CG2 1 
ATOM   578  C  CD1 . ILE A 1 76  ? 1.368   -3.130  9.261   1.00 45.66 ? 74  ILE A CD1 1 
ATOM   579  N  N   . GLU A 1 77  ? -2.104  -3.945  12.210  1.00 46.93 ? 75  GLU A N   1 
ATOM   580  C  CA  . GLU A 1 77  ? -2.010  -4.538  13.540  1.00 47.79 ? 75  GLU A CA  1 
ATOM   581  C  C   . GLU A 1 77  ? -0.554  -4.419  14.018  1.00 47.63 ? 75  GLU A C   1 
ATOM   582  O  O   . GLU A 1 77  ? 0.375   -4.425  13.200  1.00 48.91 ? 75  GLU A O   1 
ATOM   583  C  CB  . GLU A 1 77  ? -2.467  -5.996  13.497  1.00 48.78 ? 75  GLU A CB  1 
ATOM   584  C  CG  . GLU A 1 77  ? -1.978  -6.773  12.290  1.00 53.53 ? 75  GLU A CG  1 
ATOM   585  C  CD  . GLU A 1 77  ? -2.672  -8.121  12.141  1.00 56.24 ? 75  GLU A CD  1 
ATOM   586  O  OE1 . GLU A 1 77  ? -3.922  -8.142  12.065  1.00 56.49 ? 75  GLU A OE1 1 
ATOM   587  O  OE2 . GLU A 1 77  ? -1.971  -9.158  12.094  1.00 57.88 ? 75  GLU A OE2 1 
ATOM   588  N  N   . THR A 1 78  ? -0.359  -4.289  15.329  1.00 45.49 ? 76  THR A N   1 
ATOM   589  C  CA  . THR A 1 78  ? 0.975   -4.122  15.914  1.00 42.46 ? 76  THR A CA  1 
ATOM   590  C  C   . THR A 1 78  ? 1.966   -5.204  15.495  1.00 40.44 ? 76  THR A C   1 
ATOM   591  O  O   . THR A 1 78  ? 3.156   -4.943  15.294  1.00 37.91 ? 76  THR A O   1 
ATOM   592  C  CB  . THR A 1 78  ? 0.905   -4.100  17.449  1.00 42.39 ? 76  THR A CB  1 
ATOM   593  O  OG1 . THR A 1 78  ? -0.438  -3.824  17.868  1.00 42.76 ? 76  THR A OG1 1 
ATOM   594  C  CG2 . THR A 1 78  ? 1.829   -3.025  17.995  1.00 42.19 ? 76  THR A CG2 1 
ATOM   595  N  N   . SER A 1 79  ? 1.463   -6.426  15.381  1.00 40.19 ? 77  SER A N   1 
ATOM   596  C  CA  . SER A 1 79  ? 2.265   -7.568  14.976  1.00 39.70 ? 77  SER A CA  1 
ATOM   597  C  C   . SER A 1 79  ? 2.995   -7.239  13.668  1.00 39.11 ? 77  SER A C   1 
ATOM   598  O  O   . SER A 1 79  ? 4.227   -7.169  13.629  1.00 38.49 ? 77  SER A O   1 
ATOM   599  C  CB  . SER A 1 79  ? 1.341   -8.770  14.794  1.00 40.06 ? 77  SER A CB  1 
ATOM   600  O  OG  . SER A 1 79  ? 2.071   -9.945  14.538  1.00 44.03 ? 77  SER A OG  1 
ATOM   601  N  N   . GLU A 1 80  ? 2.222   -7.009  12.609  1.00 39.77 ? 78  GLU A N   1 
ATOM   602  C  CA  . GLU A 1 80  ? 2.760   -6.674  11.290  1.00 40.69 ? 78  GLU A CA  1 
ATOM   603  C  C   . GLU A 1 80  ? 3.643   -5.423  11.300  1.00 40.50 ? 78  GLU A C   1 
ATOM   604  O  O   . GLU A 1 80  ? 4.621   -5.342  10.549  1.00 39.39 ? 78  GLU A O   1 
ATOM   605  C  CB  . GLU A 1 80  ? 1.611   -6.481  10.291  1.00 40.28 ? 78  GLU A CB  1 
ATOM   606  C  CG  . GLU A 1 80  ? 0.614   -7.641  10.236  1.00 41.69 ? 78  GLU A CG  1 
ATOM   607  C  CD  . GLU A 1 80  ? 1.200   -8.927  9.666   1.00 43.16 ? 78  GLU A CD  1 
ATOM   608  O  OE1 . GLU A 1 80  ? 0.514   -9.967  9.725   1.00 45.88 ? 78  GLU A OE1 1 
ATOM   609  O  OE2 . GLU A 1 80  ? 2.336   -8.907  9.158   1.00 43.95 ? 78  GLU A OE2 1 
ATOM   610  N  N   . LEU A 1 81  ? 3.294   -4.451  12.142  1.00 41.21 ? 79  LEU A N   1 
ATOM   611  C  CA  . LEU A 1 81  ? 4.052   -3.199  12.247  1.00 44.05 ? 79  LEU A CA  1 
ATOM   612  C  C   . LEU A 1 81  ? 5.491   -3.476  12.707  1.00 45.91 ? 79  LEU A C   1 
ATOM   613  O  O   . LEU A 1 81  ? 6.468   -2.989  12.114  1.00 45.43 ? 79  LEU A O   1 
ATOM   614  C  CB  . LEU A 1 81  ? 3.367   -2.250  13.232  1.00 43.39 ? 79  LEU A CB  1 
ATOM   615  C  CG  . LEU A 1 81  ? 4.051   -0.896  13.431  1.00 44.34 ? 79  LEU A CG  1 
ATOM   616  C  CD1 . LEU A 1 81  ? 4.302   -0.219  12.079  1.00 41.51 ? 79  LEU A CD1 1 
ATOM   617  C  CD2 . LEU A 1 81  ? 3.189   -0.032  14.340  1.00 44.48 ? 79  LEU A CD2 1 
HETATM 618  N  N   . MSE A 1 82  ? 5.609   -4.266  13.767  1.00 48.28 ? 80  MSE A N   1 
HETATM 619  C  CA  . MSE A 1 82  ? 6.906   -4.644  14.288  1.00 49.57 ? 80  MSE A CA  1 
HETATM 620  C  C   . MSE A 1 82  ? 7.653   -5.387  13.181  1.00 48.14 ? 80  MSE A C   1 
HETATM 621  O  O   . MSE A 1 82  ? 8.847   -5.144  12.932  1.00 47.29 ? 80  MSE A O   1 
HETATM 622  C  CB  . MSE A 1 82  ? 6.721   -5.552  15.494  1.00 53.44 ? 80  MSE A CB  1 
HETATM 623  C  CG  A MSE A 1 82  ? 8.027   -6.138  16.000  0.50 57.62 ? 80  MSE A CG  1 
HETATM 624  C  CG  B MSE A 1 82  ? 6.037   -4.879  16.679  0.50 57.62 ? 80  MSE A CG  1 
HETATM 625  SE SE  A MSE A 1 82  ? 9.270   -4.735  16.575  0.50 58.98 ? 80  MSE A SE  1 
HETATM 626  SE SE  B MSE A 1 82  ? 5.501   -6.187  18.041  0.50 58.98 ? 80  MSE A SE  1 
HETATM 627  C  CE  A MSE A 1 82  ? 10.501  -4.727  15.085  0.50 61.13 ? 80  MSE A CE  1 
HETATM 628  C  CE  B MSE A 1 82  ? 3.531   -6.044  17.967  0.50 61.13 ? 80  MSE A CE  1 
ATOM   629  N  N   . LEU A 1 83  ? 6.932   -6.280  12.507  1.00 47.02 ? 81  LEU A N   1 
ATOM   630  C  CA  . LEU A 1 83  ? 7.500   -7.051  11.419  1.00 45.90 ? 81  LEU A CA  1 
ATOM   631  C  C   . LEU A 1 83  ? 8.126   -6.095  10.409  1.00 45.19 ? 81  LEU A C   1 
ATOM   632  O  O   . LEU A 1 83  ? 9.099   -6.441  9.747   1.00 44.90 ? 81  LEU A O   1 
ATOM   633  C  CB  . LEU A 1 83  ? 6.413   -7.874  10.758  1.00 46.73 ? 81  LEU A CB  1 
ATOM   634  C  CG  . LEU A 1 83  ? 6.835   -8.996  9.809   1.00 49.67 ? 81  LEU A CG  1 
ATOM   635  C  CD1 . LEU A 1 83  ? 7.767   -9.963  10.537  1.00 50.00 ? 81  LEU A CD1 1 
ATOM   636  C  CD2 . LEU A 1 83  ? 5.586   -9.736  9.299   1.00 49.76 ? 81  LEU A CD2 1 
ATOM   637  N  N   . ILE A 1 84  ? 7.574   -4.890  10.288  1.00 45.92 ? 82  ILE A N   1 
ATOM   638  C  CA  . ILE A 1 84  ? 8.144   -3.911  9.366   1.00 46.08 ? 82  ILE A CA  1 
ATOM   639  C  C   . ILE A 1 84  ? 9.466   -3.433  9.943   1.00 47.06 ? 82  ILE A C   1 
ATOM   640  O  O   . ILE A 1 84  ? 10.517  -3.629  9.341   1.00 47.33 ? 82  ILE A O   1 
ATOM   641  C  CB  . ILE A 1 84  ? 7.235   -2.675  9.167   1.00 44.30 ? 82  ILE A CB  1 
ATOM   642  C  CG1 . ILE A 1 84  ? 5.966   -3.065  8.406   1.00 43.70 ? 82  ILE A CG1 1 
ATOM   643  C  CG2 . ILE A 1 84  ? 7.989   -1.600  8.396   1.00 40.21 ? 82  ILE A CG2 1 
ATOM   644  C  CD1 . ILE A 1 84  ? 4.952   -1.936  8.299   1.00 41.56 ? 82  ILE A CD1 1 
ATOM   645  N  N   . LEU A 1 85  ? 9.403   -2.795  11.108  1.00 48.81 ? 83  LEU A N   1 
ATOM   646  C  CA  . LEU A 1 85  ? 10.596  -2.280  11.770  1.00 49.39 ? 83  LEU A CA  1 
ATOM   647  C  C   . LEU A 1 85  ? 11.676  -3.336  11.774  1.00 50.07 ? 83  LEU A C   1 
ATOM   648  O  O   . LEU A 1 85  ? 12.824  -3.071  11.418  1.00 50.49 ? 83  LEU A O   1 
ATOM   649  C  CB  . LEU A 1 85  ? 10.287  -1.891  13.206  1.00 49.93 ? 83  LEU A CB  1 
ATOM   650  C  CG  . LEU A 1 85  ? 11.508  -1.366  13.961  1.00 50.11 ? 83  LEU A CG  1 
ATOM   651  C  CD1 . LEU A 1 85  ? 12.148  -0.210  13.184  1.00 48.94 ? 83  LEU A CD1 1 
ATOM   652  C  CD2 . LEU A 1 85  ? 11.078  -0.917  15.351  1.00 50.90 ? 83  LEU A CD2 1 
ATOM   653  N  N   . THR A 1 86  ? 11.295  -4.537  12.187  1.00 51.10 ? 84  THR A N   1 
ATOM   654  C  CA  . THR A 1 86  ? 12.210  -5.669  12.225  1.00 52.84 ? 84  THR A CA  1 
ATOM   655  C  C   . THR A 1 86  ? 12.951  -5.790  10.891  1.00 53.05 ? 84  THR A C   1 
ATOM   656  O  O   . THR A 1 86  ? 13.932  -6.520  10.782  1.00 53.51 ? 84  THR A O   1 
ATOM   657  C  CB  . THR A 1 86  ? 11.429  -6.974  12.529  1.00 53.71 ? 84  THR A CB  1 
ATOM   658  O  OG1 . THR A 1 86  ? 11.459  -7.228  13.938  1.00 55.27 ? 84  THR A OG1 1 
ATOM   659  C  CG2 . THR A 1 86  ? 12.012  -8.158  11.778  1.00 53.07 ? 84  THR A CG2 1 
ATOM   660  N  N   . THR A 1 87  ? 12.476  -5.059  9.887   1.00 53.56 ? 85  THR A N   1 
ATOM   661  C  CA  . THR A 1 87  ? 13.076  -5.064  8.553   1.00 52.58 ? 85  THR A CA  1 
ATOM   662  C  C   . THR A 1 87  ? 13.460  -3.654  8.092   1.00 52.36 ? 85  THR A C   1 
ATOM   663  O  O   . THR A 1 87  ? 14.020  -3.471  7.008   1.00 52.30 ? 85  THR A O   1 
ATOM   664  C  CB  . THR A 1 87  ? 12.109  -5.667  7.531   1.00 52.13 ? 85  THR A CB  1 
ATOM   665  O  OG1 . THR A 1 87  ? 11.779  -7.006  7.921   1.00 50.55 ? 85  THR A OG1 1 
ATOM   666  C  CG2 . THR A 1 87  ? 12.740  -5.668  6.150   1.00 50.28 ? 85  THR A CG2 1 
ATOM   667  N  N   . SER A 1 90  ? 14.937  -4.129  4.703   1.00 46.43 ? 88  SER A N   1 
ATOM   668  C  CA  . SER A 1 90  ? 14.928  -4.737  3.376   1.00 46.81 ? 88  SER A CA  1 
ATOM   669  C  C   . SER A 1 90  ? 13.749  -4.225  2.529   1.00 46.47 ? 88  SER A C   1 
ATOM   670  O  O   . SER A 1 90  ? 13.582  -4.602  1.368   1.00 44.36 ? 88  SER A O   1 
ATOM   671  C  CB  . SER A 1 90  ? 14.863  -6.270  3.496   1.00 47.68 ? 88  SER A CB  1 
ATOM   672  O  OG  . SER A 1 90  ? 13.547  -6.738  3.749   1.00 47.09 ? 88  SER A OG  1 
ATOM   673  N  N   . HIS A 1 91  ? 12.939  -3.360  3.128   1.00 45.81 ? 89  HIS A N   1 
ATOM   674  C  CA  . HIS A 1 91  ? 11.786  -2.765  2.467   1.00 44.98 ? 89  HIS A CA  1 
ATOM   675  C  C   . HIS A 1 91  ? 12.123  -1.344  2.065   1.00 45.78 ? 89  HIS A C   1 
ATOM   676  O  O   . HIS A 1 91  ? 11.238  -0.541  1.764   1.00 44.90 ? 89  HIS A O   1 
ATOM   677  C  CB  . HIS A 1 91  ? 10.614  -2.752  3.428   1.00 43.99 ? 89  HIS A CB  1 
ATOM   678  C  CG  . HIS A 1 91  ? 10.233  -4.111  3.897   1.00 43.47 ? 89  HIS A CG  1 
ATOM   679  N  ND1 . HIS A 1 91  ? 9.614   -4.335  5.107   1.00 43.30 ? 89  HIS A ND1 1 
ATOM   680  C  CD2 . HIS A 1 91  ? 10.398  -5.326  3.323   1.00 42.40 ? 89  HIS A CD2 1 
ATOM   681  C  CE1 . HIS A 1 91  ? 9.416   -5.632  5.260   1.00 44.58 ? 89  HIS A CE1 1 
ATOM   682  N  NE2 . HIS A 1 91  ? 9.884   -6.255  4.190   1.00 43.54 ? 89  HIS A NE2 1 
ATOM   683  N  N   . ILE A 1 92  ? 13.414  -1.040  2.067   1.00 45.97 ? 90  ILE A N   1 
ATOM   684  C  CA  . ILE A 1 92  ? 13.867  0.284   1.714   1.00 46.98 ? 90  ILE A CA  1 
ATOM   685  C  C   . ILE A 1 92  ? 14.860  0.297   0.571   1.00 47.44 ? 90  ILE A C   1 
ATOM   686  O  O   . ILE A 1 92  ? 15.739  -0.558  0.470   1.00 47.55 ? 90  ILE A O   1 
ATOM   687  C  CB  . ILE A 1 92  ? 14.467  0.989   2.930   1.00 46.71 ? 90  ILE A CB  1 
ATOM   688  C  CG1 . ILE A 1 92  ? 13.347  1.260   3.936   1.00 47.04 ? 90  ILE A CG1 1 
ATOM   689  C  CG2 . ILE A 1 92  ? 15.166  2.271   2.508   1.00 46.72 ? 90  ILE A CG2 1 
ATOM   690  C  CD1 . ILE A 1 92  ? 13.755  2.093   5.129   1.00 47.90 ? 90  ILE A CD1 1 
ATOM   691  N  N   . ASP A 1 93  ? 14.683  1.282   -0.296  1.00 48.86 ? 91  ASP A N   1 
ATOM   692  C  CA  . ASP A 1 93  ? 15.526  1.484   -1.458  1.00 51.15 ? 91  ASP A CA  1 
ATOM   693  C  C   . ASP A 1 93  ? 15.578  2.981   -1.659  1.00 52.31 ? 91  ASP A C   1 
ATOM   694  O  O   . ASP A 1 93  ? 14.575  3.596   -2.047  1.00 53.82 ? 91  ASP A O   1 
ATOM   695  C  CB  . ASP A 1 93  ? 14.905  0.845   -2.687  1.00 52.67 ? 91  ASP A CB  1 
ATOM   696  C  CG  . ASP A 1 93  ? 15.149  1.657   -3.931  1.00 54.86 ? 91  ASP A CG  1 
ATOM   697  O  OD1 . ASP A 1 93  ? 16.334  1.854   -4.275  1.00 55.05 ? 91  ASP A OD1 1 
ATOM   698  O  OD2 . ASP A 1 93  ? 14.159  2.110   -4.551  1.00 56.85 ? 91  ASP A OD2 1 
ATOM   699  N  N   . GLY A 1 94  ? 16.738  3.571   -1.404  1.00 51.90 ? 92  GLY A N   1 
ATOM   700  C  CA  . GLY A 1 94  ? 16.852  5.011   -1.538  1.00 51.30 ? 92  GLY A CA  1 
ATOM   701  C  C   . GLY A 1 94  ? 16.141  5.617   -0.342  1.00 50.62 ? 92  GLY A C   1 
ATOM   702  O  O   . GLY A 1 94  ? 16.442  5.269   0.801   1.00 50.49 ? 92  GLY A O   1 
ATOM   703  N  N   . SER A 1 95  ? 15.184  6.501   -0.588  1.00 49.59 ? 93  SER A N   1 
ATOM   704  C  CA  . SER A 1 95  ? 14.460  7.120   0.515   1.00 48.58 ? 93  SER A CA  1 
ATOM   705  C  C   . SER A 1 95  ? 12.993  6.693   0.557   1.00 46.60 ? 93  SER A C   1 
ATOM   706  O  O   . SER A 1 95  ? 12.191  7.246   1.320   1.00 45.14 ? 93  SER A O   1 
ATOM   707  C  CB  . SER A 1 95  ? 14.553  8.643   0.416   1.00 50.23 ? 93  SER A CB  1 
ATOM   708  O  OG  . SER A 1 95  ? 14.182  9.244   1.647   1.00 54.41 ? 93  SER A OG  1 
ATOM   709  N  N   . LYS A 1 96  ? 12.642  5.707   -0.263  1.00 44.65 ? 94  LYS A N   1 
ATOM   710  C  CA  . LYS A 1 96  ? 11.271  5.229   -0.292  1.00 42.18 ? 94  LYS A CA  1 
ATOM   711  C  C   . LYS A 1 96  ? 11.138  3.850   0.337   1.00 40.24 ? 94  LYS A C   1 
ATOM   712  O  O   . LYS A 1 96  ? 11.981  2.980   0.150   1.00 41.53 ? 94  LYS A O   1 
ATOM   713  C  CB  . LYS A 1 96  ? 10.732  5.238   -1.726  1.00 40.86 ? 94  LYS A CB  1 
ATOM   714  C  CG  . LYS A 1 96  ? 11.648  4.632   -2.750  1.00 41.20 ? 94  LYS A CG  1 
ATOM   715  C  CD  . LYS A 1 96  ? 11.064  4.759   -4.153  1.00 42.14 ? 94  LYS A CD  1 
ATOM   716  C  CE  . LYS A 1 96  ? 11.004  6.213   -4.627  1.00 42.51 ? 94  LYS A CE  1 
ATOM   717  N  NZ  . LYS A 1 96  ? 10.775  6.315   -6.112  1.00 39.24 ? 94  LYS A NZ  1 
ATOM   718  N  N   . LEU A 1 97  ? 10.073  3.685   1.112   1.00 38.79 ? 95  LEU A N   1 
ATOM   719  C  CA  . LEU A 1 97  ? 9.765   2.449   1.816   1.00 36.32 ? 95  LEU A CA  1 
ATOM   720  C  C   . LEU A 1 97  ? 8.702   1.698   1.030   1.00 35.92 ? 95  LEU A C   1 
ATOM   721  O  O   . LEU A 1 97  ? 7.661   2.267   0.704   1.00 36.17 ? 95  LEU A O   1 
ATOM   722  C  CB  . LEU A 1 97  ? 9.226   2.775   3.211   1.00 35.11 ? 95  LEU A CB  1 
ATOM   723  C  CG  . LEU A 1 97  ? 8.750   1.604   4.079   1.00 38.00 ? 95  LEU A CG  1 
ATOM   724  C  CD1 . LEU A 1 97  ? 9.949   0.792   4.547   1.00 36.14 ? 95  LEU A CD1 1 
ATOM   725  C  CD2 . LEU A 1 97  ? 7.959   2.131   5.284   1.00 37.49 ? 95  LEU A CD2 1 
ATOM   726  N  N   . TYR A 1 98  ? 8.959   0.426   0.733   1.00 33.34 ? 96  TYR A N   1 
ATOM   727  C  CA  . TYR A 1 98  ? 8.009   -0.382  -0.012  1.00 31.23 ? 96  TYR A CA  1 
ATOM   728  C  C   . TYR A 1 98  ? 7.279   -1.342  0.912   1.00 31.39 ? 96  TYR A C   1 
ATOM   729  O  O   . TYR A 1 98  ? 7.880   -2.251  1.471   1.00 32.96 ? 96  TYR A O   1 
ATOM   730  C  CB  . TYR A 1 98  ? 8.723   -1.186  -1.099  1.00 31.40 ? 96  TYR A CB  1 
ATOM   731  C  CG  . TYR A 1 98  ? 9.333   -0.345  -2.192  1.00 34.42 ? 96  TYR A CG  1 
ATOM   732  C  CD1 . TYR A 1 98  ? 8.807   -0.357  -3.485  1.00 36.14 ? 96  TYR A CD1 1 
ATOM   733  C  CD2 . TYR A 1 98  ? 10.435  0.474   -1.938  1.00 36.11 ? 96  TYR A CD2 1 
ATOM   734  C  CE1 . TYR A 1 98  ? 9.360   0.428   -4.500  1.00 36.13 ? 96  TYR A CE1 1 
ATOM   735  C  CE2 . TYR A 1 98  ? 10.997  1.260   -2.944  1.00 36.72 ? 96  TYR A CE2 1 
ATOM   736  C  CZ  . TYR A 1 98  ? 10.453  1.230   -4.222  1.00 37.26 ? 96  TYR A CZ  1 
ATOM   737  O  OH  . TYR A 1 98  ? 11.012  1.997   -5.220  1.00 38.65 ? 96  TYR A OH  1 
ATOM   738  N  N   . LEU A 1 99  ? 5.980   -1.146  1.074   1.00 30.11 ? 97  LEU A N   1 
ATOM   739  C  CA  . LEU A 1 99  ? 5.204   -2.035  1.916   1.00 29.50 ? 97  LEU A CA  1 
ATOM   740  C  C   . LEU A 1 99  ? 4.263   -2.838  1.032   1.00 29.88 ? 97  LEU A C   1 
ATOM   741  O  O   . LEU A 1 99  ? 3.314   -2.287  0.481   1.00 31.59 ? 97  LEU A O   1 
ATOM   742  C  CB  . LEU A 1 99  ? 4.387   -1.230  2.920   1.00 31.51 ? 97  LEU A CB  1 
ATOM   743  C  CG  . LEU A 1 99  ? 5.102   -0.118  3.685   1.00 32.75 ? 97  LEU A CG  1 
ATOM   744  C  CD1 . LEU A 1 99  ? 4.121   0.529   4.649   1.00 32.46 ? 97  LEU A CD1 1 
ATOM   745  C  CD2 . LEU A 1 99  ? 6.293   -0.685  4.428   1.00 33.37 ? 97  LEU A CD2 1 
ATOM   746  N  N   . ARG A 1 100 ? 4.524   -4.133  0.879   1.00 30.23 ? 98  ARG A N   1 
ATOM   747  C  CA  . ARG A 1 100 ? 3.663   -4.968  0.052   1.00 30.13 ? 98  ARG A CA  1 
ATOM   748  C  C   . ARG A 1 100 ? 2.629   -5.716  0.882   1.00 30.73 ? 98  ARG A C   1 
ATOM   749  O  O   . ARG A 1 100 ? 2.969   -6.604  1.649   1.00 31.34 ? 98  ARG A O   1 
ATOM   750  C  CB  . ARG A 1 100 ? 4.483   -5.956  -0.780  1.00 28.75 ? 98  ARG A CB  1 
ATOM   751  C  CG  . ARG A 1 100 ? 5.813   -6.331  -0.222  1.00 31.15 ? 98  ARG A CG  1 
ATOM   752  C  CD  . ARG A 1 100 ? 6.927   -5.542  -0.887  1.00 31.82 ? 98  ARG A CD  1 
ATOM   753  N  NE  . ARG A 1 100 ? 7.005   -5.841  -2.308  1.00 35.36 ? 98  ARG A NE  1 
ATOM   754  C  CZ  . ARG A 1 100 ? 7.970   -5.417  -3.118  1.00 36.21 ? 98  ARG A CZ  1 
ATOM   755  N  NH1 . ARG A 1 100 ? 8.959   -4.671  -2.650  1.00 36.13 ? 98  ARG A NH1 1 
ATOM   756  N  NH2 . ARG A 1 100 ? 7.943   -5.741  -4.402  1.00 37.67 ? 98  ARG A NH2 1 
ATOM   757  N  N   . PHE A 1 101 ? 1.361   -5.355  0.715   1.00 31.49 ? 99  PHE A N   1 
ATOM   758  C  CA  . PHE A 1 101 ? 0.283   -5.983  1.472   1.00 34.17 ? 99  PHE A CA  1 
ATOM   759  C  C   . PHE A 1 101 ? -0.417  -7.108  0.728   1.00 36.43 ? 99  PHE A C   1 
ATOM   760  O  O   . PHE A 1 101 ? -0.414  -7.157  -0.505  1.00 39.23 ? 99  PHE A O   1 
ATOM   761  C  CB  . PHE A 1 101 ? -0.726  -4.924  1.899   1.00 33.06 ? 99  PHE A CB  1 
ATOM   762  C  CG  . PHE A 1 101 ? -0.167  -3.936  2.882   1.00 34.46 ? 99  PHE A CG  1 
ATOM   763  C  CD1 . PHE A 1 101 ? 0.026   -4.297  4.215   1.00 34.15 ? 99  PHE A CD1 1 
ATOM   764  C  CD2 . PHE A 1 101 ? 0.219   -2.666  2.467   1.00 33.17 ? 99  PHE A CD2 1 
ATOM   765  C  CE1 . PHE A 1 101 ? 0.596   -3.407  5.120   1.00 34.20 ? 99  PHE A CE1 1 
ATOM   766  C  CE2 . PHE A 1 101 ? 0.794   -1.764  3.364   1.00 33.97 ? 99  PHE A CE2 1 
ATOM   767  C  CZ  . PHE A 1 101 ? 0.983   -2.137  4.695   1.00 34.04 ? 99  PHE A CZ  1 
ATOM   768  N  N   . ASP A 1 102 ? -1.019  -8.010  1.491   1.00 37.23 ? 100 ASP A N   1 
ATOM   769  C  CA  . ASP A 1 102 ? -1.719  -9.171  0.939   1.00 38.13 ? 100 ASP A CA  1 
ATOM   770  C  C   . ASP A 1 102 ? -3.087  -8.813  0.366   1.00 38.13 ? 100 ASP A C   1 
ATOM   771  O  O   . ASP A 1 102 ? -3.955  -8.331  1.089   1.00 39.84 ? 100 ASP A O   1 
ATOM   772  C  CB  . ASP A 1 102 ? -1.895  -10.219 2.043   1.00 37.91 ? 100 ASP A CB  1 
ATOM   773  C  CG  . ASP A 1 102 ? -2.417  -11.532 1.523   1.00 38.19 ? 100 ASP A CG  1 
ATOM   774  O  OD1 . ASP A 1 102 ? -1.584  -12.388 1.155   1.00 37.59 ? 100 ASP A OD1 1 
ATOM   775  O  OD2 . ASP A 1 102 ? -3.656  -11.706 1.474   1.00 37.73 ? 100 ASP A OD2 1 
ATOM   776  N  N   . LYS A 1 103 ? -3.288  -9.059  -0.924  1.00 39.20 ? 101 LYS A N   1 
ATOM   777  C  CA  . LYS A 1 103 ? -4.573  -8.765  -1.555  1.00 40.22 ? 101 LYS A CA  1 
ATOM   778  C  C   . LYS A 1 103 ? -5.720  -9.536  -0.909  1.00 41.38 ? 101 LYS A C   1 
ATOM   779  O  O   . LYS A 1 103 ? -6.764  -8.969  -0.602  1.00 41.22 ? 101 LYS A O   1 
ATOM   780  C  CB  . LYS A 1 103 ? -4.529  -9.093  -3.051  1.00 39.74 ? 101 LYS A CB  1 
ATOM   781  C  CG  . LYS A 1 103 ? -3.895  -8.008  -3.882  1.00 42.15 ? 101 LYS A CG  1 
ATOM   782  C  CD  . LYS A 1 103 ? -4.114  -8.218  -5.378  1.00 42.14 ? 101 LYS A CD  1 
ATOM   783  C  CE  . LYS A 1 103 ? -3.269  -9.346  -5.923  1.00 41.55 ? 101 LYS A CE  1 
ATOM   784  N  NZ  . LYS A 1 103 ? -3.236  -9.282  -7.399  1.00 41.52 ? 101 LYS A NZ  1 
ATOM   785  N  N   . GLN A 1 104 ? -5.514  -10.834 -0.711  1.00 44.45 ? 102 GLN A N   1 
ATOM   786  C  CA  . GLN A 1 104 ? -6.511  -11.720 -0.109  1.00 45.62 ? 102 GLN A CA  1 
ATOM   787  C  C   . GLN A 1 104 ? -7.008  -11.182 1.230   1.00 44.25 ? 102 GLN A C   1 
ATOM   788  O  O   . GLN A 1 104 ? -8.205  -10.985 1.422   1.00 43.36 ? 102 GLN A O   1 
ATOM   789  C  CB  . GLN A 1 104 ? -5.915  -13.117 0.107   1.00 48.28 ? 102 GLN A CB  1 
ATOM   790  C  CG  . GLN A 1 104 ? -5.314  -13.793 -1.142  1.00 52.58 ? 102 GLN A CG  1 
ATOM   791  C  CD  . GLN A 1 104 ? -3.862  -13.391 -1.440  1.00 53.76 ? 102 GLN A CD  1 
ATOM   792  O  OE1 . GLN A 1 104 ? -3.125  -14.130 -2.099  1.00 54.14 ? 102 GLN A OE1 1 
ATOM   793  N  NE2 . GLN A 1 104 ? -3.454  -12.219 -0.967  1.00 53.69 ? 102 GLN A NE2 1 
ATOM   794  N  N   . TYR A 1 105 ? -6.075  -10.944 2.145   1.00 42.51 ? 103 TYR A N   1 
ATOM   795  C  CA  . TYR A 1 105 ? -6.399  -10.434 3.465   1.00 42.94 ? 103 TYR A CA  1 
ATOM   796  C  C   . TYR A 1 105 ? -7.156  -9.112  3.516   1.00 43.86 ? 103 TYR A C   1 
ATOM   797  O  O   . TYR A 1 105 ? -8.004  -8.915  4.391   1.00 43.51 ? 103 TYR A O   1 
ATOM   798  C  CB  . TYR A 1 105 ? -5.125  -10.297 4.289   1.00 44.17 ? 103 TYR A CB  1 
ATOM   799  C  CG  . TYR A 1 105 ? -4.704  -11.582 4.948   1.00 45.91 ? 103 TYR A CG  1 
ATOM   800  C  CD1 . TYR A 1 105 ? -5.446  -12.121 5.994   1.00 46.50 ? 103 TYR A CD1 1 
ATOM   801  C  CD2 . TYR A 1 105 ? -3.573  -12.266 4.522   1.00 46.43 ? 103 TYR A CD2 1 
ATOM   802  C  CE1 . TYR A 1 105 ? -5.071  -13.300 6.600   1.00 47.39 ? 103 TYR A CE1 1 
ATOM   803  C  CE2 . TYR A 1 105 ? -3.191  -13.447 5.118   1.00 47.76 ? 103 TYR A CE2 1 
ATOM   804  C  CZ  . TYR A 1 105 ? -3.942  -13.962 6.159   1.00 48.94 ? 103 TYR A CZ  1 
ATOM   805  O  OH  . TYR A 1 105 ? -3.550  -15.135 6.766   1.00 51.40 ? 103 TYR A OH  1 
ATOM   806  N  N   . LEU A 1 106 ? -6.856  -8.201  2.595   1.00 44.08 ? 104 LEU A N   1 
ATOM   807  C  CA  . LEU A 1 106 ? -7.525  -6.905  2.608   1.00 43.12 ? 104 LEU A CA  1 
ATOM   808  C  C   . LEU A 1 106 ? -8.955  -6.973  2.081   1.00 44.10 ? 104 LEU A C   1 
ATOM   809  O  O   . LEU A 1 106 ? -9.866  -6.401  2.671   1.00 43.74 ? 104 LEU A O   1 
ATOM   810  C  CB  . LEU A 1 106 ? -6.735  -5.878  1.796   1.00 40.94 ? 104 LEU A CB  1 
ATOM   811  C  CG  . LEU A 1 106 ? -7.098  -4.438  2.170   1.00 40.24 ? 104 LEU A CG  1 
ATOM   812  C  CD1 . LEU A 1 106 ? -6.264  -4.019  3.371   1.00 38.69 ? 104 LEU A CD1 1 
ATOM   813  C  CD2 . LEU A 1 106 ? -6.845  -3.496  1.009   1.00 38.18 ? 104 LEU A CD2 1 
ATOM   814  N  N   . ILE A 1 107 ? -9.156  -7.677  0.974   1.00 45.34 ? 105 ILE A N   1 
ATOM   815  C  CA  . ILE A 1 107 ? -10.488 -7.783  0.395   1.00 48.60 ? 105 ILE A CA  1 
ATOM   816  C  C   . ILE A 1 107 ? -11.390 -8.773  1.132   1.00 49.34 ? 105 ILE A C   1 
ATOM   817  O  O   . ILE A 1 107 ? -12.618 -8.666  1.084   1.00 49.31 ? 105 ILE A O   1 
ATOM   818  C  CB  . ILE A 1 107 ? -10.413 -8.177  -1.100  1.00 49.82 ? 105 ILE A CB  1 
ATOM   819  C  CG1 . ILE A 1 107 ? -9.387  -9.289  -1.294  1.00 50.80 ? 105 ILE A CG1 1 
ATOM   820  C  CG2 . ILE A 1 107 ? -10.050 -6.965  -1.937  1.00 51.80 ? 105 ILE A CG2 1 
ATOM   821  C  CD1 . ILE A 1 107 ? -9.141  -9.662  -2.732  1.00 51.44 ? 105 ILE A CD1 1 
ATOM   822  N  N   . ALA A 1 108 ? -10.781 -9.729  1.822   1.00 49.64 ? 106 ALA A N   1 
ATOM   823  C  CA  . ALA A 1 108 ? -11.551 -10.723 2.546   1.00 49.43 ? 106 ALA A CA  1 
ATOM   824  C  C   . ALA A 1 108 ? -11.739 -10.402 4.025   1.00 50.45 ? 106 ALA A C   1 
ATOM   825  O  O   . ALA A 1 108 ? -12.730 -10.824 4.621   1.00 52.01 ? 106 ALA A O   1 
ATOM   826  C  CB  . ALA A 1 108 ? -10.913 -12.083 2.384   1.00 47.97 ? 106 ALA A CB  1 
ATOM   827  N  N   . GLU A 1 109 ? -10.813 -9.649  4.620   1.00 51.32 ? 107 GLU A N   1 
ATOM   828  C  CA  . GLU A 1 109 ? -10.919 -9.310  6.041   1.00 51.77 ? 107 GLU A CA  1 
ATOM   829  C  C   . GLU A 1 109 ? -10.507 -7.892  6.404   1.00 51.86 ? 107 GLU A C   1 
ATOM   830  O  O   . GLU A 1 109 ? -10.260 -7.610  7.571   1.00 52.95 ? 107 GLU A O   1 
ATOM   831  C  CB  . GLU A 1 109 ? -10.081 -10.279 6.877   1.00 52.87 ? 107 GLU A CB  1 
ATOM   832  C  CG  . GLU A 1 109 ? -10.536 -11.722 6.791   1.00 55.04 ? 107 GLU A CG  1 
ATOM   833  C  CD  . GLU A 1 109 ? -9.545  -12.681 7.411   1.00 57.57 ? 107 GLU A CD  1 
ATOM   834  O  OE1 . GLU A 1 109 ? -9.288  -12.572 8.633   1.00 58.95 ? 107 GLU A OE1 1 
ATOM   835  O  OE2 . GLU A 1 109 ? -9.025  -13.542 6.668   1.00 58.81 ? 107 GLU A OE2 1 
ATOM   836  N  N   . HIS A 1 110 ? -10.431 -7.000  5.424   1.00 51.87 ? 108 HIS A N   1 
ATOM   837  C  CA  . HIS A 1 110 ? -10.029 -5.621  5.692   1.00 51.60 ? 108 HIS A CA  1 
ATOM   838  C  C   . HIS A 1 110 ? -8.826  -5.613  6.626   1.00 49.56 ? 108 HIS A C   1 
ATOM   839  O  O   . HIS A 1 110 ? -8.797  -4.865  7.598   1.00 49.19 ? 108 HIS A O   1 
ATOM   840  C  CB  . HIS A 1 110 ? -11.172 -4.839  6.345   1.00 54.73 ? 108 HIS A CB  1 
ATOM   841  C  CG  . HIS A 1 110 ? -12.351 -4.625  5.449   1.00 59.36 ? 108 HIS A CG  1 
ATOM   842  N  ND1 . HIS A 1 110 ? -12.971 -5.655  4.772   1.00 61.50 ? 108 HIS A ND1 1 
ATOM   843  C  CD2 . HIS A 1 110 ? -13.039 -3.502  5.133   1.00 61.20 ? 108 HIS A CD2 1 
ATOM   844  C  CE1 . HIS A 1 110 ? -13.989 -5.176  4.080   1.00 61.64 ? 108 HIS A CE1 1 
ATOM   845  N  NE2 . HIS A 1 110 ? -14.052 -3.871  4.282   1.00 61.86 ? 108 HIS A NE2 1 
ATOM   846  N  N   . ARG A 1 111 ? -7.831  -6.441  6.331   1.00 48.39 ? 109 ARG A N   1 
ATOM   847  C  CA  . ARG A 1 111 ? -6.660  -6.507  7.192   1.00 47.08 ? 109 ARG A CA  1 
ATOM   848  C  C   . ARG A 1 111 ? -5.339  -6.414  6.442   1.00 44.85 ? 109 ARG A C   1 
ATOM   849  O  O   . ARG A 1 111 ? -5.100  -7.140  5.475   1.00 45.26 ? 109 ARG A O   1 
ATOM   850  C  CB  . ARG A 1 111 ? -6.705  -7.795  8.012   1.00 50.11 ? 109 ARG A CB  1 
ATOM   851  C  CG  . ARG A 1 111 ? -5.872  -7.749  9.277   1.00 54.60 ? 109 ARG A CG  1 
ATOM   852  C  CD  . ARG A 1 111 ? -6.475  -8.658  10.329  1.00 57.53 ? 109 ARG A CD  1 
ATOM   853  N  NE  . ARG A 1 111 ? -6.442  -10.055 9.921   1.00 60.01 ? 109 ARG A NE  1 
ATOM   854  C  CZ  . ARG A 1 111 ? -5.365  -10.826 10.009  1.00 62.28 ? 109 ARG A CZ  1 
ATOM   855  N  NH1 . ARG A 1 111 ? -4.228  -10.334 10.496  1.00 61.25 ? 109 ARG A NH1 1 
ATOM   856  N  NH2 . ARG A 1 111 ? -5.422  -12.089 9.603   1.00 63.97 ? 109 ARG A NH2 1 
ATOM   857  N  N   . LEU A 1 112 ? -4.485  -5.506  6.900   1.00 40.74 ? 110 LEU A N   1 
ATOM   858  C  CA  . LEU A 1 112 ? -3.185  -5.292  6.293   1.00 38.70 ? 110 LEU A CA  1 
ATOM   859  C  C   . LEU A 1 112 ? -2.178  -6.305  6.798   1.00 37.51 ? 110 LEU A C   1 
ATOM   860  O  O   . LEU A 1 112 ? -1.722  -6.223  7.927   1.00 39.02 ? 110 LEU A O   1 
ATOM   861  C  CB  . LEU A 1 112 ? -2.685  -3.889  6.613   1.00 38.94 ? 110 LEU A CB  1 
ATOM   862  C  CG  . LEU A 1 112 ? -3.360  -2.734  5.890   1.00 39.46 ? 110 LEU A CG  1 
ATOM   863  C  CD1 . LEU A 1 112 ? -2.911  -1.405  6.503   1.00 38.65 ? 110 LEU A CD1 1 
ATOM   864  C  CD2 . LEU A 1 112 ? -3.007  -2.812  4.409   1.00 39.28 ? 110 LEU A CD2 1 
ATOM   865  N  N   . VAL A 1 113 ? -1.829  -7.260  5.953   1.00 36.56 ? 111 VAL A N   1 
ATOM   866  C  CA  . VAL A 1 113 ? -0.866  -8.286  6.321   1.00 33.67 ? 111 VAL A CA  1 
ATOM   867  C  C   . VAL A 1 113 ? 0.255   -8.300  5.296   1.00 32.98 ? 111 VAL A C   1 
ATOM   868  O  O   . VAL A 1 113 ? 0.028   -8.595  4.126   1.00 31.49 ? 111 VAL A O   1 
ATOM   869  C  CB  . VAL A 1 113 ? -1.536  -9.676  6.365   1.00 32.75 ? 111 VAL A CB  1 
ATOM   870  C  CG1 . VAL A 1 113 ? -0.489  -10.755 6.506   1.00 32.04 ? 111 VAL A CG1 1 
ATOM   871  C  CG2 . VAL A 1 113 ? -2.517  -9.737  7.513   1.00 30.35 ? 111 VAL A CG2 1 
ATOM   872  N  N   . LEU A 1 114 ? 1.462   -7.964  5.732   1.00 33.63 ? 112 LEU A N   1 
ATOM   873  C  CA  . LEU A 1 114 ? 2.600   -7.954  4.828   1.00 34.65 ? 112 LEU A CA  1 
ATOM   874  C  C   . LEU A 1 114 ? 2.686   -9.268  4.058   1.00 36.48 ? 112 LEU A C   1 
ATOM   875  O  O   . LEU A 1 114 ? 2.334   -10.330 4.573   1.00 37.35 ? 112 LEU A O   1 
ATOM   876  C  CB  . LEU A 1 114 ? 3.884   -7.722  5.617   1.00 34.85 ? 112 LEU A CB  1 
ATOM   877  C  CG  . LEU A 1 114 ? 4.500   -6.317  5.570   1.00 36.82 ? 112 LEU A CG  1 
ATOM   878  C  CD1 . LEU A 1 114 ? 3.440   -5.258  5.748   1.00 36.74 ? 112 LEU A CD1 1 
ATOM   879  C  CD2 . LEU A 1 114 ? 5.570   -6.206  6.666   1.00 39.14 ? 112 LEU A CD2 1 
ATOM   880  N  N   . LYS A 1 115 ? 3.138   -9.192  2.814   1.00 39.02 ? 113 LYS A N   1 
ATOM   881  C  CA  . LYS A 1 115 ? 3.279   -10.372 1.966   1.00 38.85 ? 113 LYS A CA  1 
ATOM   882  C  C   . LYS A 1 115 ? 4.533   -10.166 1.138   1.00 39.29 ? 113 LYS A C   1 
ATOM   883  O  O   . LYS A 1 115 ? 5.072   -9.063  1.084   1.00 39.97 ? 113 LYS A O   1 
ATOM   884  C  CB  . LYS A 1 115 ? 2.055   -10.519 1.054   1.00 41.07 ? 113 LYS A CB  1 
ATOM   885  C  CG  . LYS A 1 115 ? 2.050   -11.750 0.152   1.00 42.86 ? 113 LYS A CG  1 
ATOM   886  C  CD  . LYS A 1 115 ? 0.769   -11.793 -0.685  1.00 44.78 ? 113 LYS A CD  1 
ATOM   887  C  CE  . LYS A 1 115 ? 0.601   -13.106 -1.456  1.00 45.94 ? 113 LYS A CE  1 
ATOM   888  N  NZ  . LYS A 1 115 ? 1.616   -13.291 -2.532  1.00 47.42 ? 113 LYS A NZ  1 
ATOM   889  N  N   . GLU A 1 116 ? 5.008   -11.223 0.499   1.00 40.97 ? 114 GLU A N   1 
ATOM   890  C  CA  . GLU A 1 116 ? 6.202   -11.100 -0.315  1.00 42.59 ? 114 GLU A CA  1 
ATOM   891  C  C   . GLU A 1 116 ? 5.905   -11.141 -1.810  1.00 41.78 ? 114 GLU A C   1 
ATOM   892  O  O   . GLU A 1 116 ? 4.941   -11.758 -2.252  1.00 40.93 ? 114 GLU A O   1 
ATOM   893  C  CB  . GLU A 1 116 ? 7.212   -12.186 0.063   1.00 46.00 ? 114 GLU A CB  1 
ATOM   894  C  CG  . GLU A 1 116 ? 8.091   -11.815 1.261   1.00 52.52 ? 114 GLU A CG  1 
ATOM   895  C  CD  . GLU A 1 116 ? 8.957   -10.569 1.006   1.00 58.00 ? 114 GLU A CD  1 
ATOM   896  O  OE1 . GLU A 1 116 ? 9.731   -10.182 1.917   1.00 58.39 ? 114 GLU A OE1 1 
ATOM   897  O  OE2 . GLU A 1 116 ? 8.866   -9.978  -0.103  1.00 60.13 ? 114 GLU A OE2 1 
ATOM   898  N  N   . GLY A 1 117 ? 6.734   -10.463 -2.589  1.00 40.52 ? 115 GLY A N   1 
ATOM   899  C  CA  . GLY A 1 117 ? 6.520   -10.463 -4.018  1.00 41.68 ? 115 GLY A CA  1 
ATOM   900  C  C   . GLY A 1 117 ? 5.853   -9.208  -4.540  1.00 41.51 ? 115 GLY A C   1 
ATOM   901  O  O   . GLY A 1 117 ? 5.664   -8.233  -3.805  1.00 40.44 ? 115 GLY A O   1 
ATOM   902  N  N   . ASP A 1 118 ? 5.493   -9.239  -5.821  1.00 40.15 ? 116 ASP A N   1 
ATOM   903  C  CA  . ASP A 1 118 ? 4.854   -8.101  -6.453  1.00 39.30 ? 116 ASP A CA  1 
ATOM   904  C  C   . ASP A 1 118 ? 3.361   -8.286  -6.690  1.00 39.17 ? 116 ASP A C   1 
ATOM   905  O  O   . ASP A 1 118 ? 2.665   -7.332  -7.045  1.00 40.15 ? 116 ASP A O   1 
ATOM   906  C  CB  . ASP A 1 118 ? 5.572   -7.779  -7.751  1.00 38.38 ? 116 ASP A CB  1 
ATOM   907  C  CG  . ASP A 1 118 ? 6.990   -7.337  -7.515  1.00 39.30 ? 116 ASP A CG  1 
ATOM   908  O  OD1 . ASP A 1 118 ? 7.177   -6.321  -6.816  1.00 38.61 ? 116 ASP A OD1 1 
ATOM   909  O  OD2 . ASP A 1 118 ? 7.918   -8.003  -8.020  1.00 41.81 ? 116 ASP A OD2 1 
ATOM   910  N  N   . ASP A 1 119 ? 2.876   -9.509  -6.489  1.00 38.34 ? 117 ASP A N   1 
ATOM   911  C  CA  . ASP A 1 119 ? 1.456   -9.799  -6.648  1.00 36.89 ? 117 ASP A CA  1 
ATOM   912  C  C   . ASP A 1 119 ? 0.800   -9.471  -5.307  1.00 35.30 ? 117 ASP A C   1 
ATOM   913  O  O   . ASP A 1 119 ? 0.290   -10.348 -4.594  1.00 34.74 ? 117 ASP A O   1 
ATOM   914  C  CB  . ASP A 1 119 ? 1.253   -11.271 -7.000  1.00 39.08 ? 117 ASP A CB  1 
ATOM   915  C  CG  . ASP A 1 119 ? -0.206  -11.635 -7.176  1.00 41.02 ? 117 ASP A CG  1 
ATOM   916  O  OD1 . ASP A 1 119 ? -0.897  -10.975 -7.974  1.00 42.35 ? 117 ASP A OD1 1 
ATOM   917  O  OD2 . ASP A 1 119 ? -0.661  -12.587 -6.516  1.00 43.77 ? 117 ASP A OD2 1 
ATOM   918  N  N   . VAL A 1 120 ? 0.826   -8.179  -4.984  1.00 32.75 ? 118 VAL A N   1 
ATOM   919  C  CA  . VAL A 1 120 ? 0.289   -7.648  -3.736  1.00 29.01 ? 118 VAL A CA  1 
ATOM   920  C  C   . VAL A 1 120 ? -0.231  -6.233  -3.957  1.00 26.63 ? 118 VAL A C   1 
ATOM   921  O  O   . VAL A 1 120 ? -0.111  -5.693  -5.041  1.00 26.05 ? 118 VAL A O   1 
ATOM   922  C  CB  . VAL A 1 120 ? 1.412   -7.549  -2.688  1.00 29.23 ? 118 VAL A CB  1 
ATOM   923  C  CG1 . VAL A 1 120 ? 1.964   -8.923  -2.372  1.00 27.03 ? 118 VAL A CG1 1 
ATOM   924  C  CG2 . VAL A 1 120 ? 2.528   -6.640  -3.231  1.00 24.53 ? 118 VAL A CG2 1 
ATOM   925  N  N   . ILE A 1 121 ? -0.813  -5.642  -2.922  1.00 27.19 ? 119 ILE A N   1 
ATOM   926  C  CA  . ILE A 1 121 ? -1.261  -4.253  -2.998  1.00 27.36 ? 119 ILE A CA  1 
ATOM   927  C  C   . ILE A 1 121 ? -0.034  -3.520  -2.480  1.00 26.72 ? 119 ILE A C   1 
ATOM   928  O  O   . ILE A 1 121 ? 0.241   -3.527  -1.285  1.00 26.82 ? 119 ILE A O   1 
ATOM   929  C  CB  . ILE A 1 121 ? -2.434  -3.953  -2.053  1.00 27.76 ? 119 ILE A CB  1 
ATOM   930  C  CG1 . ILE A 1 121 ? -3.693  -4.678  -2.537  1.00 27.75 ? 119 ILE A CG1 1 
ATOM   931  C  CG2 . ILE A 1 121 ? -2.668  -2.448  -1.994  1.00 28.25 ? 119 ILE A CG2 1 
ATOM   932  C  CD1 . ILE A 1 121 ? -4.860  -4.578  -1.575  1.00 27.78 ? 119 ILE A CD1 1 
ATOM   933  N  N   . LYS A 1 122 ? 0.707   -2.895  -3.380  1.00 25.81 ? 120 LYS A N   1 
ATOM   934  C  CA  . LYS A 1 122 ? 1.939   -2.224  -3.005  1.00 26.03 ? 120 LYS A CA  1 
ATOM   935  C  C   . LYS A 1 122 ? 1.797   -0.758  -2.593  1.00 27.12 ? 120 LYS A C   1 
ATOM   936  O  O   . LYS A 1 122 ? 1.231   0.058   -3.323  1.00 28.12 ? 120 LYS A O   1 
ATOM   937  C  CB  . LYS A 1 122 ? 2.928   -2.350  -4.162  1.00 25.00 ? 120 LYS A CB  1 
ATOM   938  C  CG  . LYS A 1 122 ? 4.364   -2.130  -3.781  1.00 26.86 ? 120 LYS A CG  1 
ATOM   939  C  CD  . LYS A 1 122 ? 5.260   -2.288  -4.984  1.00 29.88 ? 120 LYS A CD  1 
ATOM   940  C  CE  . LYS A 1 122 ? 5.217   -3.704  -5.517  1.00 33.37 ? 120 LYS A CE  1 
ATOM   941  N  NZ  . LYS A 1 122 ? 5.915   -3.824  -6.828  1.00 35.77 ? 120 LYS A NZ  1 
ATOM   942  N  N   . CYS A 1 123 ? 2.317   -0.427  -1.416  1.00 25.55 ? 121 CYS A N   1 
ATOM   943  C  CA  . CYS A 1 123 ? 2.268   0.941   -0.928  1.00 25.67 ? 121 CYS A CA  1 
ATOM   944  C  C   . CYS A 1 123 ? 3.682   1.467   -0.782  1.00 26.78 ? 121 CYS A C   1 
ATOM   945  O  O   . CYS A 1 123 ? 4.428   1.024   0.076   1.00 27.83 ? 121 CYS A O   1 
ATOM   946  C  CB  . CYS A 1 123 ? 1.557   0.993   0.410   1.00 25.84 ? 121 CYS A CB  1 
ATOM   947  S  SG  . CYS A 1 123 ? -0.143  0.434   0.333   1.00 25.83 ? 121 CYS A SG  1 
ATOM   948  N  N   . ILE A 1 124 ? 4.044   2.422   -1.626  1.00 28.52 ? 122 ILE A N   1 
ATOM   949  C  CA  . ILE A 1 124 ? 5.380   3.001   -1.617  1.00 29.09 ? 122 ILE A CA  1 
ATOM   950  C  C   . ILE A 1 124 ? 5.385   4.409   -1.061  1.00 30.87 ? 122 ILE A C   1 
ATOM   951  O  O   . ILE A 1 124 ? 4.788   5.303   -1.647  1.00 30.50 ? 122 ILE A O   1 
ATOM   952  C  CB  . ILE A 1 124 ? 5.964   3.049   -3.042  1.00 29.13 ? 122 ILE A CB  1 
ATOM   953  C  CG1 . ILE A 1 124 ? 5.988   1.633   -3.631  1.00 29.47 ? 122 ILE A CG1 1 
ATOM   954  C  CG2 . ILE A 1 124 ? 7.366   3.667   -3.026  1.00 27.20 ? 122 ILE A CG2 1 
ATOM   955  C  CD1 . ILE A 1 124 ? 6.258   1.590   -5.104  1.00 28.34 ? 122 ILE A CD1 1 
ATOM   956  N  N   . ILE A 1 125 ? 6.075   4.597   0.062   1.00 33.03 ? 123 ILE A N   1 
ATOM   957  C  CA  . ILE A 1 125 ? 6.187   5.902   0.700   1.00 34.91 ? 123 ILE A CA  1 
ATOM   958  C  C   . ILE A 1 125 ? 7.570   6.506   0.454   1.00 37.53 ? 123 ILE A C   1 
ATOM   959  O  O   . ILE A 1 125 ? 8.581   5.810   0.506   1.00 36.85 ? 123 ILE A O   1 
ATOM   960  C  CB  . ILE A 1 125 ? 5.960   5.809   2.223   1.00 34.75 ? 123 ILE A CB  1 
ATOM   961  C  CG1 . ILE A 1 125 ? 4.518   5.395   2.522   1.00 35.40 ? 123 ILE A CG1 1 
ATOM   962  C  CG2 . ILE A 1 125 ? 6.242   7.147   2.873   1.00 35.54 ? 123 ILE A CG2 1 
ATOM   963  C  CD1 . ILE A 1 125 ? 4.232   3.965   2.218   1.00 35.91 ? 123 ILE A CD1 1 
ATOM   964  N  N   . SER A 1 126 ? 7.609   7.805   0.183   1.00 40.92 ? 124 SER A N   1 
ATOM   965  C  CA  . SER A 1 126 ? 8.872   8.482   -0.061  1.00 44.50 ? 124 SER A CA  1 
ATOM   966  C  C   . SER A 1 126 ? 9.144   9.474   1.063   1.00 47.02 ? 124 SER A C   1 
ATOM   967  O  O   . SER A 1 126 ? 8.320   10.334  1.367   1.00 48.39 ? 124 SER A O   1 
ATOM   968  C  CB  . SER A 1 126 ? 8.820   9.210   -1.395  1.00 44.72 ? 124 SER A CB  1 
ATOM   969  O  OG  . SER A 1 126 ? 8.147   8.412   -2.349  1.00 47.84 ? 124 SER A OG  1 
ATOM   970  N  N   . PHE A 1 127 ? 10.304  9.334   1.691   1.00 49.43 ? 125 PHE A N   1 
ATOM   971  C  CA  . PHE A 1 127 ? 10.696  10.211  2.783   1.00 51.79 ? 125 PHE A CA  1 
ATOM   972  C  C   . PHE A 1 127 ? 11.838  11.076  2.290   1.00 53.08 ? 125 PHE A C   1 
ATOM   973  O  O   . PHE A 1 127 ? 12.476  10.763  1.288   1.00 51.58 ? 125 PHE A O   1 
ATOM   974  C  CB  . PHE A 1 127 ? 11.181  9.380   3.976   1.00 52.56 ? 125 PHE A CB  1 
ATOM   975  C  CG  . PHE A 1 127 ? 10.110  8.542   4.613   1.00 52.73 ? 125 PHE A CG  1 
ATOM   976  C  CD1 . PHE A 1 127 ? 9.238   9.093   5.545   1.00 52.74 ? 125 PHE A CD1 1 
ATOM   977  C  CD2 . PHE A 1 127 ? 9.963   7.204   4.273   1.00 53.28 ? 125 PHE A CD2 1 
ATOM   978  C  CE1 . PHE A 1 127 ? 8.231   8.322   6.129   1.00 53.34 ? 125 PHE A CE1 1 
ATOM   979  C  CE2 . PHE A 1 127 ? 8.956   6.422   4.852   1.00 53.15 ? 125 PHE A CE2 1 
ATOM   980  C  CZ  . PHE A 1 127 ? 8.090   6.984   5.782   1.00 52.02 ? 125 PHE A CZ  1 
ATOM   981  N  N   . ASN A 1 128 ? 12.087  12.176  2.982   1.00 55.09 ? 126 ASN A N   1 
ATOM   982  C  CA  . ASN A 1 128 ? 13.203  13.028  2.611   1.00 58.18 ? 126 ASN A CA  1 
ATOM   983  C  C   . ASN A 1 128 ? 13.974  13.245  3.900   1.00 60.30 ? 126 ASN A C   1 
ATOM   984  O  O   . ASN A 1 128 ? 14.389  14.362  4.215   1.00 61.10 ? 126 ASN A O   1 
ATOM   985  C  CB  . ASN A 1 128 ? 12.721  14.360  2.037   1.00 57.01 ? 126 ASN A CB  1 
ATOM   986  C  CG  . ASN A 1 128 ? 13.778  15.025  1.178   1.00 56.96 ? 126 ASN A CG  1 
ATOM   987  O  OD1 . ASN A 1 128 ? 14.374  14.380  0.313   1.00 57.16 ? 126 ASN A OD1 1 
ATOM   988  N  ND2 . ASN A 1 128 ? 14.017  16.310  1.406   1.00 56.42 ? 126 ASN A ND2 1 
ATOM   989  N  N   . THR A 1 129 ? 14.166  12.148  4.634   1.00 62.63 ? 127 THR A N   1 
ATOM   990  C  CA  . THR A 1 129 ? 14.850  12.181  5.920   1.00 64.25 ? 127 THR A CA  1 
ATOM   991  C  C   . THR A 1 129 ? 15.700  10.951  6.266   1.00 64.49 ? 127 THR A C   1 
ATOM   992  O  O   . THR A 1 129 ? 16.546  11.021  7.155   1.00 64.86 ? 127 THR A O   1 
ATOM   993  C  CB  . THR A 1 129 ? 13.826  12.404  7.049   1.00 64.62 ? 127 THR A CB  1 
ATOM   994  O  OG1 . THR A 1 129 ? 14.440  12.134  8.313   1.00 65.92 ? 127 THR A OG1 1 
ATOM   995  C  CG2 . THR A 1 129 ? 12.612  11.493  6.855   1.00 64.63 ? 127 THR A CG2 1 
ATOM   996  N  N   . SER A 1 130 ? 15.473  9.833   5.583   1.00 65.22 ? 128 SER A N   1 
ATOM   997  C  CA  . SER A 1 130 ? 16.238  8.602   5.828   1.00 65.90 ? 128 SER A CA  1 
ATOM   998  C  C   . SER A 1 130 ? 15.980  7.941   7.188   1.00 65.27 ? 128 SER A C   1 
ATOM   999  O  O   . SER A 1 130 ? 16.431  6.814   7.446   1.00 64.60 ? 128 SER A O   1 
ATOM   1000 C  CB  . SER A 1 130 ? 17.741  8.874   5.677   1.00 66.39 ? 128 SER A CB  1 
ATOM   1001 O  OG  . SER A 1 130 ? 18.065  9.218   4.336   1.00 69.05 ? 128 SER A OG  1 
ATOM   1002 N  N   . ASN A 1 133 ? 17.214  7.226   9.964   1.00 67.16 ? 131 ASN A N   1 
ATOM   1003 C  CA  . ASN A 1 133 ? 16.244  8.095   10.629  1.00 67.46 ? 131 ASN A CA  1 
ATOM   1004 C  C   . ASN A 1 133 ? 14.877  7.440   10.639  1.00 67.02 ? 131 ASN A C   1 
ATOM   1005 O  O   . ASN A 1 133 ? 14.264  7.277   11.693  1.00 67.15 ? 131 ASN A O   1 
ATOM   1006 C  CB  . ASN A 1 133 ? 16.112  9.438   9.905   1.00 68.28 ? 131 ASN A CB  1 
ATOM   1007 C  CG  . ASN A 1 133 ? 17.443  10.095  9.638   1.00 69.51 ? 131 ASN A CG  1 
ATOM   1008 O  OD1 . ASN A 1 133 ? 18.188  9.687   8.741   1.00 69.95 ? 131 ASN A OD1 1 
ATOM   1009 N  ND2 . ASN A 1 133 ? 17.758  11.120  10.420  1.00 70.68 ? 131 ASN A ND2 1 
ATOM   1010 N  N   . ILE A 1 134 ? 14.414  7.082   9.444   1.00 66.24 ? 132 ILE A N   1 
ATOM   1011 C  CA  . ILE A 1 134 ? 13.114  6.450   9.229   1.00 65.70 ? 132 ILE A CA  1 
ATOM   1012 C  C   . ILE A 1 134 ? 12.632  5.540   10.360  1.00 64.93 ? 132 ILE A C   1 
ATOM   1013 O  O   . ILE A 1 134 ? 11.514  5.692   10.859  1.00 63.69 ? 132 ILE A O   1 
ATOM   1014 C  CB  . ILE A 1 134 ? 13.142  5.670   7.908   1.00 65.93 ? 132 ILE A CB  1 
ATOM   1015 N  N   . LYS A 1 135 ? 13.481  4.597   10.758  1.00 64.81 ? 133 LYS A N   1 
ATOM   1016 C  CA  . LYS A 1 135 ? 13.161  3.646   11.822  1.00 64.99 ? 133 LYS A CA  1 
ATOM   1017 C  C   . LYS A 1 135 ? 12.551  4.294   13.078  1.00 65.14 ? 133 LYS A C   1 
ATOM   1018 O  O   . LYS A 1 135 ? 11.360  4.142   13.362  1.00 64.98 ? 133 LYS A O   1 
ATOM   1019 C  CB  . LYS A 1 135 ? 14.421  2.853   12.192  1.00 63.71 ? 133 LYS A CB  1 
ATOM   1020 N  N   . GLU A 1 136 ? 13.383  5.019   13.818  1.00 64.31 ? 134 GLU A N   1 
ATOM   1021 C  CA  . GLU A 1 136 ? 12.971  5.688   15.047  1.00 64.07 ? 134 GLU A CA  1 
ATOM   1022 C  C   . GLU A 1 136 ? 11.496  6.098   15.151  1.00 63.91 ? 134 GLU A C   1 
ATOM   1023 O  O   . GLU A 1 136 ? 10.892  5.992   16.221  1.00 64.90 ? 134 GLU A O   1 
ATOM   1024 C  CB  . GLU A 1 136 ? 13.863  6.910   15.283  1.00 63.98 ? 134 GLU A CB  1 
ATOM   1025 N  N   . GLU A 1 137 ? 10.908  6.557   14.053  1.00 62.93 ? 135 GLU A N   1 
ATOM   1026 C  CA  . GLU A 1 137 ? 9.520   7.002   14.101  1.00 62.49 ? 135 GLU A CA  1 
ATOM   1027 C  C   . GLU A 1 137 ? 8.514   5.868   14.248  1.00 61.66 ? 135 GLU A C   1 
ATOM   1028 O  O   . GLU A 1 137 ? 7.592   5.958   15.059  1.00 61.12 ? 135 GLU A O   1 
ATOM   1029 C  CB  . GLU A 1 137 ? 9.190   7.848   12.866  1.00 63.78 ? 135 GLU A CB  1 
ATOM   1030 C  CG  . GLU A 1 137 ? 10.005  9.143   12.737  1.00 64.51 ? 135 GLU A CG  1 
ATOM   1031 C  CD  . GLU A 1 137 ? 11.507  8.902   12.594  1.00 65.02 ? 135 GLU A CD  1 
ATOM   1032 O  OE1 . GLU A 1 137 ? 11.903  8.031   11.788  1.00 64.30 ? 135 GLU A OE1 1 
ATOM   1033 O  OE2 . GLU A 1 137 ? 12.294  9.594   13.279  1.00 66.24 ? 135 GLU A OE2 1 
ATOM   1034 N  N   . ILE A 1 138 ? 8.673   4.807   13.465  1.00 61.37 ? 136 ILE A N   1 
ATOM   1035 C  CA  . ILE A 1 138 ? 7.749   3.677   13.569  1.00 62.21 ? 136 ILE A CA  1 
ATOM   1036 C  C   . ILE A 1 138 ? 8.029   2.998   14.902  1.00 62.10 ? 136 ILE A C   1 
ATOM   1037 O  O   . ILE A 1 138 ? 7.126   2.458   15.543  1.00 61.84 ? 136 ILE A O   1 
ATOM   1038 C  CB  . ILE A 1 138 ? 7.940   2.645   12.423  1.00 62.39 ? 136 ILE A CB  1 
ATOM   1039 C  CG1 . ILE A 1 138 ? 9.360   2.080   12.449  1.00 63.81 ? 136 ILE A CG1 1 
ATOM   1040 C  CG2 . ILE A 1 138 ? 7.649   3.296   11.076  1.00 62.08 ? 136 ILE A CG2 1 
ATOM   1041 C  CD1 . ILE A 1 138 ? 9.669   1.129   11.310  1.00 63.50 ? 136 ILE A CD1 1 
ATOM   1042 N  N   . LYS A 1 139 ? 9.294   3.044   15.314  1.00 61.51 ? 137 LYS A N   1 
ATOM   1043 C  CA  . LYS A 1 139 ? 9.708   2.458   16.577  1.00 61.21 ? 137 LYS A CA  1 
ATOM   1044 C  C   . LYS A 1 139 ? 8.982   3.163   17.716  1.00 61.00 ? 137 LYS A C   1 
ATOM   1045 O  O   . LYS A 1 139 ? 8.354   2.518   18.552  1.00 60.42 ? 137 LYS A O   1 
ATOM   1046 C  CB  . LYS A 1 139 ? 11.221  2.592   16.753  1.00 60.95 ? 137 LYS A CB  1 
ATOM   1047 C  CG  . LYS A 1 139 ? 11.722  2.144   18.115  1.00 60.89 ? 137 LYS A CG  1 
ATOM   1048 C  CD  . LYS A 1 139 ? 13.047  1.416   18.010  1.00 61.23 ? 137 LYS A CD  1 
ATOM   1049 C  CE  . LYS A 1 139 ? 14.101  2.265   17.334  1.00 62.23 ? 137 LYS A CE  1 
ATOM   1050 N  NZ  . LYS A 1 139 ? 15.386  1.525   17.207  1.00 64.14 ? 137 LYS A NZ  1 
ATOM   1051 N  N   . LYS A 1 140 ? 9.065   4.489   17.741  1.00 60.51 ? 138 LYS A N   1 
ATOM   1052 C  CA  . LYS A 1 140 ? 8.390   5.257   18.773  1.00 60.92 ? 138 LYS A CA  1 
ATOM   1053 C  C   . LYS A 1 140 ? 6.905   4.925   18.736  1.00 62.00 ? 138 LYS A C   1 
ATOM   1054 O  O   . LYS A 1 140 ? 6.230   4.962   19.759  1.00 62.62 ? 138 LYS A O   1 
ATOM   1055 C  CB  . LYS A 1 140 ? 8.599   6.740   18.548  1.00 60.58 ? 138 LYS A CB  1 
ATOM   1056 N  N   . LEU A 1 141 ? 6.391   4.602   17.553  1.00 63.60 ? 139 LEU A N   1 
ATOM   1057 C  CA  . LEU A 1 141 ? 4.979   4.262   17.429  1.00 64.72 ? 139 LEU A CA  1 
ATOM   1058 C  C   . LEU A 1 141 ? 4.762   2.837   17.908  1.00 64.94 ? 139 LEU A C   1 
ATOM   1059 O  O   . LEU A 1 141 ? 3.850   2.569   18.689  1.00 65.18 ? 139 LEU A O   1 
ATOM   1060 C  CB  . LEU A 1 141 ? 4.504   4.388   15.984  1.00 65.84 ? 139 LEU A CB  1 
ATOM   1061 C  CG  . LEU A 1 141 ? 3.015   4.044   15.871  1.00 67.34 ? 139 LEU A CG  1 
ATOM   1062 C  CD1 . LEU A 1 141 ? 2.210   4.980   16.770  1.00 66.26 ? 139 LEU A CD1 1 
ATOM   1063 C  CD2 . LEU A 1 141 ? 2.563   4.153   14.428  1.00 67.36 ? 139 LEU A CD2 1 
ATOM   1064 N  N   . VAL A 1 142 ? 5.596   1.924   17.416  1.00 65.19 ? 140 VAL A N   1 
ATOM   1065 C  CA  . VAL A 1 142 ? 5.529   0.525   17.822  1.00 65.51 ? 140 VAL A CA  1 
ATOM   1066 C  C   . VAL A 1 142 ? 5.619   0.537   19.340  1.00 65.77 ? 140 VAL A C   1 
ATOM   1067 O  O   . VAL A 1 142 ? 4.796   -0.062  20.036  1.00 65.76 ? 140 VAL A O   1 
ATOM   1068 C  CB  . VAL A 1 142 ? 6.727   -0.282  17.260  1.00 65.66 ? 140 VAL A CB  1 
ATOM   1069 C  CG1 . VAL A 1 142 ? 6.906   -1.577  18.038  1.00 65.73 ? 140 VAL A CG1 1 
ATOM   1070 C  CG2 . VAL A 1 142 ? 6.502   -0.594  15.793  1.00 65.37 ? 140 VAL A CG2 1 
ATOM   1071 N  N   . ASN A 1 143 ? 6.632   1.247   19.832  1.00 66.31 ? 141 ASN A N   1 
ATOM   1072 C  CA  . ASN A 1 143 ? 6.887   1.390   21.257  1.00 66.23 ? 141 ASN A CA  1 
ATOM   1073 C  C   . ASN A 1 143 ? 5.683   2.021   21.945  1.00 65.82 ? 141 ASN A C   1 
ATOM   1074 O  O   . ASN A 1 143 ? 5.250   1.565   23.005  1.00 66.32 ? 141 ASN A O   1 
ATOM   1075 C  CB  . ASN A 1 143 ? 8.130   2.254   21.465  1.00 67.11 ? 141 ASN A CB  1 
ATOM   1076 C  CG  . ASN A 1 143 ? 8.429   2.504   22.923  1.00 69.27 ? 141 ASN A CG  1 
ATOM   1077 O  OD1 . ASN A 1 143 ? 8.138   3.580   23.451  1.00 71.16 ? 141 ASN A OD1 1 
ATOM   1078 N  ND2 . ASN A 1 143 ? 9.008   1.508   23.590  1.00 69.71 ? 141 ASN A ND2 1 
ATOM   1079 N  N   . SER A 1 144 ? 5.138   3.064   21.330  1.00 65.51 ? 142 SER A N   1 
ATOM   1080 C  CA  . SER A 1 144 ? 3.979   3.749   21.884  1.00 64.77 ? 142 SER A CA  1 
ATOM   1081 C  C   . SER A 1 144 ? 2.795   2.799   22.037  1.00 63.43 ? 142 SER A C   1 
ATOM   1082 O  O   . SER A 1 144 ? 2.258   2.630   23.129  1.00 61.94 ? 142 SER A O   1 
ATOM   1083 C  CB  . SER A 1 144 ? 3.582   4.916   20.984  1.00 65.69 ? 142 SER A CB  1 
ATOM   1084 O  OG  . SER A 1 144 ? 2.419   5.560   21.481  1.00 67.39 ? 142 SER A OG  1 
ATOM   1085 N  N   . ARG A 1 145 ? 2.390   2.185   20.935  1.00 63.37 ? 143 ARG A N   1 
ATOM   1086 C  CA  . ARG A 1 145 ? 1.272   1.261   20.968  1.00 64.77 ? 143 ARG A CA  1 
ATOM   1087 C  C   . ARG A 1 145 ? 1.355   0.311   22.148  1.00 65.60 ? 143 ARG A C   1 
ATOM   1088 O  O   . ARG A 1 145 ? 0.393   0.168   22.911  1.00 66.18 ? 143 ARG A O   1 
ATOM   1089 C  CB  . ARG A 1 145 ? 1.212   0.455   19.678  1.00 66.45 ? 143 ARG A CB  1 
ATOM   1090 C  CG  . ARG A 1 145 ? 0.646   1.221   18.506  1.00 67.67 ? 143 ARG A CG  1 
ATOM   1091 C  CD  . ARG A 1 145 ? 0.276   0.264   17.397  1.00 68.77 ? 143 ARG A CD  1 
ATOM   1092 N  NE  . ARG A 1 145 ? -0.593  0.885   16.406  1.00 69.01 ? 143 ARG A NE  1 
ATOM   1093 C  CZ  . ARG A 1 145 ? -1.209  0.212   15.442  1.00 69.25 ? 143 ARG A CZ  1 
ATOM   1094 N  NH1 . ARG A 1 145 ? -1.044  -1.102  15.343  1.00 68.62 ? 143 ARG A NH1 1 
ATOM   1095 N  NH2 . ARG A 1 145 ? -2.002  0.849   14.594  1.00 70.10 ? 143 ARG A NH2 1 
ATOM   1096 N  N   . ILE A 1 146 ? 2.509   -0.337  22.294  1.00 65.67 ? 144 ILE A N   1 
ATOM   1097 C  CA  . ILE A 1 146 ? 2.721   -1.283  23.384  1.00 65.80 ? 144 ILE A CA  1 
ATOM   1098 C  C   . ILE A 1 146 ? 2.471   -0.620  24.740  1.00 66.20 ? 144 ILE A C   1 
ATOM   1099 O  O   . ILE A 1 146 ? 1.634   -1.153  25.508  1.00 66.07 ? 144 ILE A O   1 
ATOM   1100 C  CB  . ILE A 1 146 ? 4.140   -1.846  23.319  1.00 65.13 ? 144 ILE A CB  1 
HETATM 1101 O  O   . HOH B 2 .   ? 6.708   -5.001  2.644   1.00 31.31 ? 158 HOH A O   1 
HETATM 1102 O  O   . HOH B 2 .   ? 2.631   -3.424  -8.093  1.00 39.34 ? 159 HOH A O   1 
HETATM 1103 O  O   . HOH B 2 .   ? -2.643  -3.485  -23.937 1.00 43.24 ? 160 HOH A O   1 
HETATM 1104 O  O   . HOH B 2 .   ? 6.185   -11.549 -7.203  1.00 46.32 ? 161 HOH A O   1 
HETATM 1105 O  O   . HOH B 2 .   ? 3.622   9.076   12.094  1.00 34.31 ? 162 HOH A O   1 
HETATM 1106 O  O   . HOH B 2 .   ? -9.429  -11.170 -21.259 1.00 47.55 ? 163 HOH A O   1 
HETATM 1107 O  O   . HOH B 2 .   ? -2.295  -4.898  20.148  1.00 45.69 ? 164 HOH A O   1 
HETATM 1108 O  O   . HOH B 2 .   ? -4.587  -11.702 -16.002 1.00 42.39 ? 165 HOH A O   1 
HETATM 1109 O  O   . HOH B 2 .   ? 6.305   -3.641  -9.670  1.00 40.84 ? 166 HOH A O   1 
HETATM 1110 O  O   . HOH B 2 .   ? -16.376 1.324   -1.859  1.00 43.68 ? 167 HOH A O   1 
HETATM 1111 O  O   . HOH B 2 .   ? 3.775   -11.753 -4.760  1.00 41.40 ? 168 HOH A O   1 
HETATM 1112 O  O   . HOH B 2 .   ? 0.455   -3.833  -23.747 1.00 44.14 ? 169 HOH A O   1 
HETATM 1113 O  O   . HOH B 2 .   ? -9.022  8.113   5.466   1.00 58.64 ? 170 HOH A O   1 
HETATM 1114 O  O   . HOH B 2 .   ? -5.117  16.633  -2.865  1.00 43.17 ? 171 HOH A O   1 
HETATM 1115 O  O   . HOH B 2 .   ? -14.454 3.047   -8.619  1.00 37.80 ? 172 HOH A O   1 
HETATM 1116 O  O   . HOH B 2 .   ? -12.490 7.966   -0.562  1.00 52.41 ? 173 HOH A O   1 
HETATM 1117 O  O   . HOH B 2 .   ? -2.331  2.634   -14.260 1.00 29.62 ? 174 HOH A O   1 
# 
